data_6SKO
#
_entry.id   6SKO
#
_cell.length_a   1.00
_cell.length_b   1.00
_cell.length_c   1.00
_cell.angle_alpha   90.00
_cell.angle_beta   90.00
_cell.angle_gamma   90.00
#
_symmetry.space_group_name_H-M   'P 1'
#
loop_
_entity.id
_entity.type
_entity.pdbx_description
1 polymer 'DNA replication licensing factor MCM6'
2 polymer 'DNA replication licensing factor MCM7'
3 polymer 'DNA replication licensing factor MCM2'
4 polymer 'Minichromosome maintenance protein 5'
5 polymer 'DNA replication licensing factor MCM3'
6 polymer 'DNA replication licensing factor MCM4'
7 polymer 'ssDNA, leading-strand template'
8 non-polymer 'PHOSPHOAMINOPHOSPHONIC ACID-ADENYLATE ESTER'
9 non-polymer 'MAGNESIUM ION'
#
loop_
_entity_poly.entity_id
_entity_poly.type
_entity_poly.pdbx_seq_one_letter_code
_entity_poly.pdbx_strand_id
1 'polypeptide(L)'
;MSSPFPADTPSSNRPSNSSPPPSSIGAGFGSSSGLDSQIGSRLHFPSSSQPHVSNSQTGPFVNDSTQFSSQRLQTDGSAT
NDMEGNEPARSFKSRALNHVKKVDDVTGEKVREAFEQFLEDFSVQSTDTGEVEKVYRAQIEFMKIYDLNTIYIDYQHLSM
RENGALAMAISEQYYRFLPFLQKGLRRVVRKYAPELLNTSDSLKRSEGDEGQADEDEQQDDDMNGSSLPRDSGSSAAPGN
GTSAMATRSITTSTSPEQTERVFQISFFNLPTVHRIRDIRSEKIGSLLSISGTVTRTSEVRPELYKASFTCDMCRAIVDN
VEQSFKYTEPTFCPNPSCENRAFWTLNVTRSRFLDWQKVRIQENANEIPTGSMPRTLDVILRGDSVERAKPGDRCKFTGV
EIVVPDVTQLGLPGVKPSSTLDTRGISKTTEGLNSGVTGLRSLGVRDLTYKISFLACHVISIGSNIGASSPDANSNNRET
ELQMAANLQANNVYQDNERDQEVFLNSLSSDEINELKEMVKDEHIYDKLVRSIAPAVFGHEAVKKGILLQMLGGVHKSTV
EGIKLRGDINICVVGDPSTSKSQFLKYVVGFAPRSVYTSGKASSAAGLTAAVVRDEEGGDYTIEAGALMLADNGICCIDE
FDKMDISDQVAIHEAMEQQTISIAKAGIHATLNARTSILAAANPVGGRYNRKLSLRGNLNMTAPIMSRFDLFFVILDDCN
EKIDTELASHIVDLHMKRDEAIEPPFSAEQLRRYIKYARTFKPILTKEARSYLVEKYKELRKDDAQGFSRSSYRITVRQL
ESMIRLSEAIARANCVDEITPSFIAEAYDLLRQSIIRVDVDDVEMDEEFDNIESQSHAASGNNDDNDDGTGSGVITSEPP
ADIEEGQSEATARPGTSEKKKTTVTYDKYVSMMNMIVRKIAEVDREGAEELTAVDIVDWYLLQKENDLGSLAEYWEERRL
AFKVIKRLVKDRILMEIHGTRHNLRDLENEENENNKTVYVIHPNCEVLDQLEPQDSS
;
6
2 'polypeptide(L)'
;MSAALPSIQLPVDYNNLFNEITDFLVTFKQDTLSSDATRNENEDENLDAENIEQHLLEKGPKYMAMLQKVANRELNSVII
DLDDILQYQNEKFLQGTQADDLVSAIQQNANHFTELFCRAIDNNMPLPTKEIDYKDDVLDVILNQRRLRNERMLSDRTNE
IRSENLMDTTMDPPSSMNDALREVVEDETELFPPNLTRRYFLYFKPLSQNCARRYRKKAISSKPLSVRQIKGDFLGQLIT
VRGIITRVSDVKPAVEVIAYTCDQCGYEVFQEVNSRTFTPLSECTSEECSQNQTKGQLFMSTRASKFSAFQECKIQELSQ
QVPVGHIPRSLNIHVNGTLVRSLSPGDIVDVTGIFLPAPYTGFKALKAGLLTETYLEAQFVRQHKKKFASFSLTSDVEER
VMELITSGDVYNRLAKSIAPEIYGNLDVKKALLLLLVGGVDKRVGDGMKIRGDINVCLMGDPGVAKSQLLKAICKISPRG
VYTTGKGSSGVGLTAAVMKDPVTDEMILEGGALVLADNGICCIDEFDKMDESDRTAIHEVMEQQTISISKAGINTTLNAR
TSILAAANPLYGRYNPRLSPLDNINLPAALLSRFDILFLMLDIPSRDDDEKLAEHVTYVHMHNKQPDLDFTPVEPSKMRE
YIAYAKTKRPVMSEAVNDYVVQAYIRLRQDSKREMDSKFSFGQATPRTLLGIIRLSQALAKLRLADMVDIDDVEEALRLV
RVSKESLYQETNKSKEDESPTTKIFTIIKKMLQETGKNTLSYENIVKTVRLRGFTMLQLSNCIQEYSYLNVWHLINEGNT
LKFVDDGTMDTDQEDSLVSTPKLAPQTTASANVSAQDSDIDLQDA
;
7
3 'polypeptide(L)'
;MSDNRRRRREEDDSDSENELPPSSPQQHFRGGMNPVSSPIGSPDMINPEGDDNEVDDVPDIDEVEEQMNEVDLMDDNMYE
DYAADHNRDRYDPDQVDDREQQELSLSERRRIDAQLNERDRLLRNVAYIDDEDEEQEGAAQLDEMGLPVQRRRRRRQYED
LENSDDDLLSDMDIDPLREELTLESLSNVKANSYSEWITQPNVSRTIARELKSFLLEYTDETGRSVYGARIRTLGEMNSE
SLEVNYRHLAESKAILALFLAKCPEEMLKIFDLVAMEATELHYPDYARIHSEIHVRISDFPTIYSLRELRESNLSSLVRV
TGVVTRRTGVFPQLKYVKFNCLKCGSILGPFFQDSNEEIRISFCTNCKSKGPFRVNGEKTVYRNYQRVTLQEAPGTVPPG
RLPRHREVILLADLVDVSKPGEEVEVTGIYKNNYDGNLNAKNGFPVFATIIEANSIKRREGNTANEGEEGLDVFSWTEEE
EREFRKISRDRGIIDKIISSMAPSIYGHRDIKTAVACSLFGGVPKNVNGKHSIRGDINVLLLGDPGTAKSQILKYVEKTA
HRAVFATGQGASAVGLTASVRKDPITKEWTLEGGALVLADKGVCLIDEFDKMNDQDRTSIHEAMEQQSISISKAGIVTTL
QARCSIIAAANPNGGRYNSTLPLAQNVSLTEPILSRFDILCVVRDLVDEEADERLATFVVDSHVRSHPENDEDREGEELK
NNGESAIEQGEDEINEQLNARQRRLQRQRKKEEEISPIPQELLMKYIHYARTKIYPKLHQMDMDKVSRVYADLRRESIST
GSFPITVRHLESILRIAESFAKMRLSEFVSSYDLDRAIKVVVDSFVDAQKVSVRRQLRRSFAIYTLGH
;
2
4 'polypeptide(L)'
;MSFDRPEIYSAPVLQGESPNDDDNTEIIKSFKNFILEFRLDSQFIYRDQLRNNILVKNYSLTVNMEHLIGYNEDIYKKLS
DEPSDIIPLFETAITQVAKRISILSRAQSANNNDKDPENTSMDTDSLLLNSLPTFQLILNSNANQIPLRDLDSEHVSKIV
RLSGIIISTSVLSSRATYLSIMCRNCRHTTSITINNFNSITGNTVSLPRSCLSTIESESSMANESNIGDESTKKNCGPDP
YIIIHESSKFIDQQFLKLQEIPELVPVGEMPRNLTMTCDRYLTNKVIPGTRVTIVGIYSIYNSKNGAGSGRSGGGNGGSG
VAIRTPYIKILGIQSDVETSSIWNSVTMFTEEEEEEFLQLSRNPKLYEILTNSIAPSIFGNEDIKKAIVCLLMGGSKKIL
PDGMRLRGDINVLLLGDPGTAKSQLLKFVEKVSPIAVYTSGKGSSAAGLTASVQRDPMTREFYLEGGAMVLADGGVVCID
EFDKMRDEDRVAIHEAMEQQTISIAKAGITTVLNSRTSVLAAANPIYGRYDDLKSPGDNIDFQTTILSRFDMIFIVKDDH
NEERDISIANHVINIHTGNANAMQNQQEENGSEISIEKMKRYITYCRLKCAPRLSPQAAEKLSSNFVTIRKQLLINELES
TERSSIPITIRQLEAIIRITESLAKLELSPIAQERHVDEAIRLFQASTMDAASQDPIGGLNQASGTSLSEIRRFEQELKR
RLPIGWSTSYQTLRREFVDTHRFSQLALDKALYALEKHETIQLRHQGQNIYRSGV
;
5
5 'polypeptide(L)'
;MEGSTGFDGDATTFFAPDAVFGDRVRRFQEFLDTFTSYRDSVRSIQVYNSNNAANYNDDQDDADERDLLGDDDGDDLEKE
KKAASSTSLNILPHRIIISLDDLREFDRSFWSGILVEPAYFIPPAEKALTDLADSMDDVPHPNASAVSSRHPWKLSFKGS
FGAHALSPRTLTAQHLNKLVSVEGIVTKTSLVRPKLIRSVHYAAKTGRFHYRDYTDATTTLTTRIPTPAIYPTEDTEGNK
LTTEYGYSTFIDHQRITVQEMPEMAPAGQLPRSIDVILDDDLVDKTKPGDRVNVVGVFKSLGAGGMNQSNSNTLIGFKTL
ILGNTVYPLHARSTGVAARQMLTDFDIRNINKLSKKKDIFDILSQSLAPSIYGHDHIKKAILLMLMGGVEKNLENGSHLR
GDINILMVGDPSTAKSQLLRFVLNTASLAIATTGRGSSGVGLTAAVTTDRETGERRLEAGAMVLADRGVVCIDEFDKMTD
VDRVAIHEVMEQQTVTIAKAGIHTTLNARCSVIAAANPVFGQYDVNRDPHQNIALPDSLLSRFDLLFVVTDDINEIRDRS
ISEHVLRTHRYLPPGYLEGEPVRERLNLSLAVGEDADINPEEHSNSGAGVENEGEDDEDHVFEKFNPLLQAGAKLAKNKG
NYNGTEIPKLVTIPFLRKYVQYAKERVIPQLTQEAINVIVKNYTDLRNDDNTKKSPITARTLETLIRLATAHAKVRLSKT
VNKVDAKVAANLLRFALLGEDIGNDIDEEESEYEEALSKRSPQKSPKKRQRVRQPASNSGSPIKSTPRRSTASSVNATPS
SARRILRFQDDEQNAGEDDNDIMSPLPADEEAELQRRLQLGLRVSPRRREHLHAPEEGSSGPLTEVGTPRLPNVSSAGQD
DEQQQSVISFDNVEPGTISTGRLSLISGIIARLMQTEIFEEESYPVASLFERINEELPEEEKFSAQEYLAGLKIMSDRNN
LMVADDKVWRV
;
3
6 'polypeptide(L)'
;MSQQSSSPTKEDNNSSSPVVPNPDSVPPQLSSPALFYSSSSSQGDIYGRNNSQNLSQGEGNIRAAIGSSPLNFPSSSQRQ
NSDVFQSQGRQGRIRSSASASGRSRYHSDLRSDRALPTSSSSLGRNGQNRVHMRRNDIHTSDLSSPRRIVDFDTRSGVNT
LDTSSSSAPPSEASEPLRIIWGTNVSIQECTTNFRNFLMSFKYKFRKILDEREEFINNTTDEELYYIKQLNEMRELGTSN
LNLDARNLLAYKQTEDLYHQLLNYPQEVISIMDQTIKDCMVSLIVDNNLDYDLDEIETKFYKVRPYNVGSCKGMRELNPN
DIDKLINLKGLVLRSTPVIPDMKVAFFKCNVCDHTMAVEIDRGVIQEPARCERIDCNEPNSMSLIHNRCSFADKQVIKLQ
ETPDFVPDGQTPHSISLCVYDELVDSCRAGDRIEVTGTFRSIPIRANSRQRVLKSLYKTYVDVVHVKKVSDKRLDVDTST
IEQELMQNKVDHNEVEEVRQITDQDLAKIREVAAREDLYSLLARSIAPSIYELEDVKKGILLQLFGGTNKTFTKGGRYRG
DINILLCGDPSTSKSQILQYVHKITPRGVYTSGKGSSAVGLTAYITRDVDTKQLVLESGALVLSDGGVCCIDEFDKMSDS
TRSVLHEVMEQQTISIAKAGIITTLNARSSILASANPIGSRYNPNLPVTENIDLPPPLLSRFDLVYLVLDKVDEKNDREL
AKHLTNLYLEDKPEHISQDDVLPVEFLTMYISYAKEHIHPIITEAAKTELVRAYVGMRKMGDDSRSDEKRITATTRQLES
MIRLAEAHAKMKLKNVVELEDVQEAVRLIRSAIKDYATDPKTGKIDMNLVQTGKSVIQRKLQEDLSREIMNVLKDQASDS
MSFNELIKQINEHSQDRVESSDIQEALSRLQQEDKVIVLGEGVRRSVRLNNRV
;
4
7 'polydeoxyribonucleotide'
;(DT)(DA)(DG)(DA)(DG)(DT)(DA)(DG)(DG)(DA)(DA)(DG)(DT)(DG)(DA)(DT)(DG)(DG)(DT)(DA)
(DA)(DG)(DT)(DG)(DA)(DT)(DT)(DA)(DG)(DA)(DG)(DA)(DA)(DT)(DT)(DG)(DG)(DA)(DG)(DA)
(DG)(DT)(DG)(DT)(DG)(DT)(DT)(DT)(DT)(DT)(DT)(DT)(DT)(DT)(DT)(DT)(DT)(DT)(DT)(DT)
(DT)(DT)(DT)(DT)(DT)(DT)(DT)(DT)(DT)(DT)(DT)(DT)(DT)(DT)(DT)(DT)(DT)(DT)(DT)(DT)
(DT)(DT)(DT)(DT)(DT)
;
I
#
# COMPACT_ATOMS: atom_id res chain seq x y z
N ASP A 500 -37.71 10.39 -36.51
CA ASP A 500 -38.89 11.21 -36.73
C ASP A 500 -40.18 10.37 -36.82
N GLN A 501 -41.27 10.93 -36.28
CA GLN A 501 -42.55 10.25 -36.11
C GLN A 501 -43.12 9.75 -37.44
N GLU A 502 -42.93 10.50 -38.51
CA GLU A 502 -43.44 10.13 -39.81
C GLU A 502 -42.76 8.86 -40.31
N VAL A 503 -41.45 8.72 -40.10
CA VAL A 503 -40.70 7.54 -40.56
C VAL A 503 -41.19 6.29 -39.85
N PHE A 504 -41.36 6.37 -38.53
CA PHE A 504 -41.95 5.30 -37.74
C PHE A 504 -43.39 4.97 -38.16
N LEU A 505 -44.26 5.96 -38.34
CA LEU A 505 -45.65 5.72 -38.73
C LEU A 505 -45.79 5.24 -40.18
N ASN A 506 -44.81 5.50 -41.04
CA ASN A 506 -44.71 4.83 -42.33
C ASN A 506 -44.20 3.37 -42.18
N SER A 507 -43.32 3.12 -41.20
CA SER A 507 -42.75 1.80 -40.91
C SER A 507 -43.79 0.81 -40.35
N LEU A 508 -44.68 1.22 -39.44
CA LEU A 508 -45.78 0.37 -38.98
C LEU A 508 -46.85 0.13 -40.06
N SER A 509 -47.50 -1.03 -39.99
CA SER A 509 -48.71 -1.36 -40.75
C SER A 509 -49.96 -0.77 -40.10
N SER A 510 -51.08 -0.75 -40.81
CA SER A 510 -52.38 -0.31 -40.26
C SER A 510 -52.82 -1.16 -39.05
N ASP A 511 -52.61 -2.47 -39.06
CA ASP A 511 -52.97 -3.37 -37.96
C ASP A 511 -52.02 -3.30 -36.75
N GLU A 512 -50.76 -2.96 -36.97
CA GLU A 512 -49.83 -2.60 -35.89
C GLU A 512 -50.24 -1.27 -35.26
N ILE A 513 -50.67 -0.29 -36.07
CA ILE A 513 -51.17 1.01 -35.60
C ILE A 513 -52.51 0.87 -34.88
N ASN A 514 -53.42 0.02 -35.34
CA ASN A 514 -54.73 -0.13 -34.72
C ASN A 514 -54.67 -0.67 -33.28
N GLU A 515 -53.61 -1.42 -32.92
CA GLU A 515 -53.35 -1.79 -31.53
C GLU A 515 -52.85 -0.59 -30.70
N LEU A 516 -51.89 0.15 -31.24
CA LEU A 516 -51.31 1.34 -30.62
C LEU A 516 -52.35 2.45 -30.43
N LYS A 517 -53.24 2.64 -31.40
CA LYS A 517 -54.34 3.60 -31.43
C LYS A 517 -55.16 3.58 -30.14
N GLU A 518 -55.52 2.40 -29.65
CA GLU A 518 -56.31 2.29 -28.43
C GLU A 518 -55.53 2.62 -27.16
N MET A 519 -54.26 2.22 -27.04
CA MET A 519 -53.49 2.58 -25.85
C MET A 519 -53.04 4.05 -25.87
N VAL A 520 -52.95 4.69 -27.02
CA VAL A 520 -52.86 6.15 -27.11
C VAL A 520 -54.18 6.81 -26.71
N LYS A 521 -55.32 6.18 -26.98
CA LYS A 521 -56.65 6.70 -26.65
C LYS A 521 -56.94 6.67 -25.14
N ASP A 522 -56.53 5.61 -24.47
CA ASP A 522 -56.79 5.36 -23.04
C ASP A 522 -56.28 6.49 -22.11
N GLU A 523 -57.01 6.77 -21.03
CA GLU A 523 -56.71 7.85 -20.09
C GLU A 523 -55.69 7.44 -19.03
N HIS A 524 -55.83 6.26 -18.45
CA HIS A 524 -55.00 5.77 -17.33
C HIS A 524 -53.58 5.38 -17.75
N ILE A 525 -53.20 5.70 -18.98
CA ILE A 525 -52.10 5.10 -19.71
C ILE A 525 -50.77 5.22 -18.98
N TYR A 526 -50.49 6.37 -18.41
CA TYR A 526 -49.25 6.59 -17.68
C TYR A 526 -49.16 5.74 -16.41
N ASP A 527 -50.26 5.51 -15.71
CA ASP A 527 -50.26 4.62 -14.55
C ASP A 527 -50.23 3.14 -14.95
N LYS A 528 -50.72 2.80 -16.14
CA LYS A 528 -50.59 1.46 -16.71
C LYS A 528 -49.18 1.18 -17.17
N LEU A 529 -48.52 2.13 -17.83
CA LEU A 529 -47.14 1.99 -18.25
C LEU A 529 -46.28 1.75 -17.02
N VAL A 530 -46.39 2.54 -15.97
CA VAL A 530 -45.59 2.28 -14.76
C VAL A 530 -45.88 0.93 -14.15
N ARG A 531 -47.12 0.48 -14.13
CA ARG A 531 -47.44 -0.85 -13.60
C ARG A 531 -46.84 -1.99 -14.42
N SER A 532 -46.49 -1.71 -15.67
CA SER A 532 -46.09 -2.71 -16.64
C SER A 532 -44.59 -3.01 -16.69
N ILE A 533 -43.74 -2.12 -16.19
CA ILE A 533 -42.28 -2.31 -16.14
C ILE A 533 -41.89 -3.45 -15.21
N ALA A 534 -40.92 -4.29 -15.57
CA ALA A 534 -40.40 -5.37 -14.73
C ALA A 534 -41.48 -6.12 -13.93
N PRO A 535 -42.50 -6.73 -14.53
CA PRO A 535 -43.67 -7.23 -13.81
C PRO A 535 -43.40 -8.18 -12.62
N ALA A 536 -42.24 -8.84 -12.62
CA ALA A 536 -41.79 -9.71 -11.54
C ALA A 536 -41.45 -8.96 -10.23
N VAL A 537 -41.21 -7.66 -10.27
CA VAL A 537 -40.85 -6.86 -9.09
C VAL A 537 -42.08 -6.22 -8.47
N PHE A 538 -42.23 -6.37 -7.17
CA PHE A 538 -43.37 -5.91 -6.38
C PHE A 538 -43.03 -4.66 -5.57
N GLY A 539 -43.98 -3.76 -5.42
CA GLY A 539 -43.76 -2.45 -4.84
C GLY A 539 -42.83 -1.59 -5.69
N HIS A 540 -42.16 -0.63 -5.07
CA HIS A 540 -41.17 0.24 -5.70
C HIS A 540 -41.67 0.93 -6.94
N GLU A 541 -42.94 1.26 -6.99
CA GLU A 541 -43.55 1.98 -8.10
C GLU A 541 -42.76 3.23 -8.48
N ALA A 542 -42.20 3.94 -7.50
CA ALA A 542 -41.33 5.06 -7.79
C ALA A 542 -40.16 4.65 -8.65
N VAL A 543 -39.53 3.52 -8.37
CA VAL A 543 -38.41 3.03 -9.18
C VAL A 543 -38.87 2.73 -10.58
N LYS A 544 -39.95 1.96 -10.68
CA LYS A 544 -40.50 1.55 -11.97
C LYS A 544 -40.76 2.76 -12.81
N LYS A 545 -41.41 3.77 -12.24
CA LYS A 545 -41.72 5.03 -12.88
C LYS A 545 -40.46 5.73 -13.32
N GLY A 546 -39.41 5.62 -12.53
CA GLY A 546 -38.12 6.16 -12.89
C GLY A 546 -37.59 5.57 -14.17
N ILE A 547 -37.52 4.24 -14.21
CA ILE A 547 -36.98 3.50 -15.34
C ILE A 547 -37.69 3.88 -16.61
N LEU A 548 -39.02 3.90 -16.58
CA LEU A 548 -39.78 4.27 -17.74
C LEU A 548 -39.35 5.63 -18.25
N LEU A 549 -39.26 6.63 -17.39
CA LEU A 549 -38.87 7.96 -17.82
C LEU A 549 -37.45 7.98 -18.37
N GLN A 550 -36.62 7.03 -17.98
CA GLN A 550 -35.32 6.92 -18.58
C GLN A 550 -35.43 6.44 -20.01
N MET A 551 -36.23 5.42 -20.28
CA MET A 551 -36.35 4.92 -21.63
C MET A 551 -36.94 5.95 -22.55
N LEU A 552 -37.81 6.85 -22.07
CA LEU A 552 -38.36 7.88 -22.94
C LEU A 552 -37.42 9.07 -23.19
N GLY A 553 -36.36 9.22 -22.41
CA GLY A 553 -35.38 10.28 -22.60
C GLY A 553 -35.91 11.70 -22.51
N GLY A 554 -35.08 12.69 -22.81
CA GLY A 554 -35.45 14.10 -22.91
C GLY A 554 -35.14 14.66 -24.30
N VAL A 555 -35.36 15.94 -24.51
CA VAL A 555 -35.02 16.63 -25.74
C VAL A 555 -33.57 17.04 -25.69
N HIS A 556 -32.61 16.19 -26.01
CA HIS A 556 -31.21 16.63 -25.93
C HIS A 556 -30.98 17.77 -26.92
N LYS A 557 -30.46 18.87 -26.40
CA LYS A 557 -30.55 20.18 -27.02
C LYS A 557 -29.26 20.95 -26.81
N SER A 558 -28.99 21.91 -27.69
CA SER A 558 -27.86 22.81 -27.54
C SER A 558 -28.27 24.27 -27.66
N THR A 559 -27.69 25.11 -26.82
CA THR A 559 -27.96 26.54 -26.82
C THR A 559 -27.42 27.25 -28.05
N VAL A 560 -27.93 28.46 -28.31
CA VAL A 560 -27.38 29.45 -29.26
C VAL A 560 -25.89 29.68 -29.01
N GLU A 561 -25.47 29.35 -27.79
CA GLU A 561 -24.11 29.40 -27.31
C GLU A 561 -23.26 28.16 -27.62
N GLY A 562 -23.78 27.16 -28.33
CA GLY A 562 -23.00 26.00 -28.76
C GLY A 562 -22.77 24.96 -27.67
N ILE A 563 -22.77 25.35 -26.40
CA ILE A 563 -22.83 24.44 -25.25
C ILE A 563 -23.98 23.45 -25.41
N LYS A 564 -23.77 22.20 -25.02
CA LYS A 564 -24.83 21.19 -25.04
C LYS A 564 -25.42 21.01 -23.66
N LEU A 565 -26.76 21.00 -23.60
CA LEU A 565 -27.53 20.80 -22.39
C LEU A 565 -28.12 19.43 -22.45
N ARG A 566 -27.81 18.66 -21.44
CA ARG A 566 -28.07 17.23 -21.55
C ARG A 566 -29.53 16.85 -21.37
N GLY A 567 -29.98 15.91 -22.20
CA GLY A 567 -31.32 15.34 -22.21
C GLY A 567 -31.44 13.97 -21.54
N ASP A 568 -30.32 13.26 -21.37
CA ASP A 568 -30.28 11.93 -20.75
C ASP A 568 -30.69 11.97 -19.29
N ILE A 569 -31.13 10.85 -18.73
CA ILE A 569 -31.46 10.79 -17.32
C ILE A 569 -30.70 9.65 -16.67
N ASN A 570 -30.00 9.93 -15.57
CA ASN A 570 -29.10 9.02 -14.91
C ASN A 570 -29.73 8.51 -13.65
N ILE A 571 -29.98 7.21 -13.53
CA ILE A 571 -30.65 6.74 -12.33
C ILE A 571 -29.70 5.89 -11.56
N CYS A 572 -29.58 6.12 -10.29
CA CYS A 572 -28.87 5.23 -9.40
C CYS A 572 -29.87 4.61 -8.45
N VAL A 573 -29.84 3.32 -8.26
CA VAL A 573 -30.63 2.66 -7.25
C VAL A 573 -29.66 2.20 -6.23
N VAL A 574 -29.80 2.67 -5.02
CA VAL A 574 -28.96 2.30 -3.90
C VAL A 574 -29.83 1.49 -2.98
N GLY A 575 -29.37 0.42 -2.37
CA GLY A 575 -30.23 -0.30 -1.43
C GLY A 575 -29.55 -1.25 -0.46
N ASP A 576 -30.23 -1.51 0.64
CA ASP A 576 -29.93 -2.65 1.49
C ASP A 576 -30.24 -3.96 0.75
N PRO A 577 -29.56 -5.07 1.05
CA PRO A 577 -29.59 -6.27 0.23
C PRO A 577 -30.93 -7.00 0.19
N SER A 578 -31.15 -7.72 -0.89
CA SER A 578 -32.32 -8.49 -1.24
C SER A 578 -33.57 -7.67 -1.44
N THR A 579 -33.50 -6.72 -2.36
CA THR A 579 -34.55 -5.76 -2.65
C THR A 579 -34.78 -5.52 -4.14
N SER A 580 -34.27 -6.39 -4.98
CA SER A 580 -34.44 -6.41 -6.42
C SER A 580 -33.82 -5.23 -7.15
N LYS A 581 -32.80 -4.55 -6.59
CA LYS A 581 -32.12 -3.53 -7.38
C LYS A 581 -31.47 -4.14 -8.61
N SER A 582 -30.92 -5.35 -8.51
CA SER A 582 -30.43 -6.03 -9.69
C SER A 582 -31.57 -6.46 -10.60
N GLN A 583 -32.72 -6.88 -10.11
CA GLN A 583 -33.78 -7.35 -11.01
C GLN A 583 -34.16 -6.28 -11.99
N PHE A 584 -34.16 -5.02 -11.59
CA PHE A 584 -34.36 -3.96 -12.54
C PHE A 584 -33.32 -3.94 -13.64
N LEU A 585 -32.05 -4.00 -13.29
CA LEU A 585 -31.04 -3.90 -14.32
C LEU A 585 -31.21 -5.05 -15.30
N LYS A 586 -31.47 -6.27 -14.81
CA LYS A 586 -31.54 -7.41 -15.69
C LYS A 586 -32.82 -7.40 -16.54
N TYR A 587 -33.95 -6.92 -16.01
CA TYR A 587 -35.12 -6.56 -16.79
C TYR A 587 -34.77 -5.55 -17.89
N VAL A 588 -34.09 -4.46 -17.56
CA VAL A 588 -33.90 -3.42 -18.56
C VAL A 588 -32.97 -3.88 -19.65
N VAL A 589 -31.90 -4.60 -19.34
CA VAL A 589 -31.05 -5.09 -20.43
C VAL A 589 -31.82 -6.03 -21.32
N GLY A 590 -32.71 -6.84 -20.74
CA GLY A 590 -33.57 -7.79 -21.45
C GLY A 590 -34.80 -7.17 -22.10
N PHE A 591 -34.81 -5.85 -22.31
CA PHE A 591 -35.94 -5.13 -22.85
C PHE A 591 -35.54 -4.01 -23.79
N ALA A 592 -34.68 -3.09 -23.34
CA ALA A 592 -34.47 -1.83 -24.05
C ALA A 592 -33.71 -2.04 -25.37
N PRO A 593 -33.88 -1.15 -26.36
CA PRO A 593 -33.02 -1.14 -27.52
C PRO A 593 -31.63 -0.65 -27.11
N ARG A 594 -30.59 -1.19 -27.73
CA ARG A 594 -29.19 -0.80 -27.49
C ARG A 594 -28.84 -0.81 -26.01
N SER A 595 -29.36 -1.76 -25.24
CA SER A 595 -28.99 -1.94 -23.84
C SER A 595 -27.64 -2.62 -23.72
N VAL A 596 -26.95 -2.50 -22.60
CA VAL A 596 -25.77 -3.31 -22.30
C VAL A 596 -25.58 -3.47 -20.81
N TYR A 597 -25.43 -4.65 -20.24
CA TYR A 597 -25.26 -4.79 -18.78
C TYR A 597 -23.79 -4.86 -18.42
N THR A 598 -23.41 -4.47 -17.21
CA THR A 598 -22.01 -4.52 -16.75
C THR A 598 -21.88 -4.45 -15.24
N SER A 599 -21.21 -5.43 -14.65
CA SER A 599 -20.80 -5.39 -13.24
C SER A 599 -19.77 -4.30 -13.00
N GLY A 600 -19.89 -3.55 -11.92
CA GLY A 600 -18.93 -2.54 -11.56
C GLY A 600 -17.62 -3.08 -11.04
N LYS A 601 -17.50 -4.37 -10.67
CA LYS A 601 -16.25 -4.95 -10.21
C LYS A 601 -15.45 -5.60 -11.35
N ALA A 602 -16.04 -6.54 -12.08
CA ALA A 602 -15.40 -7.29 -13.15
C ALA A 602 -15.32 -6.47 -14.46
N SER A 603 -14.90 -5.21 -14.37
CA SER A 603 -14.79 -4.24 -15.48
C SER A 603 -13.71 -3.17 -15.29
N SER A 604 -13.23 -2.56 -16.37
CA SER A 604 -12.03 -1.73 -16.42
C SER A 604 -12.24 -0.35 -17.06
N ALA A 605 -11.35 0.61 -16.79
CA ALA A 605 -11.40 1.96 -17.36
C ALA A 605 -11.33 1.97 -18.89
N ALA A 606 -10.74 0.94 -19.48
CA ALA A 606 -10.85 0.65 -20.88
C ALA A 606 -12.20 0.03 -21.23
N GLY A 607 -12.52 -1.15 -20.68
CA GLY A 607 -13.72 -1.90 -21.03
C GLY A 607 -15.02 -1.16 -20.79
N LEU A 608 -15.07 -0.15 -19.92
CA LEU A 608 -16.24 0.70 -19.75
C LEU A 608 -16.31 1.86 -20.73
N THR A 609 -15.22 2.32 -21.34
CA THR A 609 -15.25 3.54 -22.15
C THR A 609 -14.58 3.42 -23.51
N ALA A 610 -13.40 3.99 -23.72
CA ALA A 610 -12.57 3.77 -24.88
C ALA A 610 -11.34 2.94 -24.51
N ALA A 611 -11.05 1.89 -25.26
CA ALA A 611 -9.89 1.03 -25.09
C ALA A 611 -8.88 1.28 -26.21
N VAL A 612 -7.63 1.62 -25.87
CA VAL A 612 -6.51 1.57 -26.81
C VAL A 612 -6.07 0.12 -26.98
N VAL A 613 -6.09 -0.38 -28.21
CA VAL A 613 -5.61 -1.70 -28.63
C VAL A 613 -4.80 -1.58 -29.92
N ARG A 614 -4.46 -2.68 -30.62
CA ARG A 614 -3.61 -2.64 -31.84
C ARG A 614 -3.99 -3.69 -32.88
N ASP A 615 -3.83 -3.37 -34.16
CA ASP A 615 -3.77 -4.33 -35.27
C ASP A 615 -3.17 -3.68 -36.54
N GLU A 616 -2.65 -4.49 -37.45
CA GLU A 616 -2.08 -4.11 -38.74
C GLU A 616 -3.00 -3.19 -39.55
N ASP A 620 -0.34 -1.13 -35.92
CA ASP A 620 -0.38 0.12 -35.17
C ASP A 620 -1.58 0.19 -34.21
N TYR A 621 -1.60 1.15 -33.29
CA TYR A 621 -2.67 1.31 -32.32
C TYR A 621 -3.99 1.71 -32.97
N THR A 622 -5.09 1.36 -32.33
CA THR A 622 -6.46 1.57 -32.76
C THR A 622 -7.37 1.60 -31.55
N ILE A 623 -8.58 2.17 -31.66
CA ILE A 623 -9.53 2.36 -30.54
C ILE A 623 -10.67 1.37 -30.66
N GLU A 624 -10.93 0.68 -29.55
CA GLU A 624 -12.05 -0.22 -29.40
C GLU A 624 -13.05 0.26 -28.37
N ALA A 625 -14.30 -0.11 -28.62
CA ALA A 625 -15.46 0.28 -27.85
C ALA A 625 -15.53 -0.44 -26.51
N GLY A 626 -15.70 0.30 -25.44
CA GLY A 626 -16.22 -0.22 -24.17
C GLY A 626 -17.72 0.04 -24.05
N ALA A 627 -18.31 -0.25 -22.89
CA ALA A 627 -19.76 -0.29 -22.76
C ALA A 627 -20.40 1.02 -23.19
N LEU A 628 -19.86 2.18 -22.80
CA LEU A 628 -20.47 3.45 -23.19
C LEU A 628 -20.40 3.76 -24.69
N MET A 629 -19.69 2.96 -25.48
CA MET A 629 -19.69 3.04 -26.93
C MET A 629 -20.63 2.04 -27.58
N LEU A 630 -20.76 0.81 -27.09
CA LEU A 630 -21.67 -0.20 -27.59
C LEU A 630 -23.12 0.10 -27.23
N ALA A 631 -23.42 1.24 -26.64
CA ALA A 631 -24.75 1.58 -26.20
C ALA A 631 -25.01 3.08 -26.11
N ASP A 632 -24.53 3.98 -26.98
CA ASP A 632 -25.22 5.30 -27.06
C ASP A 632 -26.55 5.12 -27.78
N ASN A 633 -27.44 6.07 -27.51
CA ASN A 633 -28.87 6.05 -27.67
C ASN A 633 -29.51 4.82 -27.03
N GLY A 634 -28.98 4.39 -25.89
CA GLY A 634 -29.48 3.28 -25.13
C GLY A 634 -29.06 3.27 -23.67
N ILE A 635 -29.40 2.17 -22.99
CA ILE A 635 -29.24 2.02 -21.57
C ILE A 635 -28.01 1.21 -21.25
N CYS A 636 -27.13 1.91 -20.55
CA CYS A 636 -25.96 1.37 -19.91
C CYS A 636 -26.26 1.12 -18.44
N CYS A 637 -26.65 -0.08 -18.07
CA CYS A 637 -26.67 -0.48 -16.68
C CYS A 637 -25.27 -0.43 -16.08
N ILE A 638 -25.11 -0.21 -14.78
CA ILE A 638 -23.85 -0.43 -14.05
C ILE A 638 -24.21 -1.10 -12.75
N ASP A 639 -24.01 -2.40 -12.59
CA ASP A 639 -24.33 -3.00 -11.31
C ASP A 639 -23.17 -2.69 -10.34
N GLU A 640 -23.34 -2.93 -9.04
CA GLU A 640 -22.29 -3.05 -8.03
C GLU A 640 -21.36 -1.85 -8.02
N PHE A 641 -21.89 -0.68 -8.34
CA PHE A 641 -21.11 0.52 -8.66
C PHE A 641 -20.27 1.01 -7.50
N ASP A 642 -20.70 0.70 -6.29
CA ASP A 642 -19.92 0.98 -5.10
C ASP A 642 -18.61 0.21 -5.01
N LYS A 643 -18.53 -0.97 -5.62
CA LYS A 643 -17.32 -1.78 -5.68
C LYS A 643 -16.41 -1.42 -6.83
N MET A 644 -16.78 -0.45 -7.65
CA MET A 644 -15.98 -0.07 -8.78
C MET A 644 -14.70 0.58 -8.35
N ASP A 645 -13.61 0.34 -9.07
CA ASP A 645 -12.36 0.96 -8.68
C ASP A 645 -12.45 2.48 -8.67
N ILE A 646 -11.89 3.12 -7.65
CA ILE A 646 -11.92 4.57 -7.54
C ILE A 646 -11.19 5.24 -8.72
N SER A 647 -10.23 4.55 -9.33
CA SER A 647 -9.54 4.98 -10.55
C SER A 647 -10.43 4.96 -11.79
N ASP A 648 -11.65 4.46 -11.66
CA ASP A 648 -12.48 4.10 -12.78
C ASP A 648 -13.91 4.62 -12.65
N GLN A 649 -14.40 4.79 -11.41
CA GLN A 649 -15.56 5.64 -11.14
C GLN A 649 -15.38 7.02 -11.78
N VAL A 650 -14.16 7.53 -11.80
CA VAL A 650 -13.85 8.79 -12.45
C VAL A 650 -13.88 8.73 -13.98
N ALA A 651 -13.77 7.56 -14.59
CA ALA A 651 -13.93 7.40 -16.03
C ALA A 651 -15.36 7.73 -16.49
N ILE A 652 -16.34 7.67 -15.59
CA ILE A 652 -17.75 7.97 -15.85
C ILE A 652 -18.06 9.44 -15.58
N HIS A 653 -17.41 10.00 -14.56
CA HIS A 653 -17.50 11.41 -14.19
C HIS A 653 -17.14 12.32 -15.36
N GLU A 654 -16.13 11.91 -16.11
CA GLU A 654 -15.68 12.49 -17.37
C GLU A 654 -16.86 12.73 -18.31
N ALA A 655 -17.79 11.78 -18.34
CA ALA A 655 -18.63 11.52 -19.48
C ALA A 655 -20.05 11.23 -19.07
N MET A 656 -20.61 12.13 -18.28
CA MET A 656 -22.05 12.22 -18.12
C MET A 656 -22.51 13.67 -18.11
N GLU A 657 -22.04 14.56 -17.25
CA GLU A 657 -22.26 16.00 -17.45
C GLU A 657 -21.59 16.67 -18.62
N GLN A 658 -20.43 16.17 -19.00
CA GLN A 658 -19.67 16.80 -20.04
C GLN A 658 -19.82 15.99 -21.35
N GLN A 659 -20.62 14.91 -21.34
CA GLN A 659 -20.74 13.93 -22.41
C GLN A 659 -19.32 13.55 -22.87
N THR A 660 -19.07 13.39 -24.16
CA THR A 660 -17.74 13.63 -24.73
C THR A 660 -16.60 12.80 -24.10
N ILE A 661 -16.47 11.54 -24.47
CA ILE A 661 -15.25 10.80 -24.12
C ILE A 661 -14.07 11.42 -24.86
N SER A 662 -12.99 11.66 -24.12
CA SER A 662 -11.83 12.45 -24.54
C SER A 662 -10.54 11.61 -24.49
N ILE A 663 -10.14 11.01 -25.59
CA ILE A 663 -8.92 10.22 -25.63
C ILE A 663 -7.74 11.17 -25.83
N ALA A 664 -6.76 11.09 -24.93
CA ALA A 664 -5.51 11.86 -24.92
C ALA A 664 -4.31 10.97 -24.53
N LYS A 665 -4.12 9.85 -25.23
CA LYS A 665 -3.18 8.80 -24.83
C LYS A 665 -2.80 7.93 -26.01
N ALA A 666 -1.67 7.22 -25.90
CA ALA A 666 -1.14 6.36 -26.95
C ALA A 666 -0.97 7.02 -28.33
N GLY A 667 -0.71 8.32 -28.38
CA GLY A 667 -0.61 9.12 -29.60
C GLY A 667 -1.93 9.35 -30.34
N ILE A 668 -2.94 8.48 -30.20
CA ILE A 668 -4.25 8.64 -30.84
C ILE A 668 -5.10 9.61 -30.05
N HIS A 669 -4.80 10.90 -30.16
CA HIS A 669 -5.64 11.97 -29.66
C HIS A 669 -6.94 12.00 -30.46
N ALA A 670 -8.08 11.73 -29.81
CA ALA A 670 -9.37 11.47 -30.45
C ALA A 670 -10.56 11.73 -29.52
N THR A 671 -11.79 11.91 -29.99
CA THR A 671 -12.95 12.26 -29.12
C THR A 671 -14.24 11.68 -29.66
N LEU A 672 -15.16 11.32 -28.76
CA LEU A 672 -16.38 10.59 -29.09
C LEU A 672 -17.57 11.18 -28.37
N ASN A 673 -18.71 11.26 -29.04
CA ASN A 673 -19.92 11.87 -28.54
C ASN A 673 -20.45 11.15 -27.28
N ALA A 674 -20.76 9.86 -27.40
CA ALA A 674 -21.28 9.01 -26.31
C ALA A 674 -22.43 9.65 -25.51
N ARG A 675 -23.55 9.89 -26.19
CA ARG A 675 -24.82 10.35 -25.60
C ARG A 675 -25.53 9.18 -24.94
N THR A 676 -25.43 9.03 -23.62
CA THR A 676 -25.88 7.79 -22.98
C THR A 676 -26.38 7.96 -21.56
N SER A 677 -27.28 7.07 -21.17
CA SER A 677 -28.02 7.11 -19.93
C SER A 677 -27.64 5.94 -19.06
N ILE A 678 -27.24 6.24 -17.83
CA ILE A 678 -26.67 5.30 -16.88
C ILE A 678 -27.73 4.78 -15.95
N LEU A 679 -27.84 3.47 -15.70
CA LEU A 679 -28.73 3.04 -14.63
C LEU A 679 -27.91 2.25 -13.62
N ALA A 680 -27.48 2.84 -12.51
CA ALA A 680 -26.43 2.28 -11.68
C ALA A 680 -26.89 1.75 -10.33
N ALA A 681 -26.82 0.45 -10.07
CA ALA A 681 -27.13 -0.10 -8.76
C ALA A 681 -25.94 -0.01 -7.83
N ALA A 682 -26.16 0.06 -6.51
CA ALA A 682 -25.10 -0.01 -5.51
C ALA A 682 -25.62 -0.42 -4.14
N ASN A 683 -24.78 -1.02 -3.30
CA ASN A 683 -25.09 -1.08 -1.87
C ASN A 683 -24.53 0.14 -1.17
N PRO A 684 -25.12 0.55 -0.04
CA PRO A 684 -24.46 1.43 0.89
C PRO A 684 -23.31 0.68 1.52
N VAL A 685 -22.27 1.42 1.82
CA VAL A 685 -21.05 0.95 2.46
C VAL A 685 -21.38 0.32 3.78
N GLY A 686 -20.66 -0.75 4.14
CA GLY A 686 -20.95 -1.58 5.30
C GLY A 686 -22.10 -2.58 5.10
N GLY A 687 -22.84 -2.50 3.99
CA GLY A 687 -23.72 -3.57 3.54
C GLY A 687 -25.19 -3.45 3.91
N ARG A 688 -25.59 -2.44 4.66
CA ARG A 688 -27.00 -2.07 4.96
C ARG A 688 -27.10 -0.55 5.07
N TYR A 689 -28.29 0.01 4.85
CA TYR A 689 -28.42 1.45 4.83
C TYR A 689 -28.38 2.03 6.23
N ASN A 690 -27.40 2.88 6.46
CA ASN A 690 -27.30 3.59 7.73
C ASN A 690 -28.20 4.82 7.67
N ARG A 691 -29.46 4.63 8.10
CA ARG A 691 -30.54 5.63 8.12
C ARG A 691 -30.11 6.97 8.72
N LYS A 692 -29.15 6.94 9.63
CA LYS A 692 -28.61 8.06 10.39
C LYS A 692 -27.58 8.90 9.64
N LEU A 693 -26.93 8.35 8.63
CA LEU A 693 -25.97 9.08 7.82
C LEU A 693 -26.65 9.86 6.70
N SER A 694 -25.89 10.75 6.09
CA SER A 694 -26.25 11.31 4.79
C SER A 694 -26.16 10.24 3.72
N LEU A 695 -26.77 10.46 2.57
CA LEU A 695 -26.54 9.59 1.43
C LEU A 695 -25.03 9.56 1.10
N ARG A 696 -24.38 10.71 1.14
CA ARG A 696 -22.93 10.74 1.19
C ARG A 696 -22.47 10.01 2.43
N GLY A 697 -21.61 9.04 2.23
CA GLY A 697 -21.12 8.23 3.33
C GLY A 697 -22.02 7.07 3.71
N ASN A 698 -23.31 7.07 3.35
CA ASN A 698 -23.98 5.81 3.15
C ASN A 698 -23.38 5.14 1.95
N LEU A 699 -23.31 5.85 0.84
CA LEU A 699 -22.44 5.49 -0.25
C LEU A 699 -21.16 6.30 -0.19
N ASN A 700 -20.05 5.59 -0.18
CA ASN A 700 -18.77 6.14 -0.60
C ASN A 700 -18.71 6.20 -2.13
N MET A 701 -18.83 7.41 -2.64
CA MET A 701 -18.48 7.88 -3.97
C MET A 701 -17.86 9.26 -3.95
N THR A 702 -17.22 9.66 -5.05
CA THR A 702 -16.92 11.06 -5.35
C THR A 702 -18.18 11.94 -5.46
N ALA A 703 -18.32 12.93 -4.58
CA ALA A 703 -19.44 13.88 -4.58
C ALA A 703 -19.77 14.48 -5.94
N PRO A 704 -18.82 14.87 -6.80
CA PRO A 704 -19.18 15.36 -8.11
C PRO A 704 -19.90 14.30 -8.91
N ILE A 705 -19.46 13.05 -8.84
CA ILE A 705 -20.13 11.94 -9.51
C ILE A 705 -21.53 11.76 -8.97
N MET A 706 -21.70 11.83 -7.66
CA MET A 706 -23.01 11.78 -7.07
C MET A 706 -23.88 12.99 -7.45
N SER A 707 -23.32 14.18 -7.62
CA SER A 707 -24.10 15.39 -7.84
C SER A 707 -24.83 15.39 -9.17
N ARG A 708 -24.27 14.75 -10.19
CA ARG A 708 -24.80 14.74 -11.52
C ARG A 708 -25.58 13.50 -11.90
N PHE A 709 -25.95 12.69 -10.93
CA PHE A 709 -27.06 11.77 -11.08
C PHE A 709 -28.37 12.49 -10.91
N ASP A 710 -29.36 12.10 -11.69
CA ASP A 710 -30.68 12.69 -11.63
C ASP A 710 -31.46 12.11 -10.46
N LEU A 711 -31.54 10.77 -10.30
CA LEU A 711 -32.40 10.21 -9.30
C LEU A 711 -31.65 9.17 -8.49
N PHE A 712 -31.54 9.36 -7.18
CA PHE A 712 -31.10 8.31 -6.28
C PHE A 712 -32.28 7.72 -5.59
N PHE A 713 -32.78 6.59 -6.04
CA PHE A 713 -33.73 5.86 -5.24
C PHE A 713 -32.96 5.10 -4.20
N VAL A 714 -32.92 5.59 -2.97
CA VAL A 714 -32.53 4.74 -1.84
C VAL A 714 -33.65 3.76 -1.58
N ILE A 715 -33.34 2.49 -1.45
CA ILE A 715 -34.29 1.47 -1.02
C ILE A 715 -34.01 1.13 0.42
N LEU A 716 -35.08 0.97 1.17
CA LEU A 716 -35.07 0.39 2.50
C LEU A 716 -35.98 -0.83 2.49
N ASP A 717 -35.53 -1.90 3.13
CA ASP A 717 -36.32 -3.08 3.46
C ASP A 717 -37.35 -2.76 4.54
N ASP A 718 -38.41 -2.09 4.13
CA ASP A 718 -39.52 -1.73 5.01
C ASP A 718 -40.10 -2.97 5.71
N CYS A 719 -40.10 -2.96 7.04
CA CYS A 719 -40.48 -4.07 7.90
C CYS A 719 -42.00 -4.36 7.92
N ASN A 720 -42.85 -3.53 7.30
CA ASN A 720 -44.30 -3.61 7.49
C ASN A 720 -44.87 -5.01 7.16
N GLU A 721 -45.54 -5.64 8.14
CA GLU A 721 -46.07 -7.00 8.02
C GLU A 721 -47.12 -7.14 6.91
N LYS A 722 -47.99 -6.13 6.75
CA LYS A 722 -48.99 -6.14 5.68
C LYS A 722 -48.34 -6.06 4.30
N ILE A 723 -47.12 -5.55 4.17
CA ILE A 723 -46.33 -5.63 2.94
C ILE A 723 -45.73 -7.03 2.79
N ASP A 724 -45.03 -7.54 3.80
CA ASP A 724 -44.28 -8.80 3.68
C ASP A 724 -45.16 -10.04 3.55
N THR A 725 -46.36 -10.04 4.12
CA THR A 725 -47.39 -11.07 3.87
C THR A 725 -47.85 -11.11 2.41
N GLU A 726 -47.82 -9.99 1.72
CA GLU A 726 -48.16 -9.90 0.30
C GLU A 726 -46.96 -10.28 -0.55
N LEU A 727 -45.81 -9.66 -0.27
CA LEU A 727 -44.55 -9.87 -1.00
C LEU A 727 -44.16 -11.35 -0.99
N ALA A 728 -44.25 -12.02 0.14
CA ALA A 728 -43.94 -13.44 0.22
C ALA A 728 -44.87 -14.25 -0.69
N SER A 729 -46.18 -13.98 -0.64
CA SER A 729 -47.14 -14.63 -1.52
C SER A 729 -46.85 -14.38 -3.00
N HIS A 730 -46.41 -13.17 -3.34
CA HIS A 730 -45.98 -12.83 -4.69
C HIS A 730 -44.77 -13.68 -5.11
N ILE A 731 -43.74 -13.79 -4.28
CA ILE A 731 -42.56 -14.58 -4.62
C ILE A 731 -42.90 -16.06 -4.78
N VAL A 732 -43.70 -16.64 -3.88
CA VAL A 732 -44.10 -18.05 -4.00
C VAL A 732 -44.92 -18.28 -5.25
N ASP A 733 -45.78 -17.34 -5.66
CA ASP A 733 -46.55 -17.49 -6.89
C ASP A 733 -45.65 -17.55 -8.13
N LEU A 734 -44.57 -16.78 -8.19
CA LEU A 734 -43.62 -16.87 -9.30
C LEU A 734 -43.02 -18.28 -9.40
N HIS A 735 -42.66 -18.88 -8.29
CA HIS A 735 -42.10 -20.22 -8.33
C HIS A 735 -43.17 -21.29 -8.51
N MET A 736 -44.40 -21.05 -8.08
CA MET A 736 -45.50 -22.00 -8.18
C MET A 736 -46.08 -22.11 -9.59
N LYS A 737 -46.27 -20.99 -10.29
CA LYS A 737 -46.95 -20.94 -11.60
C LYS A 737 -46.32 -20.00 -12.63
N ARG A 738 -45.05 -19.63 -12.42
CA ARG A 738 -44.16 -18.96 -13.39
C ARG A 738 -44.83 -17.79 -14.10
N ASP A 739 -44.70 -17.66 -15.41
CA ASP A 739 -45.16 -16.46 -16.13
C ASP A 739 -46.69 -16.34 -16.28
N GLU A 740 -47.50 -17.25 -15.73
CA GLU A 740 -48.94 -17.05 -15.54
C GLU A 740 -49.25 -16.13 -14.33
N ALA A 741 -48.32 -15.99 -13.40
CA ALA A 741 -48.45 -15.19 -12.17
C ALA A 741 -48.18 -13.69 -12.38
N ILE A 742 -47.50 -13.34 -13.48
CA ILE A 742 -47.24 -11.98 -13.93
C ILE A 742 -48.26 -11.62 -15.00
N GLU A 743 -48.83 -10.42 -14.89
CA GLU A 743 -50.08 -10.06 -15.56
C GLU A 743 -50.09 -8.56 -15.90
N PRO A 744 -49.16 -8.08 -16.73
CA PRO A 744 -49.02 -6.67 -17.03
C PRO A 744 -50.17 -6.16 -17.89
N PRO A 745 -50.46 -4.85 -17.86
CA PRO A 745 -51.40 -4.22 -18.78
C PRO A 745 -51.01 -4.38 -20.25
N PHE A 746 -49.73 -4.46 -20.58
CA PHE A 746 -49.23 -4.60 -21.94
C PHE A 746 -48.10 -5.63 -22.04
N SER A 747 -48.04 -6.38 -23.14
CA SER A 747 -46.92 -7.26 -23.46
C SER A 747 -45.72 -6.44 -23.95
N ALA A 748 -44.49 -6.96 -23.82
CA ALA A 748 -43.28 -6.19 -24.10
C ALA A 748 -43.21 -5.68 -25.55
N GLU A 749 -43.56 -6.53 -26.51
CA GLU A 749 -43.64 -6.14 -27.93
C GLU A 749 -44.77 -5.15 -28.24
N GLN A 750 -45.83 -5.09 -27.44
CA GLN A 750 -46.84 -4.04 -27.54
C GLN A 750 -46.33 -2.74 -26.92
N LEU A 751 -45.62 -2.84 -25.81
CA LEU A 751 -45.07 -1.73 -25.05
C LEU A 751 -43.93 -1.02 -25.77
N ARG A 752 -43.02 -1.75 -26.40
CA ARG A 752 -41.91 -1.12 -27.15
C ARG A 752 -42.38 -0.29 -28.32
N ARG A 753 -43.47 -0.66 -28.99
CA ARG A 753 -44.09 0.17 -30.03
C ARG A 753 -44.57 1.48 -29.43
N TYR A 754 -45.09 1.48 -28.21
CA TYR A 754 -45.51 2.72 -27.58
C TYR A 754 -44.33 3.58 -27.23
N ILE A 755 -43.30 3.01 -26.62
CA ILE A 755 -42.10 3.76 -26.23
C ILE A 755 -41.44 4.35 -27.45
N LYS A 756 -41.22 3.55 -28.50
CA LYS A 756 -40.61 4.02 -29.72
C LYS A 756 -41.45 5.13 -30.34
N TYR A 757 -42.76 5.07 -30.27
CA TYR A 757 -43.58 6.16 -30.74
C TYR A 757 -43.37 7.40 -29.89
N ALA A 758 -43.43 7.28 -28.57
CA ALA A 758 -43.33 8.40 -27.68
C ALA A 758 -41.98 9.11 -27.81
N ARG A 759 -40.89 8.40 -28.11
CA ARG A 759 -39.59 9.03 -28.34
C ARG A 759 -39.62 10.03 -29.47
N THR A 760 -40.62 10.02 -30.33
CA THR A 760 -40.70 10.92 -31.47
C THR A 760 -41.39 12.26 -31.21
N PHE A 761 -41.94 12.52 -30.03
CA PHE A 761 -42.39 13.87 -29.67
C PHE A 761 -41.25 14.69 -29.09
N LYS A 762 -41.29 16.01 -29.27
CA LYS A 762 -40.31 16.91 -28.65
C LYS A 762 -41.01 18.01 -27.83
N PRO A 763 -41.42 17.68 -26.59
CA PRO A 763 -42.26 18.53 -25.75
C PRO A 763 -41.72 19.91 -25.44
N ILE A 764 -42.62 20.85 -25.18
CA ILE A 764 -42.35 22.30 -25.08
C ILE A 764 -42.92 22.86 -23.78
N LEU A 765 -42.26 23.80 -23.15
CA LEU A 765 -42.75 24.47 -21.95
C LEU A 765 -43.83 25.53 -22.16
N THR A 766 -44.96 25.42 -21.45
CA THR A 766 -45.92 26.51 -21.30
C THR A 766 -45.32 27.65 -20.48
N LYS A 767 -45.75 28.92 -20.63
CA LYS A 767 -45.29 29.94 -19.70
C LYS A 767 -45.75 29.69 -18.26
N GLU A 768 -46.89 29.04 -18.05
CA GLU A 768 -47.24 28.49 -16.73
C GLU A 768 -46.16 27.56 -16.23
N ALA A 769 -45.70 26.65 -17.09
CA ALA A 769 -44.74 25.64 -16.71
C ALA A 769 -43.45 26.31 -16.25
N ARG A 770 -42.98 27.31 -16.97
CA ARG A 770 -41.84 28.13 -16.51
C ARG A 770 -42.11 28.73 -15.13
N SER A 771 -43.25 29.39 -15.02
CA SER A 771 -43.66 30.10 -13.80
C SER A 771 -43.79 29.17 -12.60
N TYR A 772 -44.07 27.90 -12.84
CA TYR A 772 -44.17 26.88 -11.82
C TYR A 772 -42.78 26.38 -11.46
N LEU A 773 -41.94 26.16 -12.46
CA LEU A 773 -40.63 25.57 -12.25
C LEU A 773 -39.78 26.42 -11.36
N VAL A 774 -39.77 27.74 -11.57
CA VAL A 774 -38.97 28.60 -10.70
C VAL A 774 -39.39 28.43 -9.25
N GLU A 775 -40.68 28.26 -8.97
CA GLU A 775 -41.13 28.11 -7.60
C GLU A 775 -40.76 26.76 -7.03
N LYS A 776 -40.88 25.69 -7.80
CA LYS A 776 -40.43 24.39 -7.33
C LYS A 776 -38.94 24.37 -7.14
N TYR A 777 -38.14 25.17 -7.82
CA TYR A 777 -36.73 25.23 -7.45
C TYR A 777 -36.54 25.91 -6.09
N LYS A 778 -37.32 26.95 -5.80
CA LYS A 778 -37.22 27.64 -4.52
C LYS A 778 -37.53 26.70 -3.38
N GLU A 779 -38.60 25.92 -3.49
CA GLU A 779 -38.96 24.99 -2.42
C GLU A 779 -37.84 24.00 -2.15
N LEU A 780 -37.30 23.36 -3.20
CA LEU A 780 -36.21 22.41 -3.06
C LEU A 780 -35.03 23.00 -2.30
N ARG A 781 -34.64 24.22 -2.67
CA ARG A 781 -33.46 24.85 -2.13
C ARG A 781 -33.67 25.25 -0.67
N LYS A 782 -34.83 25.82 -0.36
CA LYS A 782 -35.23 26.20 1.00
C LYS A 782 -35.17 24.98 1.92
N ASP A 783 -35.57 23.83 1.42
CA ASP A 783 -35.63 22.59 2.18
C ASP A 783 -34.27 21.96 2.47
N ASP A 784 -33.17 22.47 1.91
CA ASP A 784 -31.82 22.07 2.33
C ASP A 784 -31.13 23.04 3.31
N ALA A 785 -31.79 24.12 3.72
CA ALA A 785 -31.29 24.99 4.80
C ALA A 785 -31.27 24.28 6.15
N SER A 792 -27.10 21.89 1.43
CA SER A 792 -26.73 22.38 0.11
C SER A 792 -26.44 21.22 -0.84
N TYR A 793 -25.94 20.14 -0.27
CA TYR A 793 -25.14 19.06 -0.85
C TYR A 793 -25.74 18.28 -2.02
N ARG A 794 -27.08 18.30 -2.19
CA ARG A 794 -27.79 17.53 -3.21
C ARG A 794 -28.80 18.32 -4.04
N ILE A 795 -28.79 19.64 -3.97
CA ILE A 795 -29.65 20.56 -4.73
C ILE A 795 -28.80 21.73 -5.17
N THR A 796 -28.04 21.41 -6.19
CA THR A 796 -27.32 22.33 -7.04
C THR A 796 -28.23 22.81 -8.16
N VAL A 797 -27.74 23.61 -9.07
CA VAL A 797 -28.44 23.86 -10.32
C VAL A 797 -28.69 22.61 -11.14
N ARG A 798 -27.90 21.54 -11.04
CA ARG A 798 -28.12 20.32 -11.84
C ARG A 798 -29.52 19.76 -11.64
N GLN A 799 -30.06 19.85 -10.42
CA GLN A 799 -31.37 19.36 -10.10
C GLN A 799 -32.46 20.20 -10.75
N LEU A 800 -32.17 21.42 -11.21
CA LEU A 800 -33.16 22.09 -12.03
C LEU A 800 -33.24 21.44 -13.40
N GLU A 801 -32.10 21.27 -14.03
CA GLU A 801 -32.06 20.75 -15.38
C GLU A 801 -32.65 19.33 -15.45
N SER A 802 -32.44 18.56 -14.41
CA SER A 802 -33.00 17.23 -14.26
C SER A 802 -34.51 17.29 -14.20
N MET A 803 -35.04 18.27 -13.50
CA MET A 803 -36.46 18.46 -13.40
C MET A 803 -37.09 18.83 -14.72
N ILE A 804 -36.39 19.58 -15.55
CA ILE A 804 -36.85 19.83 -16.89
C ILE A 804 -36.88 18.51 -17.65
N ARG A 805 -35.77 17.80 -17.64
CA ARG A 805 -35.65 16.55 -18.36
C ARG A 805 -36.78 15.60 -18.05
N LEU A 806 -37.02 15.41 -16.77
CA LEU A 806 -38.05 14.53 -16.27
C LEU A 806 -39.43 14.99 -16.68
N SER A 807 -39.70 16.27 -16.63
CA SER A 807 -40.99 16.72 -17.09
C SER A 807 -41.18 16.46 -18.58
N GLU A 808 -40.14 16.58 -19.40
CA GLU A 808 -40.23 16.26 -20.82
C GLU A 808 -40.55 14.79 -21.01
N ALA A 809 -39.85 13.91 -20.32
CA ALA A 809 -40.11 12.50 -20.38
C ALA A 809 -41.54 12.15 -19.94
N ILE A 810 -42.09 12.80 -18.91
CA ILE A 810 -43.48 12.57 -18.54
C ILE A 810 -44.40 13.02 -19.65
N ALA A 811 -44.10 14.14 -20.26
CA ALA A 811 -44.91 14.62 -21.35
C ALA A 811 -44.89 13.65 -22.52
N ARG A 812 -43.70 13.11 -22.86
CA ARG A 812 -43.58 12.01 -23.78
C ARG A 812 -44.41 10.83 -23.33
N ALA A 813 -44.37 10.42 -22.07
CA ALA A 813 -45.17 9.29 -21.62
C ALA A 813 -46.67 9.51 -21.86
N ASN A 814 -47.14 10.74 -21.68
CA ASN A 814 -48.50 11.15 -21.95
C ASN A 814 -48.80 11.39 -23.43
N CYS A 815 -47.80 11.33 -24.31
CA CYS A 815 -47.86 11.70 -25.72
C CYS A 815 -48.45 13.09 -25.94
N VAL A 816 -47.90 14.05 -25.22
CA VAL A 816 -48.27 15.45 -25.30
C VAL A 816 -47.07 16.27 -25.69
N ASP A 817 -47.31 17.19 -26.61
CA ASP A 817 -46.36 18.11 -27.18
C ASP A 817 -45.99 19.26 -26.24
N GLU A 818 -46.70 19.47 -25.15
CA GLU A 818 -46.50 20.58 -24.23
C GLU A 818 -46.53 20.16 -22.77
N ILE A 819 -45.66 20.77 -21.99
CA ILE A 819 -45.52 20.59 -20.55
C ILE A 819 -46.63 21.30 -19.82
N THR A 820 -47.43 20.55 -19.08
CA THR A 820 -48.46 21.09 -18.22
C THR A 820 -47.92 21.13 -16.80
N PRO A 821 -48.17 22.17 -15.97
CA PRO A 821 -47.67 22.21 -14.60
C PRO A 821 -47.97 20.97 -13.80
N SER A 822 -49.04 20.27 -14.12
CA SER A 822 -49.28 18.93 -13.59
C SER A 822 -48.08 18.00 -13.70
N PHE A 823 -47.44 17.91 -14.85
CA PHE A 823 -46.28 17.07 -15.01
C PHE A 823 -45.13 17.58 -14.19
N ILE A 824 -44.91 18.88 -14.10
CA ILE A 824 -43.82 19.37 -13.28
C ILE A 824 -44.07 18.99 -11.82
N ALA A 825 -45.31 19.02 -11.36
CA ALA A 825 -45.61 18.54 -10.03
C ALA A 825 -45.25 17.06 -9.90
N GLU A 826 -45.55 16.28 -10.93
CA GLU A 826 -45.19 14.89 -10.98
C GLU A 826 -43.68 14.67 -11.03
N ALA A 827 -42.92 15.47 -11.76
CA ALA A 827 -41.47 15.36 -11.81
C ALA A 827 -40.84 15.77 -10.50
N TYR A 828 -41.24 16.94 -9.98
CA TYR A 828 -40.75 17.44 -8.70
C TYR A 828 -40.92 16.40 -7.61
N ASP A 829 -42.04 15.69 -7.64
CA ASP A 829 -42.30 14.68 -6.66
C ASP A 829 -41.24 13.59 -6.66
N LEU A 830 -40.74 13.14 -7.81
CA LEU A 830 -39.70 12.12 -7.81
C LEU A 830 -38.42 12.63 -7.18
N LEU A 831 -38.05 13.86 -7.45
CA LEU A 831 -36.92 14.49 -6.80
C LEU A 831 -37.14 14.57 -5.28
N ARG A 832 -38.32 14.94 -4.78
CA ARG A 832 -38.57 14.95 -3.33
C ARG A 832 -38.38 13.58 -2.73
N GLN A 833 -39.00 12.55 -3.30
CA GLN A 833 -38.91 11.20 -2.76
C GLN A 833 -37.48 10.70 -2.67
N SER A 834 -36.62 11.10 -3.60
CA SER A 834 -35.25 10.63 -3.66
C SER A 834 -34.45 10.93 -2.39
N ILE A 835 -34.84 11.96 -1.64
CA ILE A 835 -34.16 12.36 -0.42
C ILE A 835 -34.28 11.28 0.68
N ILE A 836 -35.31 10.40 0.62
CA ILE A 836 -35.77 9.68 1.81
C ILE A 836 -35.66 10.53 3.09
N THR B 394 18.03 -54.12 1.22
CA THR B 394 18.62 -55.37 0.67
C THR B 394 19.29 -56.18 1.78
N SER B 395 19.61 -57.46 1.59
CA SER B 395 20.24 -58.29 2.65
C SER B 395 21.62 -57.80 3.12
N ASP B 396 22.37 -57.02 2.32
CA ASP B 396 23.60 -56.37 2.78
C ASP B 396 23.36 -55.15 3.68
N VAL B 397 22.29 -54.38 3.42
CA VAL B 397 21.75 -53.40 4.37
C VAL B 397 21.32 -54.08 5.66
N GLU B 398 20.59 -55.20 5.59
CA GLU B 398 20.19 -55.94 6.78
C GLU B 398 21.40 -56.49 7.55
N GLU B 399 22.46 -56.92 6.86
CA GLU B 399 23.70 -57.32 7.52
C GLU B 399 24.42 -56.14 8.23
N ARG B 400 24.14 -54.88 7.90
CA ARG B 400 24.58 -53.72 8.70
C ARG B 400 23.63 -53.41 9.85
N VAL B 401 22.35 -53.14 9.58
CA VAL B 401 21.43 -52.72 10.66
C VAL B 401 21.21 -53.80 11.72
N MET B 402 21.38 -55.07 11.42
CA MET B 402 21.34 -56.10 12.46
C MET B 402 22.39 -55.92 13.56
N GLU B 403 23.55 -55.33 13.26
CA GLU B 403 24.55 -55.02 14.29
C GLU B 403 24.05 -53.93 15.26
N LEU B 404 23.39 -52.90 14.72
CA LEU B 404 22.79 -51.84 15.51
C LEU B 404 21.62 -52.35 16.35
N ILE B 405 20.70 -53.10 15.75
CA ILE B 405 19.52 -53.64 16.43
C ILE B 405 19.93 -54.56 17.58
N THR B 406 20.86 -55.50 17.34
CA THR B 406 21.33 -56.41 18.39
C THR B 406 22.22 -55.71 19.42
N SER B 407 22.88 -54.60 19.07
CA SER B 407 23.54 -53.75 20.09
C SER B 407 22.53 -53.10 21.03
N GLY B 408 21.32 -52.81 20.55
CA GLY B 408 20.17 -52.47 21.37
C GLY B 408 20.11 -51.01 21.83
N ASP B 409 19.02 -50.69 22.52
CA ASP B 409 18.67 -49.32 22.97
C ASP B 409 18.66 -48.29 21.83
N VAL B 410 18.20 -48.70 20.65
CA VAL B 410 18.35 -47.93 19.42
C VAL B 410 17.64 -46.60 19.47
N TYR B 411 16.52 -46.49 20.17
CA TYR B 411 15.77 -45.23 20.24
C TYR B 411 16.57 -44.14 20.96
N ASN B 412 17.21 -44.43 22.08
CA ASN B 412 18.01 -43.44 22.78
C ASN B 412 19.33 -43.15 22.06
N ARG B 413 19.99 -44.17 21.49
CA ARG B 413 21.20 -43.93 20.69
C ARG B 413 20.94 -43.04 19.51
N LEU B 414 19.86 -43.30 18.78
CA LEU B 414 19.50 -42.50 17.61
C LEU B 414 19.20 -41.06 18.00
N ALA B 415 18.41 -40.85 19.04
CA ALA B 415 18.12 -39.50 19.48
C ALA B 415 19.37 -38.74 19.94
N LYS B 416 20.26 -39.36 20.70
CA LYS B 416 21.52 -38.71 21.12
C LYS B 416 22.42 -38.41 19.92
N SER B 417 22.38 -39.26 18.89
CA SER B 417 23.13 -39.11 17.64
C SER B 417 22.65 -37.99 16.73
N ILE B 418 21.43 -37.47 16.89
CA ILE B 418 21.06 -36.24 16.18
C ILE B 418 21.87 -35.10 16.78
N ALA B 419 22.62 -34.39 15.95
CA ALA B 419 23.45 -33.25 16.35
C ALA B 419 24.22 -33.43 17.69
N PRO B 420 25.21 -34.34 17.78
CA PRO B 420 26.01 -34.53 19.01
C PRO B 420 26.78 -33.27 19.44
N GLU B 421 26.94 -32.36 18.48
CA GLU B 421 27.37 -30.98 18.63
C GLU B 421 26.56 -30.13 19.62
N ILE B 422 25.26 -30.45 19.84
CA ILE B 422 24.36 -29.72 20.73
C ILE B 422 24.18 -30.50 22.03
N TYR B 423 24.41 -29.86 23.16
CA TYR B 423 24.28 -30.47 24.48
C TYR B 423 22.84 -30.52 24.98
N GLY B 424 22.47 -31.60 25.65
CA GLY B 424 21.18 -31.73 26.30
C GLY B 424 20.05 -31.83 25.30
N ASN B 425 18.91 -31.22 25.62
CA ASN B 425 17.69 -31.26 24.81
C ASN B 425 17.28 -32.68 24.39
N LEU B 426 17.59 -33.70 25.20
CA LEU B 426 17.32 -35.08 24.85
C LEU B 426 15.84 -35.31 24.53
N ASP B 427 14.92 -34.76 25.32
CA ASP B 427 13.48 -34.89 25.08
C ASP B 427 13.07 -34.38 23.69
N VAL B 428 13.73 -33.32 23.24
CA VAL B 428 13.45 -32.69 21.97
C VAL B 428 14.06 -33.52 20.84
N LYS B 429 15.30 -33.99 20.96
CA LYS B 429 15.85 -34.92 19.96
C LYS B 429 14.98 -36.16 19.83
N LYS B 430 14.51 -36.69 20.95
CA LYS B 430 13.58 -37.81 21.03
C LYS B 430 12.24 -37.52 20.38
N ALA B 431 11.88 -36.29 20.09
CA ALA B 431 10.73 -35.96 19.26
C ALA B 431 11.10 -35.75 17.79
N LEU B 432 12.16 -35.00 17.48
CA LEU B 432 12.55 -34.78 16.08
C LEU B 432 12.86 -36.09 15.34
N LEU B 433 13.37 -37.08 16.04
CA LEU B 433 13.55 -38.43 15.50
C LEU B 433 12.21 -39.04 15.06
N LEU B 434 11.12 -38.85 15.81
CA LEU B 434 9.81 -39.33 15.40
C LEU B 434 9.33 -38.63 14.14
N LEU B 435 9.69 -37.37 13.96
CA LEU B 435 9.43 -36.62 12.75
C LEU B 435 10.23 -37.13 11.53
N LEU B 436 11.29 -37.91 11.70
CA LEU B 436 11.96 -38.60 10.61
C LEU B 436 11.21 -39.87 10.18
N VAL B 437 10.87 -40.74 11.12
CA VAL B 437 10.14 -41.97 10.76
C VAL B 437 8.70 -41.70 10.38
N GLY B 438 8.05 -40.68 10.95
CA GLY B 438 6.65 -40.35 10.71
C GLY B 438 5.67 -41.38 11.28
N GLY B 439 4.39 -41.04 11.36
CA GLY B 439 3.33 -41.99 11.64
C GLY B 439 2.96 -42.76 10.38
N VAL B 440 1.72 -43.22 10.26
CA VAL B 440 1.23 -43.93 9.08
C VAL B 440 0.16 -43.10 8.35
N ASP B 441 0.36 -42.87 7.03
CA ASP B 441 -0.66 -42.31 6.14
C ASP B 441 -1.76 -43.32 5.90
N LYS B 442 -3.04 -42.91 6.01
CA LYS B 442 -4.13 -43.87 6.00
C LYS B 442 -5.26 -43.48 5.08
N ARG B 443 -5.36 -44.14 3.94
CA ARG B 443 -6.57 -44.18 3.10
C ARG B 443 -7.59 -45.12 3.72
N VAL B 444 -8.85 -44.74 3.71
CA VAL B 444 -9.98 -45.51 4.21
C VAL B 444 -10.73 -46.07 3.00
N GLY B 445 -11.17 -47.32 3.01
CA GLY B 445 -11.96 -47.87 1.90
C GLY B 445 -13.27 -47.10 1.62
N ASP B 446 -13.79 -46.42 2.65
CA ASP B 446 -14.87 -45.43 2.58
C ASP B 446 -14.47 -44.09 1.92
N GLY B 447 -13.32 -43.98 1.27
CA GLY B 447 -12.92 -42.82 0.46
C GLY B 447 -12.27 -41.65 1.19
N MET B 448 -12.20 -41.65 2.51
CA MET B 448 -11.48 -40.66 3.34
C MET B 448 -9.99 -40.99 3.42
N LYS B 449 -9.09 -39.99 3.55
CA LYS B 449 -7.67 -40.21 3.91
C LYS B 449 -7.15 -39.32 5.04
N ILE B 450 -6.32 -39.84 5.94
CA ILE B 450 -5.76 -39.13 7.08
C ILE B 450 -4.24 -39.14 7.00
N ARG B 451 -3.62 -38.06 7.50
CA ARG B 451 -2.20 -37.73 7.40
C ARG B 451 -1.27 -38.70 8.12
N GLY B 452 -0.12 -39.03 7.51
CA GLY B 452 0.95 -39.73 8.22
C GLY B 452 2.17 -38.89 8.57
N ASP B 453 2.39 -37.74 7.93
CA ASP B 453 3.43 -36.78 8.32
C ASP B 453 3.20 -36.18 9.72
N ILE B 454 4.22 -36.11 10.57
CA ILE B 454 4.20 -35.43 11.88
C ILE B 454 4.77 -34.02 11.76
N ASN B 455 4.10 -33.04 12.34
CA ASN B 455 4.50 -31.65 12.41
C ASN B 455 5.06 -31.32 13.80
N VAL B 456 6.19 -30.66 14.01
CA VAL B 456 6.64 -30.31 15.38
C VAL B 456 7.09 -28.88 15.48
N CYS B 457 6.74 -28.22 16.57
CA CYS B 457 7.11 -26.85 16.85
C CYS B 457 8.08 -26.78 18.02
N LEU B 458 9.20 -26.09 17.82
CA LEU B 458 10.08 -25.67 18.90
C LEU B 458 9.89 -24.17 19.11
N MET B 459 9.33 -23.80 20.24
CA MET B 459 9.11 -22.41 20.63
C MET B 459 10.12 -22.07 21.72
N GLY B 460 10.96 -21.03 21.58
CA GLY B 460 11.81 -20.75 22.73
C GLY B 460 12.63 -19.47 22.69
N ASP B 461 13.27 -19.20 23.82
CA ASP B 461 14.21 -18.10 24.01
C ASP B 461 15.31 -18.09 22.94
N PRO B 462 15.94 -16.95 22.64
CA PRO B 462 16.98 -16.86 21.62
C PRO B 462 18.33 -17.33 22.15
N GLY B 463 19.18 -17.83 21.27
CA GLY B 463 20.42 -18.52 21.57
C GLY B 463 20.23 -19.83 22.29
N VAL B 464 19.33 -20.71 21.85
CA VAL B 464 19.13 -22.05 22.43
C VAL B 464 19.28 -23.18 21.43
N ALA B 465 19.84 -22.94 20.25
CA ALA B 465 20.07 -23.91 19.21
C ALA B 465 18.77 -24.43 18.61
N LYS B 466 17.78 -23.57 18.39
CA LYS B 466 16.65 -23.90 17.54
C LYS B 466 17.16 -24.06 16.13
N SER B 467 17.82 -23.04 15.57
CA SER B 467 18.25 -23.00 14.17
C SER B 467 19.38 -23.95 13.88
N GLN B 468 20.36 -24.03 14.77
CA GLN B 468 21.42 -24.99 14.73
C GLN B 468 20.88 -26.42 14.69
N LEU B 469 19.68 -26.65 15.23
CA LEU B 469 19.04 -27.96 15.24
C LEU B 469 18.14 -28.18 14.02
N LEU B 470 17.44 -27.17 13.52
CA LEU B 470 16.74 -27.33 12.24
C LEU B 470 17.71 -27.69 11.12
N LYS B 471 18.83 -26.99 11.03
CA LYS B 471 19.86 -27.26 10.02
C LYS B 471 20.48 -28.65 10.18
N ALA B 472 20.35 -29.32 11.33
CA ALA B 472 20.84 -30.69 11.45
C ALA B 472 19.88 -31.69 10.81
N ILE B 473 18.57 -31.56 11.06
CA ILE B 473 17.55 -32.44 10.47
C ILE B 473 17.50 -32.29 8.94
N CYS B 474 17.75 -31.08 8.45
CA CYS B 474 17.97 -30.81 7.04
C CYS B 474 19.11 -31.65 6.41
N LYS B 475 20.20 -31.94 7.11
CA LYS B 475 21.29 -32.81 6.63
C LYS B 475 21.04 -34.29 6.89
N ILE B 476 20.39 -34.63 7.99
CA ILE B 476 20.13 -36.01 8.37
C ILE B 476 19.04 -36.65 7.51
N SER B 477 17.95 -35.94 7.23
CA SER B 477 16.88 -36.51 6.40
C SER B 477 17.33 -36.70 4.94
N PRO B 478 16.80 -37.69 4.22
CA PRO B 478 17.23 -37.97 2.85
C PRO B 478 16.82 -36.92 1.83
N ARG B 479 15.86 -36.03 2.16
CA ARG B 479 15.20 -35.13 1.21
C ARG B 479 14.84 -33.76 1.78
N GLY B 480 15.31 -33.41 2.96
CA GLY B 480 14.92 -32.16 3.61
C GLY B 480 15.30 -30.90 2.85
N VAL B 481 14.56 -29.82 3.01
CA VAL B 481 15.01 -28.48 2.62
C VAL B 481 14.82 -27.50 3.76
N TYR B 482 15.76 -26.55 3.82
CA TYR B 482 15.73 -25.35 4.65
C TYR B 482 15.07 -24.13 3.99
N THR B 483 14.48 -23.24 4.79
CA THR B 483 13.91 -21.93 4.40
C THR B 483 13.74 -21.04 5.65
N THR B 484 13.58 -19.73 5.53
CA THR B 484 13.40 -18.80 6.67
C THR B 484 12.13 -17.98 6.56
N GLY B 485 11.65 -17.40 7.66
CA GLY B 485 10.46 -16.58 7.71
C GLY B 485 10.50 -15.32 6.87
N LYS B 486 11.53 -14.49 6.96
CA LYS B 486 11.61 -13.23 6.20
C LYS B 486 12.00 -13.46 4.74
N GLY B 487 12.86 -14.44 4.43
CA GLY B 487 13.34 -14.71 3.09
C GLY B 487 12.32 -15.37 2.16
N SER B 488 11.14 -15.69 2.70
CA SER B 488 10.10 -16.53 2.09
C SER B 488 8.74 -15.83 1.92
N SER B 489 8.22 -15.83 0.70
CA SER B 489 6.79 -15.61 0.42
C SER B 489 6.01 -16.90 0.69
N GLY B 490 4.77 -16.81 1.16
CA GLY B 490 3.85 -17.95 1.20
C GLY B 490 3.63 -18.56 -0.18
N VAL B 491 3.76 -17.77 -1.22
CA VAL B 491 3.73 -18.16 -2.63
C VAL B 491 4.90 -19.08 -2.98
N GLY B 492 6.15 -18.60 -2.92
CA GLY B 492 7.35 -19.40 -3.21
C GLY B 492 7.60 -20.54 -2.23
N LEU B 493 6.99 -20.47 -1.03
CA LEU B 493 6.93 -21.58 -0.09
C LEU B 493 5.99 -22.69 -0.57
N THR B 494 4.85 -22.34 -1.16
CA THR B 494 3.79 -23.25 -1.60
C THR B 494 3.93 -23.65 -3.08
N ALA B 495 3.58 -22.80 -4.04
CA ALA B 495 3.88 -22.87 -5.47
C ALA B 495 3.45 -21.56 -6.15
N ALA B 496 3.99 -21.26 -7.33
CA ALA B 496 3.90 -19.92 -7.94
C ALA B 496 3.63 -19.96 -9.45
N VAL B 497 2.92 -18.94 -9.96
CA VAL B 497 2.53 -18.83 -11.38
C VAL B 497 3.48 -17.88 -12.11
N MET B 498 4.39 -18.40 -12.95
CA MET B 498 5.40 -17.49 -13.56
C MET B 498 4.88 -16.87 -14.86
N LYS B 499 4.88 -15.53 -14.99
CA LYS B 499 4.23 -14.80 -16.08
C LYS B 499 4.89 -14.98 -17.46
N ASP B 500 6.12 -14.52 -17.62
CA ASP B 500 6.76 -14.38 -18.94
C ASP B 500 8.13 -15.10 -19.03
N PRO B 501 8.19 -16.44 -18.98
CA PRO B 501 9.43 -17.18 -19.23
C PRO B 501 9.80 -17.15 -20.72
N VAL B 502 8.77 -17.13 -21.57
CA VAL B 502 8.72 -16.81 -22.99
C VAL B 502 7.24 -16.61 -23.38
N THR B 503 6.97 -15.98 -24.52
CA THR B 503 5.65 -15.89 -25.19
C THR B 503 4.49 -15.27 -24.38
N ASP B 504 4.77 -14.67 -23.22
CA ASP B 504 3.77 -14.03 -22.34
C ASP B 504 2.65 -14.97 -21.81
N GLU B 505 2.90 -16.28 -21.76
CA GLU B 505 1.99 -17.32 -21.26
C GLU B 505 2.49 -17.99 -19.96
N MET B 506 1.62 -18.02 -18.94
CA MET B 506 2.01 -18.28 -17.56
C MET B 506 2.10 -19.78 -17.24
N ILE B 507 2.93 -20.16 -16.25
CA ILE B 507 3.25 -21.58 -15.92
C ILE B 507 3.45 -21.81 -14.42
N LEU B 508 3.23 -23.01 -13.90
CA LEU B 508 3.24 -23.28 -12.47
C LEU B 508 4.52 -23.96 -11.97
N GLU B 509 5.20 -23.35 -11.00
CA GLU B 509 6.48 -23.80 -10.46
C GLU B 509 6.36 -24.09 -8.96
N GLY B 510 6.73 -25.31 -8.55
CA GLY B 510 6.61 -25.77 -7.17
C GLY B 510 7.52 -25.01 -6.22
N GLY B 511 6.98 -24.60 -5.08
CA GLY B 511 7.74 -23.95 -4.01
C GLY B 511 8.46 -24.95 -3.12
N ALA B 512 9.04 -24.46 -2.02
CA ALA B 512 9.84 -25.29 -1.13
C ALA B 512 9.09 -26.52 -0.60
N LEU B 513 7.81 -26.38 -0.26
CA LEU B 513 6.97 -27.50 0.17
C LEU B 513 6.72 -28.53 -0.93
N VAL B 514 6.87 -28.19 -2.21
CA VAL B 514 6.84 -29.19 -3.30
C VAL B 514 8.15 -29.98 -3.35
N LEU B 515 9.30 -29.33 -3.13
CA LEU B 515 10.62 -29.99 -3.14
C LEU B 515 10.73 -31.03 -2.03
N ALA B 516 10.17 -30.64 -0.88
CA ALA B 516 9.99 -31.46 0.27
C ALA B 516 8.94 -32.58 0.07
N ASP B 517 8.52 -32.88 -1.17
CA ASP B 517 7.87 -34.13 -1.57
C ASP B 517 8.56 -35.31 -0.89
N ASN B 518 7.80 -36.07 -0.11
CA ASN B 518 8.28 -37.24 0.63
C ASN B 518 9.51 -36.92 1.49
N GLY B 519 9.58 -35.68 1.99
CA GLY B 519 10.69 -35.12 2.73
C GLY B 519 10.24 -34.06 3.72
N ILE B 520 11.16 -33.16 4.08
CA ILE B 520 11.01 -32.21 5.18
C ILE B 520 11.15 -30.79 4.68
N CYS B 521 10.37 -29.87 5.21
CA CYS B 521 10.64 -28.46 5.14
C CYS B 521 10.85 -27.90 6.55
N CYS B 522 12.03 -27.35 6.79
CA CYS B 522 12.42 -26.54 7.92
C CYS B 522 12.09 -25.08 7.63
N ILE B 523 11.05 -24.64 8.34
CA ILE B 523 10.59 -23.27 8.39
C ILE B 523 11.24 -22.61 9.58
N ASP B 524 12.37 -21.94 9.36
CA ASP B 524 12.98 -21.25 10.48
C ASP B 524 12.37 -19.85 10.70
N GLU B 525 12.46 -19.34 11.91
CA GLU B 525 11.91 -18.06 12.38
C GLU B 525 10.48 -17.75 11.91
N PHE B 526 9.64 -18.76 12.04
CA PHE B 526 8.21 -18.84 11.79
C PHE B 526 7.37 -17.73 12.43
N ASP B 527 7.86 -17.16 13.51
CA ASP B 527 7.30 -15.97 14.14
C ASP B 527 7.29 -14.72 13.23
N LYS B 528 8.36 -14.48 12.46
CA LYS B 528 8.65 -13.26 11.70
C LYS B 528 8.14 -13.32 10.26
N MET B 529 7.47 -14.40 9.93
CA MET B 529 6.64 -14.59 8.76
C MET B 529 5.37 -13.74 8.88
N ASP B 530 4.94 -13.11 7.79
CA ASP B 530 3.71 -12.33 7.73
C ASP B 530 2.49 -13.26 7.89
N GLU B 531 1.44 -12.88 8.60
CA GLU B 531 0.31 -13.78 8.84
C GLU B 531 -0.38 -14.24 7.54
N SER B 532 -0.39 -13.42 6.50
CA SER B 532 -0.92 -13.83 5.20
C SER B 532 -0.07 -14.92 4.55
N ASP B 533 1.24 -14.93 4.82
CA ASP B 533 2.14 -15.99 4.38
C ASP B 533 2.01 -17.22 5.27
N ARG B 534 1.90 -17.06 6.59
CA ARG B 534 1.80 -18.18 7.55
C ARG B 534 0.51 -18.95 7.39
N THR B 535 -0.60 -18.26 7.17
CA THR B 535 -1.90 -18.90 6.88
C THR B 535 -1.93 -19.70 5.59
N ALA B 536 -0.91 -19.60 4.73
CA ALA B 536 -0.80 -20.45 3.56
C ALA B 536 -0.41 -21.90 3.88
N ILE B 537 0.07 -22.24 5.09
CA ILE B 537 0.47 -23.61 5.40
C ILE B 537 -0.59 -24.47 6.10
N HIS B 538 -1.68 -23.90 6.63
CA HIS B 538 -2.80 -24.69 7.17
C HIS B 538 -3.28 -25.75 6.18
N GLU B 539 -3.28 -25.36 4.90
CA GLU B 539 -3.68 -26.15 3.77
C GLU B 539 -2.89 -27.43 3.62
N VAL B 540 -1.62 -27.46 4.07
CA VAL B 540 -0.66 -28.54 3.79
C VAL B 540 -0.28 -29.34 5.02
N MET B 541 -0.41 -28.76 6.21
CA MET B 541 -0.05 -29.41 7.46
C MET B 541 -1.00 -30.53 7.86
N GLU B 542 -2.23 -30.54 7.37
CA GLU B 542 -3.25 -31.50 7.80
C GLU B 542 -3.83 -32.30 6.62
N GLN B 543 -4.64 -31.67 5.79
CA GLN B 543 -4.91 -32.19 4.48
C GLN B 543 -3.59 -32.10 3.70
N GLN B 544 -3.16 -33.15 3.00
CA GLN B 544 -1.80 -33.20 2.48
C GLN B 544 -1.57 -32.27 1.28
N THR B 545 -2.59 -32.08 0.45
CA THR B 545 -2.50 -31.54 -0.91
C THR B 545 -2.35 -30.03 -0.97
N ILE B 546 -2.07 -29.48 -2.14
CA ILE B 546 -2.07 -28.03 -2.46
C ILE B 546 -3.05 -27.75 -3.62
N SER B 547 -3.63 -26.56 -3.68
CA SER B 547 -4.48 -26.17 -4.82
C SER B 547 -4.27 -24.73 -5.26
N ILE B 548 -4.21 -24.45 -6.57
CA ILE B 548 -4.02 -23.10 -7.12
C ILE B 548 -4.99 -22.83 -8.28
N SER B 549 -5.59 -21.63 -8.28
CA SER B 549 -6.51 -21.14 -9.30
C SER B 549 -6.16 -19.69 -9.61
N LYS B 550 -5.21 -19.46 -10.50
CA LYS B 550 -4.78 -18.11 -10.95
C LYS B 550 -4.51 -18.07 -12.43
N ALA B 551 -4.81 -16.95 -13.08
CA ALA B 551 -4.45 -16.66 -14.47
C ALA B 551 -4.50 -17.85 -15.45
N GLY B 552 -5.67 -18.45 -15.63
CA GLY B 552 -5.87 -19.57 -16.57
C GLY B 552 -5.25 -20.90 -16.13
N ILE B 553 -4.44 -20.92 -15.07
CA ILE B 553 -3.92 -22.12 -14.46
C ILE B 553 -4.85 -22.50 -13.33
N ASN B 554 -5.43 -23.68 -13.41
CA ASN B 554 -6.22 -24.26 -12.35
C ASN B 554 -5.73 -25.67 -12.11
N THR B 555 -5.14 -25.92 -10.94
CA THR B 555 -4.24 -27.07 -10.71
C THR B 555 -4.21 -27.50 -9.25
N THR B 556 -3.99 -28.78 -9.00
CA THR B 556 -3.49 -29.31 -7.73
C THR B 556 -2.04 -29.76 -7.88
N LEU B 557 -1.32 -29.87 -6.77
CA LEU B 557 0.06 -30.36 -6.69
C LEU B 557 0.17 -31.35 -5.53
N ASN B 558 0.81 -32.49 -5.72
CA ASN B 558 0.65 -33.61 -4.78
C ASN B 558 1.36 -33.34 -3.45
N ALA B 559 2.57 -32.77 -3.44
CA ALA B 559 3.11 -31.96 -2.34
C ALA B 559 3.07 -32.55 -0.90
N ARG B 560 3.27 -33.86 -0.76
CA ARG B 560 3.29 -34.55 0.54
C ARG B 560 4.53 -34.18 1.34
N THR B 561 4.40 -33.60 2.52
CA THR B 561 5.57 -33.12 3.27
C THR B 561 5.36 -32.91 4.76
N SER B 562 6.47 -32.91 5.49
CA SER B 562 6.53 -32.67 6.93
C SER B 562 7.12 -31.30 7.25
N ILE B 563 6.55 -30.65 8.28
CA ILE B 563 6.94 -29.32 8.74
C ILE B 563 7.64 -29.37 10.10
N LEU B 564 8.83 -28.79 10.15
CA LEU B 564 9.57 -28.51 11.37
C LEU B 564 9.71 -27.01 11.50
N ALA B 565 8.84 -26.34 12.24
CA ALA B 565 8.90 -24.89 12.39
C ALA B 565 9.82 -24.51 13.55
N ALA B 566 10.36 -23.29 13.56
CA ALA B 566 11.02 -22.72 14.73
C ALA B 566 10.67 -21.25 14.94
N ALA B 567 10.54 -20.83 16.20
CA ALA B 567 10.02 -19.53 16.57
C ALA B 567 10.51 -19.07 17.95
N ASN B 568 10.43 -17.76 18.18
CA ASN B 568 10.57 -17.12 19.48
C ASN B 568 9.21 -16.59 19.93
N PRO B 569 8.87 -16.62 21.23
CA PRO B 569 7.69 -15.97 21.75
C PRO B 569 7.56 -14.51 21.35
N LEU B 570 6.36 -13.96 21.49
CA LEU B 570 6.13 -12.53 21.42
C LEU B 570 7.02 -11.80 22.45
N TYR B 571 7.52 -10.62 22.09
CA TYR B 571 8.53 -9.89 22.87
C TYR B 571 9.90 -10.58 22.96
N GLY B 572 10.24 -11.43 21.99
CA GLY B 572 11.60 -11.95 21.79
C GLY B 572 12.04 -13.07 22.72
N ARG B 573 11.61 -13.08 23.98
CA ARG B 573 11.84 -14.16 24.94
C ARG B 573 10.61 -14.40 25.79
N TYR B 574 10.44 -15.62 26.27
CA TYR B 574 9.26 -16.05 26.99
C TYR B 574 9.07 -15.19 28.24
N ASN B 575 7.86 -14.70 28.47
CA ASN B 575 7.50 -13.87 29.61
C ASN B 575 6.50 -14.61 30.53
N PRO B 576 6.91 -15.05 31.72
CA PRO B 576 6.04 -15.71 32.68
C PRO B 576 4.82 -14.91 33.17
N ARG B 577 4.81 -13.58 32.99
CA ARG B 577 3.65 -12.76 33.38
C ARG B 577 2.44 -13.00 32.49
N LEU B 578 2.66 -13.31 31.22
CA LEU B 578 1.63 -13.60 30.23
C LEU B 578 1.31 -15.09 30.14
N SER B 579 0.20 -15.47 29.51
CA SER B 579 -0.16 -16.87 29.32
C SER B 579 0.78 -17.59 28.34
N PRO B 580 0.84 -18.93 28.34
CA PRO B 580 1.54 -19.65 27.28
C PRO B 580 1.05 -19.25 25.89
N LEU B 581 -0.25 -19.09 25.66
CA LEU B 581 -0.77 -18.65 24.36
C LEU B 581 -0.38 -17.22 23.98
N ASP B 582 -0.37 -16.27 24.90
CA ASP B 582 0.08 -14.90 24.63
C ASP B 582 1.56 -14.83 24.22
N ASN B 583 2.36 -15.73 24.78
CA ASN B 583 3.75 -15.91 24.41
C ASN B 583 3.86 -16.58 23.04
N ILE B 584 3.17 -17.69 22.82
CA ILE B 584 3.21 -18.48 21.58
C ILE B 584 2.75 -17.66 20.38
N ASN B 585 1.65 -16.92 20.57
CA ASN B 585 1.10 -15.98 19.64
C ASN B 585 0.81 -16.56 18.25
N LEU B 586 0.37 -17.81 18.20
CA LEU B 586 -0.11 -18.50 17.02
C LEU B 586 -1.62 -18.60 17.10
N PRO B 587 -2.36 -18.37 16.00
CA PRO B 587 -3.79 -18.57 15.99
C PRO B 587 -4.09 -20.05 16.20
N ALA B 588 -5.22 -20.32 16.79
CA ALA B 588 -5.59 -21.67 17.21
C ALA B 588 -5.64 -22.72 16.09
N ALA B 589 -6.15 -22.40 14.90
CA ALA B 589 -6.13 -23.37 13.80
C ALA B 589 -4.72 -23.70 13.35
N LEU B 590 -3.75 -22.82 13.51
CA LEU B 590 -2.37 -23.12 13.21
C LEU B 590 -1.74 -23.94 14.31
N LEU B 591 -2.03 -23.57 15.55
CA LEU B 591 -1.51 -24.32 16.70
C LEU B 591 -2.00 -25.77 16.68
N SER B 592 -3.24 -25.98 16.27
CA SER B 592 -3.88 -27.29 16.06
C SER B 592 -3.10 -28.20 15.12
N ARG B 593 -2.33 -27.68 14.19
CA ARG B 593 -1.72 -28.53 13.19
C ARG B 593 -0.44 -29.18 13.69
N PHE B 594 0.14 -28.72 14.79
CA PHE B 594 1.34 -29.28 15.38
C PHE B 594 1.05 -30.50 16.23
N ASP B 595 1.64 -31.64 15.87
CA ASP B 595 1.55 -32.79 16.76
C ASP B 595 2.30 -32.56 18.08
N ILE B 596 3.33 -31.70 18.18
CA ILE B 596 3.91 -31.29 19.49
C ILE B 596 4.37 -29.85 19.48
N LEU B 597 4.17 -29.12 20.58
CA LEU B 597 4.83 -27.84 20.82
C LEU B 597 5.71 -27.90 22.08
N PHE B 598 6.98 -28.28 21.93
CA PHE B 598 8.07 -28.00 22.86
C PHE B 598 8.25 -26.53 23.13
N LEU B 599 7.88 -26.16 24.35
CA LEU B 599 8.20 -24.89 24.92
C LEU B 599 9.53 -25.02 25.66
N MET B 600 10.63 -24.80 24.95
CA MET B 600 11.98 -24.88 25.51
C MET B 600 12.49 -23.48 25.91
N LEU B 601 13.08 -23.38 27.08
CA LEU B 601 13.36 -22.14 27.81
C LEU B 601 14.81 -22.08 28.27
N ASP B 602 15.42 -20.90 28.41
CA ASP B 602 16.85 -20.72 28.71
C ASP B 602 17.14 -20.26 30.15
N ILE B 603 16.58 -20.92 31.16
CA ILE B 603 16.68 -20.50 32.56
C ILE B 603 18.12 -20.70 33.10
N PRO B 604 18.81 -19.66 33.60
CA PRO B 604 20.17 -19.78 34.14
C PRO B 604 20.31 -20.80 35.27
N SER B 605 21.49 -21.41 35.44
CA SER B 605 21.81 -22.21 36.63
C SER B 605 23.31 -22.43 36.78
N ARG B 606 23.87 -22.22 37.97
CA ARG B 606 25.30 -22.33 38.26
C ARG B 606 25.84 -23.72 37.93
N ASP B 607 25.05 -24.76 38.12
CA ASP B 607 25.44 -26.11 37.67
C ASP B 607 25.22 -26.35 36.18
N ASP B 608 24.05 -26.00 35.65
CA ASP B 608 23.67 -26.44 34.31
C ASP B 608 24.45 -25.74 33.20
N ASP B 609 24.80 -24.47 33.41
CA ASP B 609 25.66 -23.69 32.53
C ASP B 609 27.13 -24.09 32.61
N GLU B 610 27.63 -24.55 33.74
CA GLU B 610 28.95 -25.21 33.79
C GLU B 610 28.96 -26.50 32.99
N LYS B 611 27.95 -27.37 33.15
CA LYS B 611 27.86 -28.59 32.34
C LYS B 611 27.80 -28.30 30.84
N LEU B 612 27.10 -27.24 30.43
CA LEU B 612 27.04 -26.83 29.03
C LEU B 612 28.40 -26.37 28.54
N ALA B 613 29.07 -25.43 29.22
CA ALA B 613 30.29 -24.86 28.70
C ALA B 613 31.43 -25.89 28.64
N GLU B 614 31.46 -26.84 29.57
CA GLU B 614 32.43 -27.93 29.56
C GLU B 614 32.29 -28.83 28.32
N HIS B 615 31.06 -29.00 27.81
CA HIS B 615 30.79 -29.65 26.53
C HIS B 615 31.21 -28.75 25.39
N VAL B 616 30.62 -27.57 25.26
CA VAL B 616 30.79 -26.72 24.07
C VAL B 616 32.23 -26.34 23.80
N THR B 617 33.03 -26.04 24.83
CA THR B 617 34.44 -25.74 24.65
C THR B 617 35.21 -26.93 24.09
N TYR B 618 34.81 -28.16 24.39
CA TYR B 618 35.44 -29.34 23.81
C TYR B 618 35.26 -29.37 22.30
N VAL B 619 34.07 -29.05 21.80
CA VAL B 619 33.69 -29.05 20.38
C VAL B 619 34.32 -27.90 19.58
N HIS B 620 34.99 -26.96 20.25
CA HIS B 620 35.92 -26.02 19.63
C HIS B 620 37.37 -26.49 19.70
N MET B 621 37.77 -27.16 20.77
CA MET B 621 39.11 -27.70 20.98
C MET B 621 39.41 -28.94 20.11
N HIS B 622 38.37 -29.68 19.76
CA HIS B 622 38.39 -30.83 18.84
C HIS B 622 37.13 -30.74 17.97
N ASN B 623 37.11 -31.28 16.76
CA ASN B 623 35.83 -31.43 16.05
C ASN B 623 34.89 -32.46 16.69
N LYS B 624 35.41 -33.45 17.42
CA LYS B 624 34.64 -34.51 18.09
C LYS B 624 33.60 -33.95 19.07
N GLN B 625 32.51 -34.69 19.27
CA GLN B 625 31.67 -34.63 20.47
C GLN B 625 32.49 -35.00 21.73
N PRO B 626 32.10 -34.63 22.96
CA PRO B 626 33.04 -34.54 24.07
C PRO B 626 33.51 -35.84 24.73
N ASP B 627 32.75 -36.93 24.71
CA ASP B 627 32.87 -37.96 25.74
C ASP B 627 32.27 -39.32 25.33
N PHE B 630 29.60 -43.11 25.50
CA PHE B 630 28.75 -42.95 24.36
C PHE B 630 29.53 -42.83 23.04
N THR B 631 29.00 -43.40 21.98
CA THR B 631 29.39 -43.15 20.59
C THR B 631 28.16 -43.07 19.70
N PRO B 632 28.04 -42.07 18.81
CA PRO B 632 26.88 -41.91 17.95
C PRO B 632 26.88 -42.88 16.78
N VAL B 633 25.83 -42.84 15.97
CA VAL B 633 25.83 -43.40 14.61
C VAL B 633 25.98 -42.28 13.58
N GLU B 634 26.87 -42.47 12.60
CA GLU B 634 27.08 -41.53 11.52
C GLU B 634 25.87 -41.45 10.56
N PRO B 635 25.57 -40.29 9.93
CA PRO B 635 24.31 -40.05 9.22
C PRO B 635 23.92 -41.10 8.18
N SER B 636 24.85 -41.56 7.36
CA SER B 636 24.57 -42.55 6.33
C SER B 636 24.18 -43.90 6.91
N LYS B 637 24.64 -44.25 8.12
CA LYS B 637 24.18 -45.42 8.85
C LYS B 637 22.85 -45.16 9.55
N MET B 638 22.58 -43.94 9.99
CA MET B 638 21.27 -43.55 10.51
C MET B 638 20.18 -43.64 9.45
N ARG B 639 20.39 -43.03 8.28
CA ARG B 639 19.45 -43.09 7.15
C ARG B 639 19.15 -44.53 6.73
N GLU B 640 20.18 -45.37 6.68
CA GLU B 640 20.06 -46.79 6.37
C GLU B 640 19.19 -47.55 7.39
N TYR B 641 19.11 -47.09 8.63
CA TYR B 641 18.16 -47.61 9.62
C TYR B 641 16.77 -47.02 9.47
N ILE B 642 16.65 -45.70 9.40
CA ILE B 642 15.37 -45.00 9.34
C ILE B 642 14.60 -45.39 8.06
N ALA B 643 15.25 -45.46 6.92
CA ALA B 643 14.61 -45.89 5.68
C ALA B 643 14.16 -47.35 5.71
N TYR B 644 14.75 -48.18 6.55
CA TYR B 644 14.23 -49.53 6.80
C TYR B 644 12.98 -49.45 7.65
N ALA B 645 13.05 -48.72 8.75
CA ALA B 645 11.96 -48.56 9.70
C ALA B 645 10.70 -47.98 9.06
N LYS B 646 10.86 -47.02 8.13
CA LYS B 646 9.75 -46.38 7.41
C LYS B 646 8.88 -47.34 6.60
N THR B 647 9.33 -48.56 6.33
CA THR B 647 8.54 -49.57 5.63
C THR B 647 7.57 -50.36 6.50
N LYS B 648 7.58 -50.26 7.83
CA LYS B 648 6.98 -51.31 8.69
C LYS B 648 5.49 -51.16 9.03
N ARG B 649 4.85 -50.02 8.74
CA ARG B 649 3.40 -49.74 8.90
C ARG B 649 2.73 -50.41 10.13
N PRO B 650 3.11 -50.06 11.37
CA PRO B 650 2.64 -50.76 12.57
C PRO B 650 1.17 -50.44 12.85
N VAL B 651 0.33 -51.47 12.77
CA VAL B 651 -1.11 -51.43 13.06
C VAL B 651 -1.39 -51.25 14.57
N MET B 652 -2.53 -50.69 14.96
CA MET B 652 -2.93 -50.61 16.37
C MET B 652 -3.46 -51.96 16.88
N SER B 653 -3.84 -52.01 18.16
CA SER B 653 -4.53 -53.14 18.77
C SER B 653 -5.48 -52.69 19.89
N GLU B 654 -6.51 -53.47 20.15
CA GLU B 654 -7.73 -53.05 20.84
C GLU B 654 -7.47 -52.59 22.28
N ALA B 655 -6.69 -53.34 23.04
CA ALA B 655 -6.35 -52.96 24.41
C ALA B 655 -5.47 -51.70 24.46
N VAL B 656 -4.88 -51.29 23.33
CA VAL B 656 -4.15 -50.03 23.17
C VAL B 656 -5.07 -48.90 22.75
N ASN B 657 -6.00 -49.15 21.83
CA ASN B 657 -7.08 -48.22 21.48
C ASN B 657 -7.87 -47.80 22.72
N ASP B 658 -8.30 -48.77 23.54
CA ASP B 658 -9.05 -48.52 24.77
C ASP B 658 -8.29 -47.62 25.75
N TYR B 659 -6.97 -47.66 25.72
CA TYR B 659 -6.11 -46.86 26.59
C TYR B 659 -5.89 -45.45 26.06
N VAL B 660 -5.61 -45.29 24.76
CA VAL B 660 -5.43 -43.94 24.19
C VAL B 660 -6.73 -43.14 24.21
N VAL B 661 -7.90 -43.78 24.13
CA VAL B 661 -9.19 -43.11 24.33
C VAL B 661 -9.25 -42.43 25.69
N GLN B 662 -8.96 -43.15 26.77
CA GLN B 662 -9.00 -42.58 28.13
C GLN B 662 -8.05 -41.38 28.28
N ALA B 663 -6.89 -41.44 27.63
CA ALA B 663 -5.94 -40.35 27.67
C ALA B 663 -6.45 -39.09 26.95
N TYR B 664 -7.22 -39.25 25.89
CA TYR B 664 -7.83 -38.12 25.19
C TYR B 664 -8.96 -37.47 25.99
N ILE B 665 -9.77 -38.26 26.70
CA ILE B 665 -10.80 -37.68 27.57
C ILE B 665 -10.15 -36.82 28.64
N ARG B 666 -9.15 -37.34 29.36
CA ARG B 666 -8.40 -36.62 30.38
C ARG B 666 -7.76 -35.33 29.85
N LEU B 667 -7.26 -35.31 28.62
CA LEU B 667 -6.70 -34.10 28.00
C LEU B 667 -7.75 -33.05 27.67
N ARG B 668 -8.94 -33.44 27.22
CA ARG B 668 -10.02 -32.49 26.94
C ARG B 668 -10.73 -32.04 28.20
N GLN B 669 -10.86 -32.88 29.22
CA GLN B 669 -11.30 -32.45 30.53
C GLN B 669 -10.35 -31.42 31.13
N ASP B 670 -9.03 -31.66 31.07
CA ASP B 670 -8.04 -30.64 31.44
C ASP B 670 -8.21 -29.35 30.65
N SER B 671 -8.45 -29.43 29.34
CA SER B 671 -8.67 -28.24 28.51
C SER B 671 -9.93 -27.47 28.89
N LYS B 672 -11.00 -28.16 29.29
CA LYS B 672 -12.25 -27.59 29.81
C LYS B 672 -11.98 -26.79 31.10
N ARG B 673 -11.24 -27.34 32.05
CA ARG B 673 -11.01 -26.70 33.35
C ARG B 673 -9.84 -25.71 33.38
N GLU B 674 -8.76 -25.97 32.66
CA GLU B 674 -7.49 -25.24 32.80
C GLU B 674 -7.34 -24.10 31.76
N MET B 675 -8.45 -23.51 31.33
CA MET B 675 -8.50 -22.23 30.59
C MET B 675 -8.01 -21.03 31.39
N ASP B 676 -7.70 -21.22 32.68
CA ASP B 676 -7.01 -20.26 33.53
C ASP B 676 -5.64 -19.89 32.92
N SER B 677 -5.51 -18.61 32.57
CA SER B 677 -4.53 -18.10 31.60
C SER B 677 -3.09 -18.52 31.88
N LYS B 678 -2.64 -18.51 33.14
CA LYS B 678 -1.26 -18.86 33.52
C LYS B 678 -0.86 -20.28 33.10
N PHE B 679 -1.81 -21.15 32.79
CA PHE B 679 -1.64 -22.57 32.49
C PHE B 679 -2.18 -22.98 31.11
N SER B 680 -2.97 -22.14 30.43
CA SER B 680 -3.66 -22.53 29.20
C SER B 680 -2.74 -22.70 28.00
N PHE B 681 -2.77 -23.89 27.38
CA PHE B 681 -2.19 -24.18 26.06
C PHE B 681 -3.27 -24.27 24.98
N GLY B 682 -4.40 -23.59 25.16
CA GLY B 682 -5.55 -23.74 24.29
C GLY B 682 -6.27 -25.06 24.52
N GLN B 683 -7.27 -25.32 23.72
CA GLN B 683 -8.12 -26.48 23.82
C GLN B 683 -7.56 -27.65 23.01
N ALA B 684 -7.53 -28.84 23.58
CA ALA B 684 -7.16 -30.07 22.87
C ALA B 684 -8.28 -30.53 21.92
N THR B 685 -7.93 -31.18 20.82
CA THR B 685 -8.83 -31.44 19.67
C THR B 685 -8.56 -32.79 19.01
N PRO B 686 -9.45 -33.30 18.14
CA PRO B 686 -9.22 -34.53 17.39
C PRO B 686 -7.88 -34.57 16.63
N ARG B 687 -7.36 -33.44 16.12
CA ARG B 687 -6.01 -33.45 15.56
C ARG B 687 -4.95 -33.89 16.56
N THR B 688 -5.11 -33.58 17.84
CA THR B 688 -4.20 -34.06 18.89
C THR B 688 -4.42 -35.52 19.28
N LEU B 689 -5.62 -36.08 19.16
CA LEU B 689 -5.80 -37.53 19.31
C LEU B 689 -5.01 -38.28 18.25
N LEU B 690 -5.14 -37.82 17.00
CA LEU B 690 -4.33 -38.33 15.91
C LEU B 690 -2.84 -38.07 16.16
N GLY B 691 -2.50 -37.00 16.87
CA GLY B 691 -1.13 -36.76 17.33
C GLY B 691 -0.61 -37.90 18.20
N ILE B 692 -1.38 -38.36 19.19
CA ILE B 692 -0.98 -39.51 20.00
C ILE B 692 -0.87 -40.78 19.15
N ILE B 693 -1.77 -40.97 18.19
CA ILE B 693 -1.72 -42.13 17.31
C ILE B 693 -0.44 -42.10 16.46
N ARG B 694 -0.12 -40.98 15.80
CA ARG B 694 1.07 -40.85 14.97
C ARG B 694 2.35 -40.96 15.77
N LEU B 695 2.47 -40.26 16.88
CA LEU B 695 3.67 -40.34 17.72
C LEU B 695 3.86 -41.74 18.28
N SER B 696 2.79 -42.48 18.57
CA SER B 696 2.92 -43.84 19.04
C SER B 696 3.24 -44.83 17.91
N GLN B 697 2.73 -44.62 16.70
CA GLN B 697 3.15 -45.40 15.54
C GLN B 697 4.61 -45.15 15.18
N ALA B 698 5.11 -43.93 15.25
CA ALA B 698 6.52 -43.65 15.01
C ALA B 698 7.43 -44.44 15.97
N LEU B 699 7.11 -44.51 17.26
CA LEU B 699 7.86 -45.32 18.22
C LEU B 699 7.80 -46.81 17.88
N ALA B 700 6.67 -47.31 17.42
CA ALA B 700 6.54 -48.70 17.01
C ALA B 700 7.31 -49.01 15.73
N LYS B 701 7.52 -48.07 14.80
CA LYS B 701 8.47 -48.25 13.70
C LYS B 701 9.90 -48.38 14.22
N LEU B 702 10.35 -47.49 15.11
CA LEU B 702 11.74 -47.46 15.55
C LEU B 702 12.17 -48.74 16.27
N ARG B 703 11.28 -49.38 17.04
CA ARG B 703 11.54 -50.70 17.62
C ARG B 703 11.32 -51.85 16.63
N LEU B 704 10.98 -51.55 15.37
CA LEU B 704 10.67 -52.48 14.26
C LEU B 704 9.56 -53.50 14.55
N ALA B 705 8.50 -53.06 15.22
CA ALA B 705 7.37 -53.87 15.64
C ALA B 705 6.42 -54.25 14.50
N ASP B 706 5.65 -55.31 14.72
CA ASP B 706 4.52 -55.73 13.87
C ASP B 706 3.26 -54.89 14.15
N MET B 707 3.05 -54.48 15.39
CA MET B 707 1.94 -53.64 15.84
C MET B 707 2.33 -52.77 17.03
N VAL B 708 1.68 -51.63 17.18
CA VAL B 708 1.86 -50.75 18.34
C VAL B 708 1.50 -51.51 19.62
N ASP B 709 2.19 -51.24 20.72
CA ASP B 709 1.89 -51.79 22.04
C ASP B 709 1.87 -50.67 23.09
N ILE B 710 1.23 -50.90 24.24
CA ILE B 710 0.95 -49.86 25.24
C ILE B 710 2.22 -49.17 25.75
N ASP B 711 3.35 -49.87 25.77
CA ASP B 711 4.66 -49.30 26.06
C ASP B 711 5.10 -48.13 25.15
N ASP B 712 4.54 -48.09 23.95
CA ASP B 712 4.72 -47.02 22.97
C ASP B 712 3.69 -45.90 23.14
N VAL B 713 2.56 -46.10 23.82
CA VAL B 713 1.60 -45.01 24.05
C VAL B 713 1.99 -44.22 25.29
N GLU B 714 2.39 -44.89 26.37
CA GLU B 714 2.84 -44.19 27.57
C GLU B 714 4.10 -43.37 27.31
N GLU B 715 4.93 -43.75 26.34
CA GLU B 715 6.02 -42.87 25.88
C GLU B 715 5.53 -41.73 24.98
N ALA B 716 4.66 -41.95 24.01
CA ALA B 716 4.13 -40.89 23.15
C ALA B 716 3.42 -39.78 23.93
N LEU B 717 2.64 -40.15 24.95
CA LEU B 717 1.99 -39.17 25.84
C LEU B 717 3.01 -38.36 26.64
N ARG B 718 4.16 -38.95 26.96
CA ARG B 718 5.23 -38.29 27.72
C ARG B 718 5.82 -37.12 26.96
N LEU B 719 6.04 -37.24 25.67
CA LEU B 719 6.63 -36.15 24.91
C LEU B 719 5.67 -34.94 24.87
N VAL B 720 4.36 -35.16 24.70
CA VAL B 720 3.37 -34.09 24.72
C VAL B 720 3.35 -33.39 26.07
N ARG B 721 3.48 -34.18 27.14
CA ARG B 721 3.51 -33.71 28.53
C ARG B 721 4.78 -32.88 28.81
N VAL B 722 5.95 -33.46 28.60
CA VAL B 722 7.23 -32.84 28.92
C VAL B 722 7.42 -31.52 28.18
N SER B 723 6.85 -31.41 26.98
CA SER B 723 6.82 -30.18 26.21
C SER B 723 6.24 -29.00 26.97
N LYS B 724 5.10 -29.23 27.61
CA LYS B 724 4.38 -28.26 28.42
C LYS B 724 5.03 -28.09 29.79
N GLU B 725 5.39 -29.20 30.45
CA GLU B 725 6.08 -29.21 31.75
C GLU B 725 7.41 -28.45 31.75
N SER B 726 8.06 -28.28 30.60
CA SER B 726 9.26 -27.45 30.52
C SER B 726 9.01 -26.00 30.99
N LEU B 727 7.76 -25.50 30.89
CA LEU B 727 7.36 -24.24 31.51
C LEU B 727 7.05 -24.42 33.00
N TYR B 728 6.13 -25.33 33.34
CA TYR B 728 5.59 -25.49 34.69
C TYR B 728 6.66 -25.81 35.74
N GLN B 729 7.69 -26.56 35.36
CA GLN B 729 8.85 -26.86 36.21
C GLN B 729 9.69 -25.62 36.56
N GLU B 730 9.63 -24.57 35.73
CA GLU B 730 10.33 -23.30 35.84
C GLU B 730 11.81 -23.43 36.20
N PHE C 474 -12.91 32.93 -39.33
CA PHE C 474 -12.61 33.32 -37.95
C PHE C 474 -12.34 34.83 -37.80
N SER C 475 -11.17 35.29 -38.21
CA SER C 475 -10.59 36.64 -37.99
C SER C 475 -11.37 37.74 -38.69
N TRP C 476 -11.17 38.98 -38.23
CA TRP C 476 -11.88 40.16 -38.71
C TRP C 476 -11.47 40.60 -40.13
N THR C 477 -12.08 41.62 -40.73
CA THR C 477 -11.78 42.06 -42.10
C THR C 477 -12.01 43.56 -42.30
N GLU C 478 -11.76 44.11 -43.48
CA GLU C 478 -11.59 45.55 -43.72
C GLU C 478 -12.71 46.46 -43.19
N GLU C 479 -13.95 45.99 -43.19
CA GLU C 479 -15.08 46.71 -42.59
C GLU C 479 -15.04 46.64 -41.06
N GLU C 480 -14.76 45.45 -40.57
CA GLU C 480 -14.68 45.16 -39.15
C GLU C 480 -13.52 45.91 -38.51
N GLU C 481 -12.42 46.11 -39.23
CA GLU C 481 -11.32 46.97 -38.75
C GLU C 481 -11.85 48.31 -38.28
N ARG C 482 -12.66 48.96 -39.12
CA ARG C 482 -13.20 50.29 -38.84
C ARG C 482 -14.23 50.21 -37.75
N GLU C 483 -15.05 49.18 -37.81
CA GLU C 483 -16.06 48.91 -36.81
C GLU C 483 -15.45 48.72 -35.44
N PHE C 484 -14.29 48.09 -35.32
CA PHE C 484 -13.69 47.87 -34.03
C PHE C 484 -13.27 49.15 -33.32
N ARG C 485 -12.45 50.00 -33.94
CA ARG C 485 -12.14 51.31 -33.32
C ARG C 485 -13.37 52.22 -33.23
N LYS C 486 -14.44 51.94 -33.97
CA LYS C 486 -15.71 52.64 -33.79
C LYS C 486 -16.43 52.13 -32.55
N ILE C 487 -16.80 50.86 -32.44
CA ILE C 487 -17.47 50.32 -31.25
C ILE C 487 -16.60 50.46 -30.01
N SER C 488 -15.30 50.67 -30.18
CA SER C 488 -14.42 50.94 -29.08
C SER C 488 -14.86 52.23 -28.45
N ARG C 489 -15.32 52.08 -27.22
CA ARG C 489 -15.99 53.14 -26.47
C ARG C 489 -15.79 53.06 -24.96
N ASP C 490 -15.42 54.18 -24.34
CA ASP C 490 -15.39 54.36 -22.88
C ASP C 490 -16.78 54.18 -22.25
N ARG C 491 -17.82 54.21 -23.08
CA ARG C 491 -19.10 53.56 -22.86
C ARG C 491 -18.95 52.03 -22.92
N GLY C 492 -18.12 51.53 -22.02
CA GLY C 492 -18.20 50.17 -21.50
C GLY C 492 -17.92 49.06 -22.48
N ILE C 493 -17.07 49.26 -23.48
CA ILE C 493 -16.76 48.16 -24.38
C ILE C 493 -16.18 46.97 -23.62
N ILE C 494 -15.37 47.21 -22.59
CA ILE C 494 -14.90 46.21 -21.63
C ILE C 494 -16.07 45.48 -21.01
N ASP C 495 -17.02 46.26 -20.54
CA ASP C 495 -18.14 45.72 -19.82
C ASP C 495 -19.00 44.84 -20.73
N LYS C 496 -19.30 45.29 -21.92
CA LYS C 496 -20.06 44.47 -22.84
C LYS C 496 -19.30 43.17 -23.11
N ILE C 497 -17.98 43.16 -23.11
CA ILE C 497 -17.16 41.96 -23.18
C ILE C 497 -17.29 41.11 -21.92
N ILE C 498 -17.12 41.66 -20.72
CA ILE C 498 -17.19 40.84 -19.51
C ILE C 498 -18.57 40.24 -19.38
N SER C 499 -19.60 41.03 -19.68
CA SER C 499 -20.98 40.58 -19.70
C SER C 499 -21.20 39.42 -20.63
N SER C 500 -20.39 39.31 -21.67
CA SER C 500 -20.59 38.37 -22.74
C SER C 500 -19.89 37.04 -22.57
N MET C 501 -19.06 36.82 -21.56
CA MET C 501 -18.47 35.50 -21.41
C MET C 501 -19.53 34.48 -21.05
N ALA C 502 -19.63 33.40 -21.80
CA ALA C 502 -20.64 32.36 -21.64
C ALA C 502 -22.02 32.93 -21.25
N PRO C 503 -22.70 33.66 -22.13
CA PRO C 503 -23.86 34.44 -21.81
C PRO C 503 -24.96 33.63 -21.12
N SER C 504 -25.03 32.33 -21.37
CA SER C 504 -25.99 31.42 -20.76
C SER C 504 -25.57 30.85 -19.40
N ILE C 505 -24.67 31.49 -18.68
CA ILE C 505 -24.41 31.25 -17.25
C ILE C 505 -24.73 32.53 -16.46
N TYR C 506 -25.57 32.45 -15.44
CA TYR C 506 -26.06 33.56 -14.63
C TYR C 506 -25.06 33.98 -13.56
N GLY C 507 -25.05 35.26 -13.15
CA GLY C 507 -24.22 35.71 -12.03
C GLY C 507 -22.75 35.51 -12.38
N HIS C 508 -21.89 35.32 -11.37
CA HIS C 508 -20.49 34.89 -11.54
C HIS C 508 -19.67 35.72 -12.55
N ARG C 509 -20.06 36.96 -12.74
CA ARG C 509 -19.33 38.03 -13.44
C ARG C 509 -17.87 38.07 -13.03
N ASP C 510 -17.53 37.86 -11.78
CA ASP C 510 -16.14 37.78 -11.36
C ASP C 510 -15.34 36.76 -12.17
N ILE C 511 -15.90 35.59 -12.44
CA ILE C 511 -15.24 34.58 -13.26
C ILE C 511 -15.18 34.99 -14.74
N LYS C 512 -16.27 35.57 -15.20
CA LYS C 512 -16.30 36.19 -16.51
C LYS C 512 -15.20 37.26 -16.64
N THR C 513 -14.93 38.02 -15.59
CA THR C 513 -13.91 39.08 -15.61
C THR C 513 -12.56 38.49 -15.92
N ALA C 514 -12.29 37.37 -15.28
CA ALA C 514 -11.03 36.68 -15.41
C ALA C 514 -10.89 36.02 -16.79
N VAL C 515 -11.89 35.23 -17.18
CA VAL C 515 -11.85 34.54 -18.44
C VAL C 515 -11.66 35.53 -19.57
N ALA C 516 -12.27 36.72 -19.50
CA ALA C 516 -11.93 37.80 -20.41
C ALA C 516 -10.43 38.12 -20.37
N CYS C 517 -9.84 38.38 -19.21
CA CYS C 517 -8.41 38.65 -19.13
C CYS C 517 -7.57 37.50 -19.66
N SER C 518 -7.93 36.27 -19.37
CA SER C 518 -7.17 35.12 -19.80
C SER C 518 -7.23 34.95 -21.31
N LEU C 519 -8.35 35.33 -21.93
CA LEU C 519 -8.48 35.36 -23.38
C LEU C 519 -7.63 36.49 -23.95
N PHE C 520 -7.75 37.69 -23.42
CA PHE C 520 -7.07 38.82 -24.00
C PHE C 520 -5.56 38.78 -23.72
N GLY C 521 -5.11 38.18 -22.63
CA GLY C 521 -3.71 38.02 -22.23
C GLY C 521 -2.97 39.32 -21.91
N GLY C 522 -1.80 39.26 -21.29
CA GLY C 522 -0.82 40.37 -21.24
C GLY C 522 0.10 40.34 -22.47
N VAL C 523 1.20 41.07 -22.48
CA VAL C 523 2.20 41.06 -23.58
C VAL C 523 3.52 40.52 -23.09
N PRO C 524 4.14 39.49 -23.69
CA PRO C 524 5.41 39.06 -23.11
C PRO C 524 6.53 40.06 -23.41
N LYS C 525 7.43 40.29 -22.44
CA LYS C 525 8.65 41.08 -22.60
C LYS C 525 9.88 40.20 -22.41
N ASN C 526 10.97 40.52 -23.08
CA ASN C 526 12.19 39.72 -23.07
C ASN C 526 13.29 40.29 -22.16
N VAL C 527 14.35 39.52 -21.93
CA VAL C 527 15.47 39.90 -21.04
C VAL C 527 16.12 41.24 -21.37
N SER C 532 12.35 37.53 -20.24
CA SER C 532 11.91 36.52 -19.28
C SER C 532 10.52 36.76 -18.69
N ILE C 533 9.85 37.83 -19.10
CA ILE C 533 8.53 38.26 -18.61
C ILE C 533 7.41 37.66 -19.45
N ARG C 534 6.58 36.84 -18.82
CA ARG C 534 5.39 36.22 -19.42
C ARG C 534 4.32 37.25 -19.76
N GLY C 535 3.65 37.13 -20.90
CA GLY C 535 2.38 37.83 -21.14
C GLY C 535 1.16 36.99 -20.76
N ASP C 536 1.26 35.67 -20.81
CA ASP C 536 0.14 34.75 -20.58
C ASP C 536 -0.52 34.96 -19.22
N ILE C 537 -1.84 34.86 -19.11
CA ILE C 537 -2.60 35.05 -17.85
C ILE C 537 -3.34 33.77 -17.55
N ASN C 538 -2.75 33.01 -16.67
CA ASN C 538 -3.20 31.72 -16.21
C ASN C 538 -4.28 31.90 -15.16
N VAL C 539 -5.31 31.04 -15.10
CA VAL C 539 -6.38 31.14 -14.08
C VAL C 539 -6.81 29.79 -13.54
N LEU C 540 -7.17 29.71 -12.26
CA LEU C 540 -7.76 28.51 -11.66
C LEU C 540 -9.11 28.76 -11.03
N LEU C 541 -10.04 27.86 -11.35
CA LEU C 541 -11.41 27.85 -10.87
C LEU C 541 -11.63 26.66 -9.95
N LEU C 542 -11.53 26.91 -8.65
CA LEU C 542 -12.19 26.11 -7.64
C LEU C 542 -13.66 26.27 -7.49
N GLY C 543 -14.32 25.19 -7.06
CA GLY C 543 -15.57 25.46 -6.39
C GLY C 543 -16.40 24.33 -5.83
N ASP C 544 -17.31 24.71 -4.96
CA ASP C 544 -18.44 23.91 -4.55
C ASP C 544 -19.29 23.55 -5.78
N PRO C 545 -19.55 22.27 -6.11
CA PRO C 545 -19.99 21.86 -7.45
C PRO C 545 -21.37 22.28 -7.91
N GLY C 546 -21.61 21.94 -9.17
CA GLY C 546 -22.70 22.37 -10.01
C GLY C 546 -22.69 23.86 -9.99
N THR C 547 -21.69 24.42 -10.63
CA THR C 547 -21.48 25.84 -10.59
C THR C 547 -20.95 26.41 -11.90
N ALA C 548 -20.96 25.65 -12.98
CA ALA C 548 -20.71 26.20 -14.31
C ALA C 548 -19.28 26.71 -14.45
N LYS C 549 -18.41 26.26 -13.56
CA LYS C 549 -16.98 26.37 -13.84
C LYS C 549 -16.66 25.36 -14.91
N SER C 550 -17.34 24.22 -14.94
CA SER C 550 -16.96 23.19 -15.86
C SER C 550 -17.39 23.65 -17.24
N GLN C 551 -18.52 24.31 -17.32
CA GLN C 551 -19.05 24.67 -18.61
C GLN C 551 -18.47 25.98 -19.13
N ILE C 552 -17.90 26.87 -18.32
CA ILE C 552 -17.30 28.09 -18.86
C ILE C 552 -15.99 27.84 -19.61
N LEU C 553 -15.21 26.87 -19.19
CA LEU C 553 -14.14 26.28 -19.97
C LEU C 553 -14.66 25.80 -21.33
N LYS C 554 -15.71 24.98 -21.37
CA LYS C 554 -16.21 24.52 -22.65
C LYS C 554 -16.69 25.67 -23.54
N TYR C 555 -17.04 26.82 -22.99
CA TYR C 555 -17.31 28.01 -23.78
C TYR C 555 -16.06 28.59 -24.45
N VAL C 556 -14.92 28.59 -23.77
CA VAL C 556 -13.69 29.14 -24.30
C VAL C 556 -13.15 28.35 -25.49
N GLU C 557 -13.28 27.01 -25.55
CA GLU C 557 -12.79 26.20 -26.65
C GLU C 557 -13.36 26.67 -27.99
N LYS C 558 -14.58 27.21 -27.92
CA LYS C 558 -15.36 27.81 -29.00
C LYS C 558 -15.13 29.30 -29.21
N THR C 559 -14.24 29.92 -28.45
CA THR C 559 -14.07 31.37 -28.38
C THR C 559 -12.63 31.82 -28.57
N ALA C 560 -11.66 31.10 -28.00
CA ALA C 560 -10.23 31.32 -28.22
C ALA C 560 -9.82 30.90 -29.64
N HIS C 561 -8.68 31.38 -30.16
CA HIS C 561 -8.40 31.19 -31.60
C HIS C 561 -8.05 29.73 -31.96
N ARG C 562 -6.94 29.29 -31.37
CA ARG C 562 -6.49 27.98 -30.94
C ARG C 562 -6.63 27.88 -29.41
N ALA C 563 -7.05 26.73 -28.96
CA ALA C 563 -7.14 26.29 -27.58
C ALA C 563 -7.41 24.78 -27.55
N VAL C 564 -6.96 24.04 -26.54
CA VAL C 564 -7.02 22.56 -26.55
C VAL C 564 -7.72 22.08 -25.30
N PHE C 565 -8.67 21.14 -25.37
CA PHE C 565 -9.33 20.75 -24.11
C PHE C 565 -8.88 19.34 -23.73
N ALA C 566 -8.25 19.23 -22.57
CA ALA C 566 -7.65 18.02 -22.05
C ALA C 566 -8.30 17.61 -20.73
N THR C 567 -9.26 16.69 -20.79
CA THR C 567 -9.89 16.14 -19.59
C THR C 567 -8.82 15.55 -18.68
N GLY C 568 -8.77 16.00 -17.43
CA GLY C 568 -7.63 15.78 -16.54
C GLY C 568 -7.36 14.34 -16.15
N GLN C 569 -8.39 13.49 -16.12
CA GLN C 569 -8.23 12.05 -15.97
C GLN C 569 -7.98 11.32 -17.29
N GLY C 570 -8.38 11.87 -18.45
CA GLY C 570 -8.39 11.18 -19.73
C GLY C 570 -7.06 11.11 -20.48
N ALA C 571 -6.06 11.82 -19.94
CA ALA C 571 -4.74 11.99 -20.52
C ALA C 571 -3.66 11.12 -19.86
N SER C 572 -2.79 10.51 -20.68
CA SER C 572 -1.46 10.09 -20.23
C SER C 572 -0.56 11.33 -20.09
N ALA C 573 0.40 11.29 -19.18
CA ALA C 573 1.46 12.30 -19.15
C ALA C 573 2.20 12.37 -20.49
N VAL C 574 2.37 11.22 -21.16
CA VAL C 574 2.91 11.14 -22.52
C VAL C 574 2.04 11.97 -23.47
N GLY C 575 0.73 11.84 -23.39
CA GLY C 575 -0.23 12.60 -24.19
C GLY C 575 -0.24 14.09 -23.90
N LEU C 576 0.08 14.54 -22.69
CA LEU C 576 0.31 15.96 -22.44
C LEU C 576 1.64 16.45 -23.06
N THR C 577 2.64 15.59 -23.09
CA THR C 577 4.03 15.96 -23.31
C THR C 577 4.42 15.80 -24.79
N ALA C 578 4.82 14.60 -25.19
CA ALA C 578 5.24 14.21 -26.54
C ALA C 578 5.40 12.69 -26.58
N SER C 579 5.41 12.10 -27.77
CA SER C 579 5.50 10.64 -27.97
C SER C 579 6.38 10.23 -29.17
N VAL C 580 6.75 8.94 -29.31
CA VAL C 580 7.74 8.46 -30.27
C VAL C 580 7.19 7.26 -31.04
N ARG C 581 7.38 7.22 -32.36
CA ARG C 581 6.93 6.13 -33.23
C ARG C 581 7.81 6.00 -34.47
N LYS C 582 7.80 4.83 -35.10
CA LYS C 582 8.47 4.62 -36.39
C LYS C 582 7.72 5.32 -37.53
N ASP C 583 8.42 5.65 -38.61
CA ASP C 583 7.85 6.28 -39.80
C ASP C 583 7.11 5.29 -40.70
N GLU C 588 12.97 3.47 -39.64
CA GLU C 588 13.03 4.91 -39.47
C GLU C 588 12.22 5.41 -38.26
N TRP C 589 12.82 6.33 -37.49
CA TRP C 589 12.31 6.74 -36.17
C TRP C 589 12.06 8.22 -35.95
N THR C 590 11.03 8.61 -35.17
CA THR C 590 10.63 10.02 -34.95
C THR C 590 9.80 10.27 -33.68
N LEU C 591 9.61 11.55 -33.38
CA LEU C 591 8.86 12.11 -32.26
C LEU C 591 7.73 13.01 -32.79
N GLU C 592 6.64 13.15 -32.00
CA GLU C 592 5.56 14.15 -32.18
C GLU C 592 4.97 14.66 -30.84
N GLY C 593 4.36 15.85 -30.84
CA GLY C 593 3.98 16.58 -29.63
C GLY C 593 2.61 16.24 -29.03
N GLY C 594 2.44 16.66 -27.77
CA GLY C 594 1.24 16.47 -26.94
C GLY C 594 0.50 17.76 -26.58
N ALA C 595 -0.44 17.68 -25.65
CA ALA C 595 -1.40 18.75 -25.41
C ALA C 595 -0.74 20.09 -25.02
N LEU C 596 0.34 20.05 -24.27
CA LEU C 596 1.09 21.23 -23.84
C LEU C 596 2.06 21.74 -24.92
N VAL C 597 1.93 21.22 -26.14
CA VAL C 597 2.70 21.56 -27.35
C VAL C 597 1.77 22.05 -28.47
N LEU C 598 0.56 21.50 -28.53
CA LEU C 598 -0.58 22.04 -29.28
C LEU C 598 -1.10 23.37 -28.68
N ALA C 599 -0.58 23.82 -27.54
CA ALA C 599 -0.82 25.12 -26.95
C ALA C 599 0.31 26.09 -27.32
N ASP C 600 0.00 27.30 -27.78
CA ASP C 600 0.94 28.26 -28.40
C ASP C 600 0.30 29.66 -28.35
N LYS C 601 0.67 30.48 -27.37
CA LYS C 601 0.10 31.82 -27.05
C LYS C 601 -1.34 31.84 -26.57
N GLY C 602 -2.22 31.04 -27.16
CA GLY C 602 -3.62 30.92 -26.79
C GLY C 602 -3.80 30.17 -25.47
N VAL C 603 -4.90 29.41 -25.32
CA VAL C 603 -5.28 28.84 -24.02
C VAL C 603 -5.42 27.31 -24.01
N CYS C 604 -4.70 26.65 -23.11
CA CYS C 604 -4.91 25.26 -22.77
C CYS C 604 -6.09 25.16 -21.83
N LEU C 605 -7.04 24.24 -22.09
CA LEU C 605 -8.14 24.03 -21.14
C LEU C 605 -7.99 22.67 -20.44
N ILE C 606 -7.92 22.65 -19.10
CA ILE C 606 -7.63 21.46 -18.28
C ILE C 606 -8.40 21.39 -16.94
N ASP C 607 -8.47 20.21 -16.31
CA ASP C 607 -9.29 19.90 -15.12
C ASP C 607 -8.64 18.95 -14.09
N GLU C 608 -9.30 18.78 -12.94
CA GLU C 608 -9.25 17.57 -12.09
C GLU C 608 -7.92 17.26 -11.41
N PHE C 609 -7.44 18.23 -10.66
CA PHE C 609 -6.34 18.10 -9.72
C PHE C 609 -6.67 17.21 -8.51
N ASP C 614 0.01 11.52 -10.40
CA ASP C 614 0.74 12.68 -9.89
C ASP C 614 1.93 13.08 -10.79
N GLN C 615 2.56 12.16 -11.52
CA GLN C 615 3.63 12.50 -12.44
C GLN C 615 3.12 13.39 -13.59
N ASP C 616 1.87 13.17 -13.98
CA ASP C 616 1.09 14.09 -14.81
C ASP C 616 1.10 15.51 -14.22
N ARG C 617 0.82 15.60 -12.92
CA ARG C 617 0.68 16.86 -12.22
C ARG C 617 2.04 17.54 -12.13
N THR C 618 3.10 16.76 -11.87
CA THR C 618 4.44 17.29 -11.81
C THR C 618 4.92 17.84 -13.13
N SER C 619 4.44 17.34 -14.26
CA SER C 619 4.72 17.98 -15.54
C SER C 619 4.22 19.44 -15.58
N ILE C 620 3.06 19.75 -14.99
CA ILE C 620 2.65 21.16 -14.88
C ILE C 620 3.60 21.93 -13.97
N HIS C 621 4.12 21.30 -12.92
CA HIS C 621 5.06 21.95 -12.00
C HIS C 621 6.33 22.37 -12.72
N GLU C 622 6.81 21.60 -13.69
CA GLU C 622 7.91 22.05 -14.53
C GLU C 622 7.52 23.12 -15.57
N ALA C 623 6.33 22.99 -16.18
CA ALA C 623 5.89 23.89 -17.24
C ALA C 623 5.55 25.32 -16.80
N MET C 624 5.30 25.54 -15.52
CA MET C 624 4.88 26.82 -14.96
C MET C 624 5.92 27.94 -15.02
N GLU C 625 7.21 27.61 -15.02
CA GLU C 625 8.27 28.58 -14.67
C GLU C 625 8.60 29.54 -15.79
N GLN C 626 9.09 28.99 -16.89
CA GLN C 626 9.09 29.61 -18.19
C GLN C 626 8.54 28.58 -19.16
N GLN C 627 7.70 29.04 -20.07
CA GLN C 627 6.69 28.22 -20.75
C GLN C 627 7.28 27.26 -21.79
N SER C 628 8.04 26.27 -21.33
CA SER C 628 8.82 25.34 -22.11
C SER C 628 9.01 24.01 -21.39
N ILE C 629 8.78 22.93 -22.10
CA ILE C 629 9.05 21.56 -21.67
C ILE C 629 10.52 21.24 -21.97
N SER C 630 11.10 20.22 -21.34
CA SER C 630 12.28 19.54 -21.87
C SER C 630 12.09 18.02 -21.85
N ILE C 631 12.82 17.31 -22.71
CA ILE C 631 12.72 15.87 -22.85
C ILE C 631 14.11 15.26 -23.11
N SER C 632 14.25 13.95 -22.92
CA SER C 632 15.47 13.15 -23.19
C SER C 632 15.22 11.79 -23.85
N LYS C 633 13.94 11.48 -24.10
CA LYS C 633 13.39 10.38 -24.89
C LYS C 633 14.15 10.12 -26.22
N ALA C 634 14.34 8.83 -26.57
CA ALA C 634 15.05 8.42 -27.78
C ALA C 634 16.35 9.18 -28.00
N GLY C 635 17.09 9.47 -26.90
CA GLY C 635 18.35 10.22 -26.88
C GLY C 635 18.27 11.69 -27.34
N ILE C 636 17.07 12.17 -27.67
CA ILE C 636 16.81 13.50 -28.21
C ILE C 636 16.73 14.51 -27.06
N VAL C 637 17.86 14.96 -26.53
CA VAL C 637 17.86 15.97 -25.46
C VAL C 637 17.46 17.34 -26.00
N THR C 638 16.23 17.81 -25.73
CA THR C 638 15.70 19.06 -26.29
C THR C 638 14.63 19.74 -25.44
N THR C 639 14.45 21.06 -25.59
CA THR C 639 13.19 21.73 -25.25
C THR C 639 12.16 21.59 -26.37
N LEU C 640 10.92 21.99 -26.03
CA LEU C 640 9.75 22.27 -26.87
C LEU C 640 9.04 23.53 -26.31
N GLN C 641 8.64 24.54 -27.10
CA GLN C 641 7.95 25.69 -26.50
C GLN C 641 6.46 25.43 -26.29
N ALA C 642 5.89 26.09 -25.27
CA ALA C 642 4.46 26.15 -25.02
C ALA C 642 3.92 27.58 -25.14
N ARG C 643 4.54 28.54 -24.43
CA ARG C 643 4.20 29.98 -24.40
C ARG C 643 2.70 30.22 -24.37
N CYS C 644 1.93 29.44 -23.61
CA CYS C 644 0.47 29.42 -23.65
C CYS C 644 -0.09 29.88 -22.31
N SER C 645 -1.27 30.48 -22.29
CA SER C 645 -2.05 30.52 -21.05
C SER C 645 -2.68 29.16 -20.80
N ILE C 646 -2.98 28.91 -19.55
CA ILE C 646 -3.72 27.75 -19.02
C ILE C 646 -4.94 28.20 -18.24
N ILE C 647 -6.10 27.64 -18.57
CA ILE C 647 -7.28 27.69 -17.73
C ILE C 647 -7.49 26.31 -17.14
N ALA C 648 -7.68 26.28 -15.82
CA ALA C 648 -7.74 25.08 -15.02
C ALA C 648 -8.99 25.02 -14.13
N ALA C 649 -9.74 23.94 -14.08
CA ALA C 649 -10.85 23.81 -13.12
C ALA C 649 -10.57 22.75 -12.06
N ALA C 650 -11.05 22.96 -10.85
CA ALA C 650 -10.84 22.07 -9.72
C ALA C 650 -12.10 21.90 -8.88
N ASN C 651 -12.42 20.65 -8.58
CA ASN C 651 -13.25 20.31 -7.43
C ASN C 651 -12.32 20.21 -6.22
N PRO C 652 -12.54 20.98 -5.15
CA PRO C 652 -11.74 20.85 -3.94
C PRO C 652 -12.13 19.64 -3.12
N ASN C 653 -11.20 19.23 -2.28
CA ASN C 653 -11.41 18.40 -1.10
C ASN C 653 -11.89 16.95 -1.28
N GLY C 654 -12.11 16.51 -2.52
CA GLY C 654 -12.93 15.32 -2.73
C GLY C 654 -14.36 15.50 -2.19
N GLY C 655 -14.88 16.73 -2.23
CA GLY C 655 -16.17 17.07 -1.63
C GLY C 655 -16.61 18.52 -1.89
N ARG C 656 -17.12 19.21 -0.87
CA ARG C 656 -17.45 20.64 -0.89
C ARG C 656 -16.20 21.49 -0.82
N TYR C 657 -16.24 22.74 -1.29
CA TYR C 657 -15.37 23.79 -0.74
C TYR C 657 -15.71 24.06 0.73
N ASN C 658 -14.81 24.66 1.48
CA ASN C 658 -14.99 24.93 2.90
C ASN C 658 -14.41 26.29 3.31
N SER C 659 -15.13 27.09 4.11
CA SER C 659 -14.64 28.36 4.67
C SER C 659 -13.59 28.19 5.75
N THR C 660 -13.72 27.16 6.59
CA THR C 660 -12.69 26.82 7.57
C THR C 660 -11.44 26.33 6.86
N LEU C 661 -10.26 26.53 7.47
CA LEU C 661 -8.95 26.34 6.84
C LEU C 661 -8.64 27.37 5.74
N PRO C 662 -7.39 27.54 5.31
CA PRO C 662 -7.06 28.40 4.19
C PRO C 662 -7.34 27.73 2.85
N LEU C 663 -7.53 28.56 1.82
CA LEU C 663 -7.63 28.08 0.45
C LEU C 663 -6.51 27.12 0.06
N ALA C 664 -5.29 27.41 0.50
CA ALA C 664 -4.08 26.63 0.18
C ALA C 664 -4.23 25.12 0.41
N GLN C 665 -5.12 24.81 1.32
CA GLN C 665 -5.42 23.51 1.89
C GLN C 665 -6.60 22.82 1.21
N ASN C 666 -7.48 23.56 0.52
CA ASN C 666 -8.64 22.97 -0.14
C ASN C 666 -8.27 22.04 -1.31
N VAL C 667 -7.04 22.15 -1.81
CA VAL C 667 -6.54 21.47 -3.00
C VAL C 667 -5.10 20.98 -2.84
N SER C 668 -4.75 19.89 -3.50
CA SER C 668 -3.44 19.23 -3.35
C SER C 668 -2.36 19.91 -4.18
N LEU C 669 -2.29 21.24 -4.10
CA LEU C 669 -1.47 22.10 -4.94
C LEU C 669 -0.42 22.84 -4.13
N THR C 670 0.84 22.70 -4.53
CA THR C 670 1.95 23.39 -3.91
C THR C 670 1.93 24.87 -4.25
N GLU C 671 2.23 25.69 -3.27
CA GLU C 671 2.19 27.15 -3.32
C GLU C 671 2.84 27.81 -4.55
N PRO C 672 3.99 27.35 -5.06
CA PRO C 672 4.51 27.90 -6.30
C PRO C 672 3.47 27.94 -7.41
N ILE C 673 2.65 26.90 -7.53
CA ILE C 673 1.56 26.82 -8.50
C ILE C 673 0.65 28.01 -8.29
N LEU C 674 0.23 28.13 -7.06
CA LEU C 674 -0.76 29.11 -6.62
C LEU C 674 -0.24 30.54 -6.65
N SER C 675 1.08 30.73 -6.57
CA SER C 675 1.68 32.03 -6.76
C SER C 675 1.68 32.41 -8.24
N ARG C 676 1.95 31.44 -9.12
CA ARG C 676 2.10 31.69 -10.54
C ARG C 676 0.78 31.77 -11.29
N PHE C 677 -0.32 31.21 -10.78
CA PHE C 677 -1.66 31.54 -11.25
C PHE C 677 -1.96 33.02 -11.07
N ASP C 678 -2.30 33.73 -12.14
CA ASP C 678 -2.53 35.17 -12.00
C ASP C 678 -3.87 35.47 -11.35
N ILE C 679 -4.80 34.53 -11.31
CA ILE C 679 -5.87 34.57 -10.32
C ILE C 679 -6.44 33.20 -9.98
N LEU C 680 -6.79 33.04 -8.71
CA LEU C 680 -7.53 31.93 -8.16
C LEU C 680 -8.92 32.43 -7.82
N CYS C 681 -9.94 31.70 -8.24
CA CYS C 681 -11.31 31.93 -7.81
C CYS C 681 -11.95 30.68 -7.24
N VAL C 682 -12.75 30.91 -6.22
CA VAL C 682 -13.48 29.94 -5.45
C VAL C 682 -14.93 30.34 -5.47
N VAL C 683 -15.82 29.36 -5.60
CA VAL C 683 -17.25 29.60 -5.67
C VAL C 683 -17.98 28.75 -4.64
N ARG C 684 -18.94 29.34 -3.93
CA ARG C 684 -19.70 28.69 -2.85
C ARG C 684 -21.18 28.63 -3.17
N ASP C 685 -21.85 27.60 -2.67
CA ASP C 685 -23.31 27.57 -2.61
C ASP C 685 -23.84 28.31 -1.37
N LEU C 686 -23.84 29.64 -1.44
CA LEU C 686 -24.62 30.49 -0.54
C LEU C 686 -26.10 30.35 -0.91
N VAL C 687 -26.93 29.76 -0.04
CA VAL C 687 -28.33 29.42 -0.34
C VAL C 687 -29.29 30.56 0.01
N ASP C 688 -29.09 31.73 -0.59
CA ASP C 688 -30.10 32.80 -0.60
C ASP C 688 -31.27 32.50 -1.53
N GLU C 689 -32.47 32.46 -0.97
CA GLU C 689 -33.69 32.17 -1.73
C GLU C 689 -33.92 33.14 -2.89
N GLU C 690 -33.60 34.43 -2.78
CA GLU C 690 -33.87 35.36 -3.88
C GLU C 690 -32.75 35.48 -4.91
N ALA C 691 -31.59 34.91 -4.64
CA ALA C 691 -30.63 34.58 -5.67
C ALA C 691 -31.12 33.36 -6.46
N ASP C 692 -31.57 32.30 -5.78
CA ASP C 692 -32.00 31.06 -6.42
C ASP C 692 -33.15 31.27 -7.40
N GLU C 693 -34.12 32.08 -7.00
CA GLU C 693 -35.17 32.56 -7.88
C GLU C 693 -34.58 33.11 -9.18
N ARG C 694 -33.57 33.96 -9.08
CA ARG C 694 -32.94 34.60 -10.21
C ARG C 694 -32.05 33.69 -11.03
N LEU C 695 -31.67 32.51 -10.57
CA LEU C 695 -31.11 31.52 -11.51
C LEU C 695 -32.23 31.04 -12.41
N ALA C 696 -33.29 30.59 -11.77
CA ALA C 696 -34.21 29.72 -12.41
C ALA C 696 -34.92 30.46 -13.52
N THR C 697 -35.29 31.72 -13.32
CA THR C 697 -35.84 32.53 -14.39
C THR C 697 -35.02 32.50 -15.67
N PHE C 698 -33.73 32.67 -15.47
CA PHE C 698 -32.75 32.68 -16.52
C PHE C 698 -32.58 31.30 -17.14
N VAL C 699 -32.48 30.27 -16.33
CA VAL C 699 -32.14 28.94 -16.80
C VAL C 699 -33.20 28.40 -17.74
N VAL C 700 -34.43 28.28 -17.28
CA VAL C 700 -35.55 27.69 -18.02
C VAL C 700 -35.81 28.46 -19.29
N ASP C 701 -35.59 29.76 -19.26
CA ASP C 701 -35.76 30.54 -20.46
C ASP C 701 -34.77 30.09 -21.53
N SER C 702 -33.54 29.75 -21.12
CA SER C 702 -32.57 29.20 -22.05
C SER C 702 -33.01 27.85 -22.60
N HIS C 703 -33.73 27.07 -21.82
CA HIS C 703 -34.30 25.82 -22.29
C HIS C 703 -35.34 26.10 -23.36
N VAL C 704 -36.17 27.13 -23.19
CA VAL C 704 -37.10 27.52 -24.25
C VAL C 704 -36.34 27.88 -25.51
N ARG C 705 -35.41 28.82 -25.34
CA ARG C 705 -34.61 29.40 -26.40
C ARG C 705 -33.81 28.36 -27.16
N SER C 706 -33.47 27.25 -26.53
CA SER C 706 -32.70 26.17 -27.13
C SER C 706 -33.54 25.03 -27.69
N HIS C 707 -34.86 25.15 -27.81
CA HIS C 707 -35.64 24.01 -28.24
C HIS C 707 -35.70 23.84 -29.77
N PRO C 708 -35.41 22.66 -30.35
CA PRO C 708 -35.50 22.37 -31.78
C PRO C 708 -36.83 22.71 -32.48
N GLU C 709 -37.91 22.92 -31.75
CA GLU C 709 -39.14 23.55 -32.26
C GLU C 709 -38.87 24.85 -33.00
N ASN C 710 -37.83 25.57 -32.59
CA ASN C 710 -37.33 26.79 -33.20
C ASN C 710 -36.42 26.45 -34.40
N LEU C 745 -33.47 31.04 -41.75
CA LEU C 745 -32.97 30.90 -40.40
C LEU C 745 -33.36 32.08 -39.50
N GLN C 746 -33.87 33.16 -40.07
CA GLN C 746 -33.75 34.51 -39.54
C GLN C 746 -34.28 34.77 -38.13
N ARG C 747 -35.22 33.96 -37.62
CA ARG C 747 -35.64 34.06 -36.21
C ARG C 747 -34.52 33.81 -35.21
N GLN C 748 -33.45 33.15 -35.64
CA GLN C 748 -32.18 33.11 -34.90
C GLN C 748 -31.69 34.52 -34.49
N ARG C 749 -31.93 35.57 -35.30
CA ARG C 749 -31.49 36.92 -35.04
C ARG C 749 -32.22 37.56 -33.86
N LYS C 750 -33.54 37.35 -33.76
CA LYS C 750 -34.29 37.65 -32.53
C LYS C 750 -33.85 36.75 -31.38
N LYS C 751 -33.53 35.48 -31.63
CA LYS C 751 -33.13 34.49 -30.59
C LYS C 751 -31.69 34.59 -30.09
N GLU C 752 -30.83 35.43 -30.67
CA GLU C 752 -29.66 35.97 -29.94
C GLU C 752 -30.13 36.76 -28.71
N GLU C 753 -31.29 37.41 -28.84
CA GLU C 753 -32.18 37.83 -27.74
C GLU C 753 -31.56 38.78 -26.71
N GLU C 754 -30.47 39.41 -27.13
CA GLU C 754 -29.57 40.27 -26.37
C GLU C 754 -29.04 39.63 -25.08
N ILE C 755 -28.97 38.29 -25.01
CA ILE C 755 -28.38 37.62 -23.83
C ILE C 755 -26.88 37.96 -23.70
N SER C 756 -26.20 38.35 -24.78
CA SER C 756 -25.04 39.23 -24.71
C SER C 756 -25.32 40.58 -25.36
N PRO C 757 -24.76 41.68 -24.83
CA PRO C 757 -24.84 42.95 -25.51
C PRO C 757 -23.98 42.98 -26.77
N ILE C 758 -22.91 42.19 -26.86
CA ILE C 758 -22.10 42.07 -28.07
C ILE C 758 -22.42 40.76 -28.79
N PRO C 759 -22.78 40.76 -30.07
CA PRO C 759 -23.02 39.52 -30.78
C PRO C 759 -21.85 38.55 -30.58
N GLN C 760 -22.14 37.33 -30.15
CA GLN C 760 -21.11 36.32 -29.92
C GLN C 760 -20.24 36.14 -31.15
N GLU C 761 -20.88 36.35 -32.29
CA GLU C 761 -20.28 36.35 -33.60
C GLU C 761 -19.05 37.24 -33.69
N LEU C 762 -19.04 38.37 -33.01
CA LEU C 762 -17.94 39.32 -33.05
C LEU C 762 -16.85 39.00 -32.06
N LEU C 763 -17.07 38.31 -30.95
CA LEU C 763 -15.99 38.28 -29.97
C LEU C 763 -14.78 37.51 -30.45
N MET C 764 -15.00 36.44 -31.18
CA MET C 764 -13.93 35.74 -31.84
C MET C 764 -13.15 36.64 -32.80
N LYS C 765 -13.69 37.78 -33.20
CA LYS C 765 -12.92 38.80 -33.90
C LYS C 765 -12.34 39.82 -32.95
N TYR C 766 -13.12 40.37 -32.02
CA TYR C 766 -12.65 41.42 -31.13
C TYR C 766 -11.43 40.96 -30.36
N ILE C 767 -11.51 39.78 -29.75
CA ILE C 767 -10.44 39.18 -28.95
C ILE C 767 -9.17 39.19 -29.75
N HIS C 768 -9.30 38.58 -30.91
CA HIS C 768 -8.22 38.39 -31.81
C HIS C 768 -7.63 39.74 -32.21
N TYR C 769 -8.45 40.70 -32.60
CA TYR C 769 -8.00 42.01 -33.00
C TYR C 769 -7.32 42.81 -31.90
N ALA C 770 -7.80 42.76 -30.65
CA ALA C 770 -7.04 43.23 -29.53
C ALA C 770 -5.68 42.57 -29.53
N ARG C 771 -5.65 41.23 -29.36
CA ARG C 771 -4.44 40.40 -29.21
C ARG C 771 -3.40 40.57 -30.29
N THR C 772 -3.86 40.79 -31.50
CA THR C 772 -3.05 40.61 -32.69
C THR C 772 -2.88 41.88 -33.51
N LYS C 773 -3.49 42.99 -33.09
CA LYS C 773 -3.13 44.33 -33.59
C LYS C 773 -2.56 45.15 -32.47
N ILE C 774 -3.10 45.03 -31.28
CA ILE C 774 -2.61 45.75 -30.14
C ILE C 774 -1.60 44.87 -29.42
N TYR C 775 -0.41 45.42 -29.16
CA TYR C 775 0.54 44.92 -28.17
C TYR C 775 0.72 46.04 -27.17
N PRO C 776 -0.18 46.18 -26.19
CA PRO C 776 -0.24 47.36 -25.33
C PRO C 776 1.06 47.65 -24.58
N LYS C 777 1.22 48.89 -24.10
CA LYS C 777 2.41 49.38 -23.34
C LYS C 777 2.05 50.36 -22.23
N LEU C 778 2.84 50.42 -21.15
CA LEU C 778 2.46 51.04 -19.86
C LEU C 778 2.94 52.48 -19.67
N HIS C 779 2.03 53.39 -19.35
CA HIS C 779 2.29 54.82 -19.20
C HIS C 779 2.99 55.17 -17.89
N GLN C 780 4.32 55.20 -17.91
CA GLN C 780 5.13 55.18 -16.69
C GLN C 780 4.82 56.30 -15.68
N MET C 781 4.29 57.43 -16.15
CA MET C 781 3.87 58.55 -15.31
C MET C 781 2.99 58.13 -14.14
N ASP C 782 2.00 57.27 -14.38
CA ASP C 782 1.06 56.85 -13.35
C ASP C 782 1.50 55.62 -12.57
N MET C 783 2.52 54.90 -13.05
CA MET C 783 2.91 53.58 -12.52
C MET C 783 3.48 53.67 -11.10
N ASP C 784 3.84 54.87 -10.68
CA ASP C 784 4.17 55.16 -9.29
C ASP C 784 3.01 54.76 -8.38
N LYS C 785 1.75 54.99 -8.78
CA LYS C 785 0.59 54.57 -7.99
C LYS C 785 0.58 53.06 -7.84
N VAL C 786 0.96 52.33 -8.87
CA VAL C 786 1.05 50.87 -8.79
C VAL C 786 2.05 50.46 -7.69
N SER C 787 3.21 51.11 -7.63
CA SER C 787 4.20 50.81 -6.60
C SER C 787 3.71 51.18 -5.19
N ARG C 788 3.09 52.35 -5.04
CA ARG C 788 2.50 52.82 -3.77
C ARG C 788 1.42 51.88 -3.27
N VAL C 789 0.59 51.42 -4.18
CA VAL C 789 -0.41 50.40 -3.91
C VAL C 789 0.27 49.08 -3.57
N TYR C 790 1.28 48.63 -4.31
CA TYR C 790 1.91 47.33 -4.07
C TYR C 790 2.53 47.26 -2.66
N ALA C 791 3.18 48.32 -2.22
CA ALA C 791 3.66 48.41 -0.84
C ALA C 791 2.51 48.36 0.17
N ASP C 792 1.46 49.15 -0.07
CA ASP C 792 0.29 49.18 0.80
C ASP C 792 -0.29 47.79 0.94
N LEU C 793 -0.48 47.08 -0.17
CA LEU C 793 -1.02 45.74 -0.20
C LEU C 793 -0.09 44.78 0.54
N ARG C 794 1.21 44.84 0.29
CA ARG C 794 2.15 43.98 1.01
C ARG C 794 2.11 44.21 2.52
N ARG C 795 2.06 45.45 2.99
CA ARG C 795 1.98 45.78 4.41
C ARG C 795 0.83 45.06 5.10
N GLU C 796 -0.40 45.23 4.68
CA GLU C 796 -1.46 44.53 5.42
C GLU C 796 -1.58 43.05 5.04
N SER C 797 -1.11 42.58 3.86
CA SER C 797 -1.03 41.11 3.68
C SER C 797 -0.11 40.48 4.73
N ILE C 798 1.03 41.10 4.98
CA ILE C 798 2.03 40.64 5.96
C ILE C 798 1.54 40.82 7.40
N SER C 799 0.67 41.79 7.68
CA SER C 799 0.06 41.92 9.01
C SER C 799 -0.83 40.73 9.41
N THR C 800 -1.23 39.86 8.48
CA THR C 800 -1.53 38.43 8.75
C THR C 800 -1.81 37.66 7.46
N PRO C 804 1.49 37.70 3.21
CA PRO C 804 2.29 37.06 2.19
C PRO C 804 1.78 37.38 0.78
N ILE C 805 2.52 38.21 0.04
CA ILE C 805 2.23 38.65 -1.34
C ILE C 805 3.53 39.04 -2.06
N THR C 806 3.62 38.78 -3.36
CA THR C 806 4.87 38.55 -4.08
C THR C 806 4.92 39.31 -5.39
N VAL C 807 6.09 39.33 -6.02
CA VAL C 807 6.24 39.86 -7.38
C VAL C 807 5.33 39.13 -8.38
N ARG C 808 4.99 37.86 -8.18
CA ARG C 808 4.01 37.19 -9.05
C ARG C 808 2.60 37.77 -8.90
N HIS C 809 2.28 38.35 -7.75
CA HIS C 809 1.06 39.14 -7.58
C HIS C 809 1.20 40.56 -8.10
N LEU C 810 2.39 41.09 -8.30
CA LEU C 810 2.56 42.37 -8.98
C LEU C 810 2.50 42.21 -10.49
N GLU C 811 3.17 41.22 -11.05
CA GLU C 811 3.14 40.99 -12.48
C GLU C 811 1.74 40.61 -12.94
N SER C 812 0.96 39.98 -12.09
CA SER C 812 -0.44 39.73 -12.42
C SER C 812 -1.16 41.05 -12.66
N ILE C 813 -1.03 42.04 -11.78
CA ILE C 813 -1.59 43.39 -12.02
C ILE C 813 -1.10 43.92 -13.35
N LEU C 814 0.16 43.71 -13.68
CA LEU C 814 0.73 44.28 -14.90
C LEU C 814 0.27 43.57 -16.17
N ARG C 815 0.12 42.25 -16.12
CA ARG C 815 -0.36 41.48 -17.24
C ARG C 815 -1.81 41.81 -17.51
N ILE C 816 -2.64 41.73 -16.49
CA ILE C 816 -4.08 41.95 -16.63
C ILE C 816 -4.37 43.36 -17.11
N ALA C 817 -3.64 44.33 -16.61
CA ALA C 817 -3.79 45.70 -17.08
C ALA C 817 -3.46 45.86 -18.57
N GLU C 818 -2.41 45.23 -19.07
CA GLU C 818 -2.21 45.20 -20.50
C GLU C 818 -3.41 44.52 -21.18
N SER C 819 -3.94 43.47 -20.57
CA SER C 819 -5.08 42.73 -21.11
C SER C 819 -6.32 43.57 -21.35
N PHE C 820 -6.68 44.41 -20.40
CA PHE C 820 -7.81 45.33 -20.48
C PHE C 820 -7.59 46.45 -21.49
N ALA C 821 -6.37 46.86 -21.78
CA ALA C 821 -6.15 47.77 -22.89
C ALA C 821 -6.37 47.07 -24.22
N LYS C 822 -5.94 45.83 -24.29
CA LYS C 822 -6.38 44.99 -25.37
C LYS C 822 -7.92 45.02 -25.41
N MET C 823 -8.58 44.92 -24.28
CA MET C 823 -10.04 44.98 -24.23
C MET C 823 -10.65 46.33 -24.57
N ARG C 824 -9.99 47.49 -24.49
CA ARG C 824 -10.50 48.66 -25.21
C ARG C 824 -9.55 49.23 -26.24
N LEU C 825 -9.07 48.27 -27.03
CA LEU C 825 -8.51 48.42 -28.36
C LEU C 825 -7.58 49.59 -28.48
N SER C 826 -6.71 49.56 -27.51
CA SER C 826 -5.79 50.65 -27.22
C SER C 826 -4.42 50.07 -26.91
N GLU C 827 -3.40 50.59 -27.62
CA GLU C 827 -1.96 50.26 -27.50
C GLU C 827 -1.27 50.91 -26.30
N PHE C 828 -1.90 51.87 -25.63
CA PHE C 828 -1.30 52.66 -24.56
C PHE C 828 -2.15 52.50 -23.31
N VAL C 829 -1.65 51.75 -22.33
CA VAL C 829 -2.41 51.35 -21.15
C VAL C 829 -2.77 52.58 -20.34
N SER C 830 -3.99 52.62 -19.86
CA SER C 830 -4.59 53.75 -19.20
C SER C 830 -4.95 53.38 -17.78
N SER C 831 -5.02 54.37 -16.92
CA SER C 831 -5.14 54.17 -15.47
C SER C 831 -6.36 53.38 -15.03
N TYR C 832 -7.48 53.46 -15.74
CA TYR C 832 -8.68 52.68 -15.44
C TYR C 832 -8.48 51.18 -15.61
N ASP C 833 -7.58 50.80 -16.52
CA ASP C 833 -7.13 49.41 -16.65
C ASP C 833 -6.45 48.97 -15.39
N LEU C 834 -5.65 49.85 -14.81
CA LEU C 834 -4.98 49.55 -13.56
C LEU C 834 -5.99 49.46 -12.43
N ASP C 835 -7.00 50.33 -12.39
CA ASP C 835 -8.06 50.21 -11.39
C ASP C 835 -8.83 48.90 -11.55
N ARG C 836 -9.22 48.55 -12.77
CA ARG C 836 -9.85 47.26 -13.05
C ARG C 836 -8.94 46.12 -12.63
N ALA C 837 -7.64 46.22 -12.94
CA ALA C 837 -6.68 45.17 -12.64
C ALA C 837 -6.47 44.98 -11.13
N ILE C 838 -6.31 46.09 -10.42
CA ILE C 838 -6.20 46.10 -8.98
C ILE C 838 -7.42 45.44 -8.39
N LYS C 839 -8.63 45.78 -8.86
CA LYS C 839 -9.83 45.13 -8.35
C LYS C 839 -9.74 43.63 -8.52
N VAL C 840 -9.42 43.15 -9.72
CA VAL C 840 -9.35 41.71 -9.97
C VAL C 840 -8.35 41.02 -9.05
N VAL C 841 -7.17 41.58 -8.83
CA VAL C 841 -6.09 40.89 -8.07
C VAL C 841 -6.25 40.96 -6.55
N VAL C 842 -6.78 42.07 -6.00
CA VAL C 842 -6.81 42.29 -4.53
C VAL C 842 -7.70 41.32 -3.76
N ASP C 843 -8.96 41.15 -4.14
CA ASP C 843 -9.93 40.34 -3.40
C ASP C 843 -9.56 38.85 -3.40
N SER C 844 -8.91 38.40 -4.47
CA SER C 844 -8.43 37.03 -4.56
C SER C 844 -7.52 36.67 -3.38
N PHE C 845 -6.78 37.63 -2.83
CA PHE C 845 -6.02 37.41 -1.60
C PHE C 845 -6.90 37.20 -0.36
N VAL C 846 -8.05 37.85 -0.31
CA VAL C 846 -8.95 37.85 0.83
C VAL C 846 -9.41 36.45 1.22
N ASP C 847 -9.51 35.53 0.27
CA ASP C 847 -9.88 34.14 0.57
C ASP C 847 -8.87 33.29 1.40
N ALA C 848 -7.56 33.51 1.36
CA ALA C 848 -6.64 32.70 2.14
C ALA C 848 -6.87 32.92 3.64
N GLN C 849 -7.04 31.89 4.48
CA GLN C 849 -7.28 32.14 5.92
C GLN C 849 -8.69 32.61 6.29
N LYS C 850 -9.58 32.76 5.30
CA LYS C 850 -10.73 33.67 5.23
C LYS C 850 -11.49 33.81 6.54
N VAL C 851 -11.85 32.70 7.19
CA VAL C 851 -12.73 32.78 8.36
C VAL C 851 -12.18 33.64 9.44
N SER C 852 -10.90 33.50 9.77
CA SER C 852 -10.33 34.38 10.75
C SER C 852 -10.12 35.77 10.18
N VAL C 853 -9.45 35.81 9.04
CA VAL C 853 -8.82 37.05 8.59
C VAL C 853 -9.74 38.07 7.96
N ARG C 854 -10.75 37.64 7.21
CA ARG C 854 -11.27 38.45 6.12
C ARG C 854 -11.73 39.82 6.55
N ARG C 855 -12.47 39.89 7.64
CA ARG C 855 -13.08 41.13 8.09
C ARG C 855 -11.98 42.16 8.33
N GLN C 856 -10.84 41.74 8.85
CA GLN C 856 -9.70 42.59 9.13
C GLN C 856 -9.15 43.20 7.84
N LEU C 857 -9.02 42.37 6.81
CA LEU C 857 -8.58 42.74 5.48
C LEU C 857 -9.55 43.74 4.89
N ARG C 858 -10.84 43.41 4.83
CA ARG C 858 -11.90 44.25 4.26
C ARG C 858 -11.84 45.66 4.83
N ARG C 859 -11.65 45.75 6.14
CA ARG C 859 -11.66 47.01 6.89
C ARG C 859 -10.53 47.95 6.50
N SER C 860 -9.40 47.41 6.05
CA SER C 860 -8.34 48.18 5.41
C SER C 860 -8.57 48.34 3.91
N PHE C 861 -8.81 47.22 3.24
CA PHE C 861 -8.78 47.09 1.79
C PHE C 861 -9.86 47.90 1.08
N ALA C 862 -10.97 48.20 1.75
CA ALA C 862 -12.14 48.80 1.14
C ALA C 862 -11.83 50.09 0.39
N ILE C 863 -10.79 50.86 0.74
CA ILE C 863 -10.54 52.07 -0.05
C ILE C 863 -9.83 51.85 -1.39
N TYR C 864 -9.58 50.60 -1.81
CA TYR C 864 -8.71 50.28 -2.98
C TYR C 864 -9.37 49.52 -4.14
N THR C 865 -9.93 48.37 -3.78
CA THR C 865 -10.76 47.40 -4.53
C THR C 865 -11.97 48.06 -5.19
N LEU C 866 -12.68 48.97 -4.50
CA LEU C 866 -13.89 49.60 -5.05
C LEU C 866 -14.22 51.00 -4.49
N GLY C 867 -13.35 51.59 -3.66
CA GLY C 867 -13.49 52.96 -3.13
C GLY C 867 -13.30 54.10 -4.15
N HIS C 868 -13.66 53.88 -5.41
CA HIS C 868 -13.75 54.89 -6.48
C HIS C 868 -14.77 55.99 -6.14
N MET D 348 42.87 28.42 -14.91
CA MET D 348 42.66 29.34 -16.06
C MET D 348 43.18 30.77 -15.84
N PHE D 349 43.33 31.30 -14.62
CA PHE D 349 43.79 32.68 -14.41
C PHE D 349 45.22 32.94 -14.89
N THR D 350 45.47 34.19 -15.30
CA THR D 350 46.78 34.69 -15.73
C THR D 350 47.11 36.09 -15.19
N GLU D 351 48.35 36.54 -15.44
CA GLU D 351 48.97 37.72 -14.83
C GLU D 351 48.18 39.01 -15.06
N GLU D 352 47.44 39.10 -16.16
CA GLU D 352 46.62 40.26 -16.52
C GLU D 352 45.31 40.32 -15.70
N GLU D 353 44.93 39.28 -14.99
CA GLU D 353 43.69 39.19 -14.21
C GLU D 353 43.92 39.03 -12.70
N GLU D 354 44.79 38.11 -12.27
CA GLU D 354 44.82 37.78 -10.83
C GLU D 354 45.42 38.89 -9.96
N GLU D 355 46.18 39.85 -10.52
CA GLU D 355 46.68 40.96 -9.73
C GLU D 355 45.55 41.84 -9.17
N GLU D 356 44.36 41.85 -9.77
CA GLU D 356 43.20 42.48 -9.16
C GLU D 356 42.72 41.74 -7.92
N PHE D 357 42.81 40.42 -7.92
CA PHE D 357 42.44 39.63 -6.76
C PHE D 357 43.44 39.79 -5.65
N LEU D 358 44.71 39.99 -5.96
CA LEU D 358 45.66 40.46 -4.96
C LEU D 358 45.29 41.85 -4.40
N GLN D 359 44.59 42.72 -5.14
CA GLN D 359 44.21 44.04 -4.61
C GLN D 359 43.01 43.98 -3.67
N LEU D 360 42.01 43.17 -4.03
CA LEU D 360 40.94 42.85 -3.09
C LEU D 360 41.54 42.26 -1.82
N SER D 361 42.41 41.27 -1.98
CA SER D 361 43.02 40.58 -0.85
C SER D 361 43.80 41.52 0.05
N ARG D 362 44.20 42.67 -0.45
CA ARG D 362 44.97 43.63 0.37
C ARG D 362 44.10 44.57 1.20
N ASN D 363 42.87 44.84 0.77
CA ASN D 363 42.04 45.88 1.36
C ASN D 363 41.56 45.47 2.76
N PRO D 364 41.69 46.32 3.78
CA PRO D 364 41.47 45.91 5.18
C PRO D 364 40.00 45.85 5.63
N LYS D 365 39.03 46.22 4.77
CA LYS D 365 37.59 46.07 5.04
C LYS D 365 36.93 45.03 4.13
N LEU D 366 37.73 44.11 3.59
CA LEU D 366 37.30 43.16 2.56
C LEU D 366 36.03 42.41 2.95
N TYR D 367 35.98 41.84 4.15
CA TYR D 367 34.87 40.96 4.52
C TYR D 367 33.51 41.68 4.42
N GLU D 368 33.48 42.93 4.87
CA GLU D 368 32.28 43.76 4.82
C GLU D 368 31.94 44.16 3.37
N ILE D 369 32.94 44.36 2.50
CA ILE D 369 32.70 44.62 1.08
C ILE D 369 31.92 43.47 0.44
N LEU D 370 32.17 42.24 0.88
CA LEU D 370 31.38 41.09 0.44
C LEU D 370 29.95 41.13 1.01
N THR D 371 29.74 41.42 2.28
CA THR D 371 28.36 41.51 2.78
C THR D 371 27.53 42.56 2.03
N ASN D 372 28.15 43.67 1.65
CA ASN D 372 27.50 44.78 0.97
C ASN D 372 27.10 44.45 -0.47
N SER D 373 27.67 43.39 -1.03
CA SER D 373 27.50 42.99 -2.42
C SER D 373 26.74 41.67 -2.57
N ILE D 374 26.13 41.16 -1.50
CA ILE D 374 25.34 39.92 -1.46
C ILE D 374 23.86 40.22 -1.33
N ALA D 375 22.98 39.72 -2.24
CA ALA D 375 21.58 40.16 -2.28
C ALA D 375 21.40 41.66 -1.92
N PRO D 376 22.06 42.60 -2.64
CA PRO D 376 22.27 43.95 -2.13
C PRO D 376 20.98 44.73 -1.86
N SER D 377 19.91 44.40 -2.58
CA SER D 377 18.55 44.90 -2.40
C SER D 377 17.98 44.65 -1.00
N ILE D 378 18.33 43.53 -0.37
CA ILE D 378 17.86 43.15 0.97
C ILE D 378 18.61 43.93 2.04
N PHE D 379 17.93 44.87 2.70
CA PHE D 379 18.52 45.69 3.77
C PHE D 379 18.80 44.88 5.06
N GLY D 380 19.68 45.38 5.91
CA GLY D 380 20.00 44.76 7.19
C GLY D 380 20.62 43.37 7.02
N ASN D 381 20.17 42.40 7.81
CA ASN D 381 20.49 40.98 7.65
C ASN D 381 22.00 40.65 7.64
N GLU D 382 22.82 41.44 8.34
CA GLU D 382 24.28 41.40 8.20
C GLU D 382 24.95 40.05 8.47
N ASP D 383 24.67 39.44 9.62
CA ASP D 383 25.18 38.09 9.95
C ASP D 383 24.65 37.00 9.02
N ILE D 384 23.51 37.22 8.35
CA ILE D 384 22.96 36.28 7.38
C ILE D 384 23.82 36.24 6.12
N LYS D 385 24.06 37.40 5.53
CA LYS D 385 24.90 37.55 4.34
C LYS D 385 26.31 37.09 4.65
N LYS D 386 26.84 37.40 5.83
CA LYS D 386 28.11 36.85 6.30
C LYS D 386 28.15 35.33 6.25
N ALA D 387 27.10 34.64 6.64
CA ALA D 387 27.09 33.19 6.56
C ALA D 387 27.11 32.66 5.14
N ILE D 388 26.42 33.31 4.20
CA ILE D 388 26.44 32.93 2.79
C ILE D 388 27.87 33.00 2.25
N VAL D 389 28.59 34.06 2.55
CA VAL D 389 30.03 34.25 2.27
C VAL D 389 30.84 33.05 2.74
N CYS D 390 30.71 32.69 4.00
CA CYS D 390 31.54 31.64 4.54
C CYS D 390 31.22 30.31 3.86
N LEU D 391 29.97 30.07 3.49
CA LEU D 391 29.56 28.93 2.71
C LEU D 391 30.08 28.97 1.26
N LEU D 392 30.29 30.15 0.69
CA LEU D 392 30.94 30.31 -0.61
C LEU D 392 32.45 30.05 -0.57
N MET D 393 33.09 30.37 0.56
CA MET D 393 34.52 30.20 0.77
C MET D 393 34.91 28.79 1.19
N GLY D 394 34.17 28.21 2.13
CA GLY D 394 34.46 26.94 2.78
C GLY D 394 35.70 26.92 3.68
N GLY D 395 35.88 25.85 4.45
CA GLY D 395 37.11 25.51 5.18
C GLY D 395 38.13 24.86 4.24
N SER D 396 38.75 23.77 4.65
CA SER D 396 39.64 22.99 3.81
C SER D 396 39.46 21.50 4.04
N LYS D 397 39.34 20.74 2.95
CA LYS D 397 39.40 19.29 2.95
C LYS D 397 40.78 18.85 3.43
N LYS D 398 40.83 17.82 4.26
CA LYS D 398 42.07 17.17 4.70
C LYS D 398 41.90 15.66 4.71
N ILE D 399 42.95 14.94 4.33
CA ILE D 399 43.02 13.49 4.42
C ILE D 399 44.21 13.17 5.31
N LEU D 400 43.94 12.47 6.41
CA LEU D 400 44.91 12.20 7.46
C LEU D 400 45.72 10.93 7.18
N PRO D 401 46.88 10.72 7.83
CA PRO D 401 47.72 9.57 7.58
C PRO D 401 47.09 8.21 7.89
N ASP D 402 46.03 8.19 8.68
CA ASP D 402 45.25 6.98 9.03
C ASP D 402 43.99 6.86 8.16
N GLY D 403 43.98 7.52 7.01
CA GLY D 403 42.89 7.45 6.05
C GLY D 403 41.64 8.23 6.44
N MET D 404 41.61 8.91 7.58
CA MET D 404 40.45 9.68 7.97
C MET D 404 40.33 10.97 7.18
N ARG D 405 39.13 11.33 6.75
CA ARG D 405 38.86 12.55 6.00
C ARG D 405 38.09 13.53 6.85
N LEU D 406 38.42 14.80 6.71
CA LEU D 406 37.80 15.89 7.50
C LEU D 406 37.04 16.88 6.61
N ARG D 407 35.75 17.11 6.90
CA ARG D 407 34.84 17.79 5.97
C ARG D 407 35.23 19.27 5.83
N GLY D 408 35.38 19.81 4.60
CA GLY D 408 35.70 21.23 4.48
C GLY D 408 34.48 22.15 4.34
N ASP D 409 33.28 21.60 4.31
CA ASP D 409 32.09 22.36 3.92
C ASP D 409 31.27 22.84 5.12
N ILE D 410 30.88 24.11 5.13
CA ILE D 410 29.95 24.75 6.08
C ILE D 410 28.48 24.48 5.72
N ASN D 411 27.56 24.48 6.69
CA ASN D 411 26.10 24.48 6.48
C ASN D 411 25.37 25.41 7.43
N VAL D 412 24.29 26.06 6.99
CA VAL D 412 23.65 27.15 7.74
C VAL D 412 22.13 27.09 7.67
N LEU D 413 21.49 27.49 8.77
CA LEU D 413 20.05 27.48 8.98
C LEU D 413 19.49 28.89 9.17
N LEU D 414 18.51 29.27 8.35
CA LEU D 414 17.83 30.56 8.38
C LEU D 414 16.33 30.48 8.69
N LEU D 415 15.85 31.47 9.42
CA LEU D 415 14.52 31.43 10.01
C LEU D 415 13.79 32.75 9.79
N ALA D 421 10.89 37.77 2.73
CA ALA D 421 11.50 38.13 1.45
C ALA D 421 12.91 37.56 1.25
N LYS D 422 13.47 37.00 2.33
CA LYS D 422 14.81 36.41 2.42
C LYS D 422 15.10 35.30 1.44
N SER D 423 14.07 34.74 0.80
CA SER D 423 14.20 33.89 -0.40
C SER D 423 15.16 34.48 -1.45
N GLN D 424 15.21 35.81 -1.56
CA GLN D 424 16.14 36.52 -2.42
C GLN D 424 17.61 36.20 -2.13
N LEU D 425 17.99 35.93 -0.88
CA LEU D 425 19.37 35.52 -0.56
C LEU D 425 19.71 34.16 -1.17
N LEU D 426 18.81 33.20 -1.09
CA LEU D 426 19.06 31.87 -1.59
C LEU D 426 19.04 31.84 -3.13
N LYS D 427 18.15 32.64 -3.73
CA LYS D 427 18.14 32.91 -5.17
C LYS D 427 19.46 33.52 -5.61
N PHE D 428 19.90 34.56 -4.89
CA PHE D 428 21.17 35.23 -5.13
C PHE D 428 22.36 34.27 -5.04
N VAL D 429 22.29 33.30 -4.11
CA VAL D 429 23.32 32.27 -4.00
C VAL D 429 23.42 31.41 -5.25
N GLU D 430 22.31 30.98 -5.87
CA GLU D 430 22.45 30.23 -7.11
C GLU D 430 22.96 31.05 -8.30
N LYS D 431 23.09 32.37 -8.15
CA LYS D 431 23.88 33.21 -9.06
C LYS D 431 25.36 33.22 -8.68
N VAL D 432 25.72 33.67 -7.49
CA VAL D 432 27.10 34.07 -7.16
C VAL D 432 28.09 32.91 -7.05
N SER D 433 27.65 31.71 -6.67
CA SER D 433 28.58 30.59 -6.44
C SER D 433 29.26 30.12 -7.74
N PRO D 434 30.50 29.62 -7.69
CA PRO D 434 31.11 28.90 -8.80
C PRO D 434 30.19 27.79 -9.37
N ILE D 435 29.56 27.04 -8.47
CA ILE D 435 28.51 26.06 -8.76
C ILE D 435 27.43 26.20 -7.70
N ALA D 436 26.15 26.18 -8.05
CA ALA D 436 25.05 26.15 -7.08
C ALA D 436 23.74 25.54 -7.60
N VAL D 437 22.81 25.25 -6.68
CA VAL D 437 21.48 24.68 -6.97
C VAL D 437 20.43 25.23 -6.01
N TYR D 438 19.33 25.86 -6.47
CA TYR D 438 18.22 26.29 -5.59
C TYR D 438 17.02 25.34 -5.65
N THR D 439 16.60 24.75 -4.52
CA THR D 439 15.30 24.07 -4.39
C THR D 439 14.87 23.80 -2.95
N SER D 440 13.62 24.12 -2.62
CA SER D 440 12.90 23.66 -1.42
C SER D 440 12.74 22.16 -1.27
N GLY D 441 13.03 21.39 -2.31
CA GLY D 441 12.46 20.06 -2.48
C GLY D 441 11.28 20.00 -3.45
N LYS D 442 10.89 21.10 -4.13
CA LYS D 442 10.03 21.06 -5.33
C LYS D 442 10.57 20.04 -6.36
N GLY D 443 11.90 19.88 -6.45
CA GLY D 443 12.55 18.73 -7.08
C GLY D 443 12.34 18.64 -8.59
N ALA D 446 9.53 16.83 -8.49
CA ALA D 446 9.32 16.03 -7.28
C ALA D 446 10.38 14.92 -7.10
N ALA D 447 11.51 15.00 -7.81
CA ALA D 447 12.67 14.18 -7.51
C ALA D 447 13.10 14.42 -6.05
N GLY D 448 13.47 13.38 -5.31
CA GLY D 448 13.88 13.49 -3.92
C GLY D 448 15.10 14.38 -3.73
N LEU D 449 15.30 15.00 -2.55
CA LEU D 449 16.48 15.85 -2.29
C LEU D 449 17.80 15.10 -2.16
N THR D 450 17.71 13.85 -1.73
CA THR D 450 18.80 13.06 -1.22
C THR D 450 19.09 11.95 -2.19
N ALA D 451 18.56 10.77 -1.98
CA ALA D 451 18.44 9.76 -3.02
C ALA D 451 17.28 8.84 -2.71
N SER D 452 16.60 8.43 -3.77
CA SER D 452 15.25 7.87 -3.76
C SER D 452 15.16 6.83 -4.88
N VAL D 453 14.27 5.84 -4.80
CA VAL D 453 14.31 4.66 -5.67
C VAL D 453 12.98 4.50 -6.42
N GLN D 454 13.09 4.05 -7.66
CA GLN D 454 12.15 4.31 -8.76
C GLN D 454 12.02 3.10 -9.70
N ARG D 455 10.96 3.04 -10.50
CA ARG D 455 10.73 2.03 -11.55
C ARG D 455 9.82 2.54 -12.66
N PHE D 462 14.00 -1.93 -10.80
CA PHE D 462 14.24 -0.68 -10.10
C PHE D 462 15.51 0.04 -10.56
N TYR D 463 15.55 1.35 -10.33
CA TYR D 463 16.68 2.25 -10.57
C TYR D 463 16.71 3.45 -9.60
N LEU D 464 17.87 4.10 -9.49
CA LEU D 464 18.16 5.23 -8.60
C LEU D 464 17.78 6.59 -9.13
N GLU D 465 17.62 7.56 -8.23
CA GLU D 465 17.82 8.96 -8.58
C GLU D 465 18.73 9.65 -7.59
N GLY D 466 19.68 10.44 -8.11
CA GLY D 466 20.41 11.42 -7.32
C GLY D 466 19.57 12.67 -7.11
N GLY D 467 19.43 13.11 -5.86
CA GLY D 467 18.71 14.31 -5.49
C GLY D 467 19.55 15.58 -5.51
N ALA D 468 19.00 16.72 -5.05
CA ALA D 468 19.71 18.00 -5.05
C ALA D 468 21.06 17.97 -4.30
N MET D 469 21.15 17.24 -3.20
CA MET D 469 22.40 16.98 -2.48
C MET D 469 23.43 16.30 -3.38
N VAL D 470 23.05 15.26 -4.13
CA VAL D 470 23.93 14.58 -5.08
C VAL D 470 24.32 15.47 -6.25
N LEU D 471 23.37 16.28 -6.73
CA LEU D 471 23.54 17.12 -7.90
C LEU D 471 24.47 18.29 -7.65
N ALA D 472 24.42 18.90 -6.47
CA ALA D 472 25.43 19.84 -6.00
C ALA D 472 26.76 19.13 -5.66
N ASP D 473 27.87 19.81 -5.87
CA ASP D 473 29.22 19.25 -5.88
C ASP D 473 30.26 20.37 -5.80
N GLY D 474 31.18 20.32 -4.85
CA GLY D 474 31.78 21.53 -4.32
C GLY D 474 30.68 22.52 -3.95
N GLY D 475 30.86 23.79 -4.27
CA GLY D 475 29.77 24.73 -4.49
C GLY D 475 28.67 24.69 -3.43
N VAL D 476 27.42 24.72 -3.83
CA VAL D 476 26.28 24.87 -2.92
C VAL D 476 25.01 24.17 -3.39
N VAL D 477 24.18 23.75 -2.44
CA VAL D 477 22.73 23.62 -2.61
C VAL D 477 22.02 24.49 -1.57
N CYS D 478 20.89 25.11 -1.94
CA CYS D 478 20.15 25.99 -1.04
C CYS D 478 18.65 25.67 -1.05
N ILE D 479 18.00 25.73 0.13
CA ILE D 479 16.72 25.05 0.36
C ILE D 479 15.79 25.86 1.28
N ASP D 480 14.56 26.21 0.87
CA ASP D 480 13.86 27.42 1.38
C ASP D 480 12.86 27.27 2.57
N GLU D 481 11.88 26.37 2.57
CA GLU D 481 11.33 25.75 3.79
C GLU D 481 11.82 24.33 3.73
N PHE D 482 13.06 24.21 4.16
CA PHE D 482 13.63 22.98 4.65
C PHE D 482 12.74 22.31 5.73
N ASP D 483 11.93 23.10 6.43
CA ASP D 483 10.86 22.63 7.33
C ASP D 483 9.86 21.71 6.63
N LYS D 484 9.29 22.22 5.55
CA LYS D 484 8.19 21.66 4.78
C LYS D 484 8.65 20.71 3.69
N MET D 485 9.89 20.87 3.24
CA MET D 485 10.64 19.82 2.58
C MET D 485 10.51 18.57 3.42
N ARG D 486 9.95 17.52 2.84
CA ARG D 486 9.97 16.19 3.44
C ARG D 486 10.05 15.14 2.31
N ASP D 487 10.66 15.55 1.20
CA ASP D 487 10.70 14.83 -0.07
C ASP D 487 11.97 13.97 -0.15
N GLU D 488 11.82 12.72 0.29
CA GLU D 488 12.87 11.86 0.85
C GLU D 488 13.47 12.46 2.13
N ASP D 489 12.67 12.32 3.17
CA ASP D 489 12.60 13.04 4.43
C ASP D 489 13.85 13.00 5.31
N ARG D 490 13.82 13.79 6.40
CA ARG D 490 14.98 14.32 7.15
C ARG D 490 16.07 13.29 7.43
N VAL D 491 15.71 12.06 7.75
CA VAL D 491 16.61 10.90 7.91
C VAL D 491 17.67 10.76 6.81
N ALA D 492 17.37 11.08 5.56
CA ALA D 492 18.31 11.01 4.45
C ALA D 492 19.29 12.18 4.41
N ILE D 493 18.98 13.30 5.05
CA ILE D 493 19.83 14.48 5.13
C ILE D 493 20.89 14.33 6.21
N HIS D 494 20.58 13.59 7.27
CA HIS D 494 21.56 13.29 8.31
C HIS D 494 22.81 12.66 7.71
N GLU D 495 22.70 11.64 6.85
CA GLU D 495 23.86 11.14 6.12
C GLU D 495 24.35 12.16 5.11
N ALA D 496 23.48 12.72 4.28
CA ALA D 496 23.96 13.44 3.11
C ALA D 496 24.81 14.64 3.49
N MET D 497 24.33 15.42 4.45
CA MET D 497 24.88 16.71 4.81
C MET D 497 26.00 16.57 5.83
N GLU D 498 25.96 15.56 6.69
CA GLU D 498 27.02 15.36 7.70
C GLU D 498 28.25 14.68 7.11
N GLN D 499 28.02 13.68 6.27
CA GLN D 499 29.02 12.72 5.83
C GLN D 499 29.56 12.99 4.44
N GLN D 500 29.02 13.97 3.73
CA GLN D 500 29.24 14.19 2.30
C GLN D 500 28.79 12.97 1.49
N THR D 501 27.95 12.10 2.04
CA THR D 501 27.74 10.78 1.48
C THR D 501 26.32 10.33 1.56
N ILE D 502 25.76 9.79 0.49
CA ILE D 502 24.49 9.08 0.56
C ILE D 502 24.72 7.62 0.20
N SER D 503 24.09 6.77 0.98
CA SER D 503 24.24 5.33 0.92
C SER D 503 22.90 4.64 0.62
N ILE D 504 22.89 3.61 -0.22
CA ILE D 504 21.69 2.86 -0.56
C ILE D 504 21.97 1.36 -0.65
N ALA D 505 21.06 0.58 -0.11
CA ALA D 505 20.98 -0.87 -0.22
C ALA D 505 19.51 -1.28 -0.32
N LYS D 506 18.90 -1.04 -1.48
CA LYS D 506 17.46 -1.19 -1.76
C LYS D 506 17.27 -1.94 -3.06
N ALA D 507 16.31 -2.86 -3.12
CA ALA D 507 15.94 -3.54 -4.36
C ALA D 507 17.13 -4.02 -5.20
N GLY D 508 18.14 -4.64 -4.59
CA GLY D 508 19.35 -5.13 -5.28
C GLY D 508 20.35 -4.06 -5.69
N ILE D 509 19.94 -2.78 -5.78
CA ILE D 509 20.82 -1.63 -5.93
C ILE D 509 21.77 -1.59 -4.74
N THR D 510 23.07 -1.61 -5.00
CA THR D 510 24.04 -1.12 -4.03
C THR D 510 25.00 -0.15 -4.69
N THR D 511 25.23 0.96 -4.02
CA THR D 511 26.10 2.06 -4.44
C THR D 511 26.38 3.00 -3.27
N VAL D 512 27.49 3.72 -3.32
CA VAL D 512 27.69 4.97 -2.61
C VAL D 512 27.61 6.10 -3.61
N LEU D 513 26.87 7.11 -3.23
CA LEU D 513 26.74 8.34 -3.98
C LEU D 513 27.50 9.40 -3.21
N ASN D 514 28.48 10.01 -3.85
CA ASN D 514 29.13 11.20 -3.34
C ASN D 514 28.11 12.32 -3.18
N SER D 515 28.42 13.23 -2.27
CA SER D 515 27.63 14.41 -1.94
C SER D 515 28.53 15.50 -1.32
N ARG D 516 29.65 15.81 -2.00
CA ARG D 516 30.72 16.70 -1.52
C ARG D 516 30.36 18.17 -1.64
N THR D 517 29.33 18.63 -0.93
CA THR D 517 28.72 19.93 -1.17
C THR D 517 28.18 20.62 0.07
N SER D 518 28.14 21.94 0.03
CA SER D 518 27.57 22.83 1.02
C SER D 518 26.04 22.80 1.00
N VAL D 519 25.41 23.10 2.15
CA VAL D 519 23.97 23.32 2.27
C VAL D 519 23.62 24.60 3.04
N LEU D 520 22.81 25.42 2.40
CA LEU D 520 22.10 26.53 3.00
C LEU D 520 20.62 26.17 3.13
N ALA D 521 20.04 26.41 4.30
CA ALA D 521 18.65 26.10 4.58
C ALA D 521 17.93 27.31 5.13
N ALA D 522 16.64 27.38 4.86
CA ALA D 522 15.72 28.28 5.50
C ALA D 522 14.45 27.52 5.94
N ALA D 523 13.72 28.03 6.93
CA ALA D 523 12.69 27.25 7.61
C ALA D 523 11.67 28.08 8.42
N ASN D 524 10.52 27.47 8.73
CA ASN D 524 9.54 27.92 9.70
C ASN D 524 9.05 29.35 9.47
N THR D 544 14.41 20.17 17.75
CA THR D 544 14.22 19.08 16.79
C THR D 544 15.53 18.60 16.16
N THR D 545 15.49 17.66 15.22
CA THR D 545 16.68 16.81 14.99
C THR D 545 17.80 17.47 14.21
N ILE D 546 17.44 18.23 13.18
CA ILE D 546 18.37 18.71 12.16
C ILE D 546 19.17 19.94 12.58
N LEU D 547 18.82 20.53 13.73
CA LEU D 547 19.69 21.45 14.45
C LEU D 547 20.99 20.78 14.91
N SER D 548 21.03 19.46 14.97
CA SER D 548 22.28 18.70 15.08
C SER D 548 23.20 18.94 13.90
N ARG D 549 22.64 18.84 12.70
CA ARG D 549 23.40 18.76 11.44
C ARG D 549 23.76 20.13 10.91
N PHE D 550 22.90 21.13 11.05
CA PHE D 550 23.24 22.49 10.67
C PHE D 550 24.26 23.08 11.64
N ASP D 551 25.25 23.73 11.07
CA ASP D 551 26.41 24.17 11.82
C ASP D 551 26.15 25.50 12.53
N MET D 552 25.36 26.40 11.94
CA MET D 552 24.94 27.65 12.56
C MET D 552 23.49 28.01 12.24
N ILE D 553 22.91 28.86 13.11
CA ILE D 553 21.48 29.18 13.15
C ILE D 553 21.23 30.69 13.26
N PHE D 554 20.34 31.23 12.42
CA PHE D 554 19.97 32.64 12.35
C PHE D 554 18.51 32.84 11.98
N ILE D 555 18.00 34.05 12.23
CA ILE D 555 16.61 34.45 12.06
C ILE D 555 16.51 35.91 11.56
N VAL D 556 15.36 36.29 11.00
CA VAL D 556 15.13 37.54 10.26
C VAL D 556 16.17 37.72 9.16
N ASN D 561 10.26 48.46 7.72
CA ASN D 561 10.57 49.12 6.45
C ASN D 561 9.58 48.70 5.34
N GLU D 562 9.37 49.62 4.39
CA GLU D 562 8.49 49.44 3.23
C GLU D 562 9.00 50.11 1.95
N GLU D 563 9.90 51.09 2.04
CA GLU D 563 10.34 51.88 0.88
C GLU D 563 11.08 51.05 -0.19
N ARG D 564 11.68 49.95 0.27
CA ARG D 564 12.23 48.85 -0.54
C ARG D 564 11.24 48.39 -1.62
N ASP D 565 10.00 48.13 -1.23
CA ASP D 565 8.99 47.57 -2.11
C ASP D 565 8.68 48.53 -3.25
N ILE D 566 8.66 49.83 -2.96
CA ILE D 566 8.43 50.85 -3.98
C ILE D 566 9.58 50.87 -5.00
N SER D 567 10.83 50.70 -4.58
CA SER D 567 11.96 50.65 -5.51
C SER D 567 11.95 49.38 -6.36
N ILE D 568 11.66 48.24 -5.73
CA ILE D 568 11.59 46.92 -6.35
C ILE D 568 10.50 46.90 -7.40
N ALA D 569 9.30 47.38 -7.06
CA ALA D 569 8.26 47.52 -8.05
C ALA D 569 8.69 48.45 -9.18
N ASN D 570 9.38 49.56 -8.89
CA ASN D 570 9.87 50.44 -9.95
C ASN D 570 10.90 49.76 -10.85
N HIS D 571 11.70 48.83 -10.37
CA HIS D 571 12.57 47.98 -11.21
C HIS D 571 11.74 47.14 -12.17
N VAL D 572 10.73 46.44 -11.64
CA VAL D 572 9.81 45.64 -12.44
C VAL D 572 9.08 46.49 -13.47
N ILE D 573 8.59 47.66 -13.09
CA ILE D 573 7.98 48.64 -13.98
C ILE D 573 8.97 49.08 -15.05
N ASN D 574 10.23 49.32 -14.72
CA ASN D 574 11.24 49.74 -15.69
C ASN D 574 11.80 48.56 -16.51
N ILE D 575 11.51 47.30 -16.18
CA ILE D 575 11.59 46.25 -17.20
C ILE D 575 10.40 46.39 -18.14
N HIS D 576 9.21 46.55 -17.58
CA HIS D 576 7.97 46.56 -18.35
C HIS D 576 7.75 47.80 -19.22
N THR D 577 8.34 48.92 -18.87
CA THR D 577 8.23 50.24 -19.51
C THR D 577 9.37 51.16 -19.09
N SER D 592 31.07 48.81 -0.14
CA SER D 592 31.43 49.12 -1.51
C SER D 592 30.65 48.35 -2.58
N GLU D 593 30.85 48.74 -3.82
CA GLU D 593 29.97 48.54 -4.97
C GLU D 593 30.35 47.36 -5.86
N ILE D 594 31.10 46.37 -5.37
CA ILE D 594 31.53 45.21 -6.19
C ILE D 594 30.34 44.35 -6.62
N SER D 595 30.55 43.47 -7.61
CA SER D 595 29.49 42.73 -8.28
C SER D 595 29.89 41.31 -8.64
N ILE D 596 28.88 40.51 -8.99
CA ILE D 596 28.98 39.11 -9.40
C ILE D 596 30.13 38.87 -10.39
N GLU D 597 30.27 39.73 -11.41
CA GLU D 597 31.32 39.58 -12.42
C GLU D 597 32.71 39.42 -11.82
N LYS D 598 32.99 40.17 -10.76
CA LYS D 598 34.25 40.10 -10.03
C LYS D 598 34.17 39.03 -8.96
N MET D 599 33.09 39.03 -8.19
CA MET D 599 33.01 38.29 -6.94
C MET D 599 33.01 36.77 -7.14
N LYS D 600 32.28 36.22 -8.10
CA LYS D 600 32.38 34.79 -8.39
C LYS D 600 33.80 34.38 -8.73
N ARG D 601 34.46 35.12 -9.62
CA ARG D 601 35.83 34.82 -10.05
C ARG D 601 36.79 34.95 -8.89
N TYR D 602 36.58 35.92 -8.00
CA TYR D 602 37.39 36.07 -6.81
C TYR D 602 37.24 34.89 -5.86
N ILE D 603 36.02 34.44 -5.61
CA ILE D 603 35.73 33.32 -4.76
C ILE D 603 36.41 32.07 -5.31
N THR D 604 36.22 31.73 -6.59
CA THR D 604 36.91 30.55 -7.08
C THR D 604 38.42 30.70 -7.02
N TYR D 605 38.99 31.89 -7.19
CA TYR D 605 40.42 32.02 -7.08
C TYR D 605 40.91 31.72 -5.67
N CYS D 606 40.21 32.18 -4.64
CA CYS D 606 40.53 31.82 -3.28
C CYS D 606 40.44 30.31 -3.10
N ARG D 607 39.29 29.76 -3.47
CA ARG D 607 39.03 28.34 -3.32
C ARG D 607 40.18 27.48 -3.86
N LEU D 608 40.71 27.78 -5.05
CA LEU D 608 41.82 27.04 -5.63
C LEU D 608 43.18 27.35 -5.01
N LYS D 609 43.48 28.60 -4.64
CA LYS D 609 44.86 29.02 -4.27
C LYS D 609 45.16 29.12 -2.79
N CYS D 610 44.20 28.91 -1.88
CA CYS D 610 44.43 29.02 -0.44
C CYS D 610 43.58 28.06 0.40
N ALA D 611 44.16 27.46 1.44
CA ALA D 611 43.55 26.53 2.39
C ALA D 611 44.24 26.62 3.78
N PRO D 612 43.83 27.55 4.65
CA PRO D 612 44.59 27.94 5.83
C PRO D 612 44.78 26.86 6.88
N ARG D 613 45.73 27.09 7.79
CA ARG D 613 45.90 26.34 9.06
C ARG D 613 45.73 27.24 10.27
N LEU D 614 45.22 26.72 11.37
CA LEU D 614 45.19 27.42 12.65
C LEU D 614 46.61 27.63 13.17
N SER D 615 46.99 28.87 13.49
CA SER D 615 48.17 29.09 14.31
C SER D 615 48.00 28.42 15.69
N PRO D 616 49.10 28.02 16.36
CA PRO D 616 49.03 27.46 17.70
C PRO D 616 48.26 28.35 18.66
N GLN D 617 48.35 29.67 18.50
CA GLN D 617 47.73 30.62 19.38
C GLN D 617 46.22 30.70 19.17
N ALA D 618 45.74 30.37 17.97
CA ALA D 618 44.32 30.17 17.72
C ALA D 618 43.78 28.88 18.38
N ALA D 619 44.55 27.79 18.36
CA ALA D 619 44.17 26.58 19.09
C ALA D 619 44.07 26.82 20.61
N GLU D 620 45.03 27.52 21.22
CA GLU D 620 44.96 27.89 22.65
C GLU D 620 43.67 28.64 22.99
N LYS D 621 43.29 29.60 22.14
CA LYS D 621 42.10 30.41 22.29
C LYS D 621 40.86 29.52 22.18
N LEU D 622 40.78 28.68 21.16
CA LEU D 622 39.61 27.83 20.88
C LEU D 622 39.40 26.71 21.89
N SER D 623 40.45 25.98 22.27
CA SER D 623 40.36 24.92 23.28
C SER D 623 39.89 25.49 24.62
N SER D 624 40.50 26.58 25.05
CA SER D 624 40.16 27.24 26.32
C SER D 624 38.74 27.78 26.30
N ASN D 625 38.32 28.29 25.16
CA ASN D 625 36.94 28.72 24.95
C ASN D 625 35.98 27.55 25.03
N PHE D 626 36.23 26.43 24.34
CA PHE D 626 35.27 25.33 24.28
C PHE D 626 35.01 24.71 25.66
N VAL D 627 36.03 24.62 26.52
CA VAL D 627 35.82 24.15 27.90
C VAL D 627 35.16 25.20 28.78
N THR D 628 35.46 26.48 28.59
CA THR D 628 34.74 27.55 29.27
C THR D 628 33.25 27.51 28.95
N ILE D 629 32.91 27.23 27.70
CA ILE D 629 31.53 26.99 27.31
C ILE D 629 30.97 25.76 28.04
N ARG D 630 31.69 24.64 28.05
CA ARG D 630 31.20 23.44 28.73
C ARG D 630 31.07 23.57 30.25
N LYS D 631 31.91 24.34 30.94
CA LYS D 631 31.80 24.60 32.39
C LYS D 631 30.54 25.40 32.74
N GLN D 632 30.23 26.44 31.97
CA GLN D 632 28.97 27.17 32.14
C GLN D 632 27.78 26.27 31.80
N LEU D 633 27.85 25.52 30.70
CA LEU D 633 26.80 24.58 30.28
C LEU D 633 26.55 23.49 31.34
N LEU D 634 27.60 23.09 32.07
CA LEU D 634 27.54 22.15 33.17
C LEU D 634 26.85 22.74 34.39
N ILE D 635 27.19 23.97 34.82
CA ILE D 635 26.61 24.49 36.07
C ILE D 635 25.17 24.99 35.90
N ASN D 636 24.82 25.55 34.74
CA ASN D 636 23.44 25.94 34.42
C ASN D 636 22.53 24.73 34.25
N PRO D 647 23.15 20.85 24.14
CA PRO D 647 24.51 21.07 24.63
C PRO D 647 25.48 21.40 23.50
N ILE D 648 26.51 22.19 23.78
CA ILE D 648 27.60 22.45 22.82
C ILE D 648 28.57 21.27 22.82
N THR D 649 29.02 20.77 21.71
CA THR D 649 29.85 19.59 21.72
C THR D 649 30.86 19.66 20.59
N ILE D 650 31.66 18.63 20.47
CA ILE D 650 32.73 18.64 19.50
C ILE D 650 32.18 18.84 18.09
N ARG D 651 30.96 18.39 17.80
CA ARG D 651 30.31 18.67 16.54
C ARG D 651 30.25 20.16 16.27
N GLN D 652 30.09 21.00 17.28
CA GLN D 652 30.15 22.45 17.13
C GLN D 652 31.57 22.97 17.09
N LEU D 653 32.46 22.45 17.92
CA LEU D 653 33.84 22.88 17.89
C LEU D 653 34.47 22.75 16.51
N GLU D 654 34.25 21.64 15.84
CA GLU D 654 34.67 21.52 14.47
C GLU D 654 34.04 22.57 13.56
N ALA D 655 32.77 22.91 13.74
CA ALA D 655 32.17 23.95 12.94
C ALA D 655 32.92 25.28 13.12
N ILE D 656 33.27 25.62 14.35
CA ILE D 656 34.04 26.81 14.67
C ILE D 656 35.36 26.81 13.89
N ILE D 657 36.01 25.66 13.91
CA ILE D 657 37.24 25.53 13.21
C ILE D 657 36.99 25.80 11.73
N ARG D 658 35.97 25.21 11.11
CA ARG D 658 35.73 25.43 9.68
C ARG D 658 35.52 26.88 9.34
N ILE D 659 34.78 27.56 10.22
CA ILE D 659 34.51 28.97 10.12
C ILE D 659 35.81 29.73 10.15
N THR D 660 36.63 29.44 11.15
CA THR D 660 37.90 30.12 11.39
C THR D 660 38.82 29.98 10.19
N GLU D 661 38.82 28.83 9.53
CA GLU D 661 39.53 28.65 8.28
C GLU D 661 38.96 29.56 7.20
N SER D 662 37.64 29.56 6.98
CA SER D 662 37.05 30.33 5.88
C SER D 662 37.25 31.83 6.04
N LEU D 663 37.24 32.30 7.28
CA LEU D 663 37.56 33.68 7.64
C LEU D 663 39.01 34.03 7.35
N ALA D 664 39.96 33.13 7.55
CA ALA D 664 41.34 33.35 7.12
C ALA D 664 41.45 33.26 5.59
N LYS D 665 40.67 32.38 4.96
CA LYS D 665 40.70 32.14 3.52
C LYS D 665 40.36 33.37 2.71
N LEU D 666 39.47 34.22 3.20
CA LEU D 666 39.11 35.49 2.57
C LEU D 666 40.31 36.39 2.31
N GLU D 667 41.28 36.39 3.21
CA GLU D 667 42.48 37.22 3.09
C GLU D 667 43.50 36.63 2.12
N LEU D 668 43.27 35.40 1.68
CA LEU D 668 44.29 34.49 1.16
C LEU D 668 45.45 34.30 2.13
N SER D 669 45.26 34.52 3.43
CA SER D 669 46.31 34.26 4.43
C SER D 669 46.62 32.76 4.51
N PRO D 670 47.88 32.31 4.58
CA PRO D 670 48.17 30.89 4.73
C PRO D 670 47.84 30.39 6.14
N ILE D 671 47.76 31.27 7.13
CA ILE D 671 47.43 30.93 8.52
C ILE D 671 46.36 31.83 9.12
N ALA D 672 45.52 31.23 9.95
CA ALA D 672 44.51 31.86 10.78
C ALA D 672 45.09 32.28 12.13
N GLN D 673 44.60 33.38 12.69
CA GLN D 673 45.13 34.06 13.87
C GLN D 673 43.99 34.42 14.84
N GLU D 674 44.30 35.00 16.01
CA GLU D 674 43.26 35.50 16.92
C GLU D 674 42.24 36.41 16.22
N ARG D 675 42.70 37.18 15.24
CA ARG D 675 41.87 38.05 14.41
C ARG D 675 40.68 37.31 13.81
N HIS D 676 40.92 36.12 13.26
CA HIS D 676 39.87 35.27 12.70
C HIS D 676 39.08 34.57 13.78
N VAL D 677 39.77 34.02 14.79
CA VAL D 677 39.11 33.32 15.91
C VAL D 677 38.07 34.22 16.56
N ASP D 678 38.38 35.49 16.76
CA ASP D 678 37.48 36.41 17.44
C ASP D 678 36.20 36.65 16.64
N GLU D 679 36.24 36.80 15.33
CA GLU D 679 35.01 36.90 14.53
C GLU D 679 34.31 35.55 14.37
N ALA D 680 35.06 34.45 14.43
CA ALA D 680 34.50 33.11 14.40
C ALA D 680 33.65 32.83 15.65
N ILE D 681 34.24 32.95 16.84
CA ILE D 681 33.53 32.68 18.09
C ILE D 681 32.43 33.71 18.31
N ARG D 682 32.59 34.97 17.85
CA ARG D 682 31.53 35.99 17.85
C ARG D 682 30.37 35.62 16.95
N LEU D 683 30.64 35.22 15.71
CA LEU D 683 29.60 34.73 14.81
C LEU D 683 28.92 33.49 15.38
N PHE D 684 29.66 32.61 16.03
CA PHE D 684 29.08 31.43 16.64
C PHE D 684 28.18 31.76 17.82
N GLN D 685 28.57 32.71 18.66
CA GLN D 685 27.72 33.20 19.74
C GLN D 685 26.43 33.85 19.24
N ALA D 686 26.34 34.24 17.96
CA ALA D 686 25.07 34.59 17.32
C ALA D 686 24.19 33.38 16.97
N SER D 687 24.56 32.17 17.43
CA SER D 687 23.65 31.03 17.57
C SER D 687 22.33 31.41 18.25
N ALA E 338 41.23 -3.99 -0.75
CA ALA E 338 42.31 -4.44 -1.66
C ALA E 338 43.16 -5.54 -1.02
N ARG E 339 43.95 -6.23 -1.83
CA ARG E 339 44.87 -7.32 -1.44
C ARG E 339 46.30 -6.78 -1.34
N GLN E 340 46.99 -7.06 -0.24
CA GLN E 340 48.42 -6.79 -0.12
C GLN E 340 49.22 -7.97 -0.69
N MET E 341 50.46 -7.73 -1.14
CA MET E 341 51.44 -8.78 -1.35
C MET E 341 52.56 -8.63 -0.32
N LEU E 342 52.78 -9.67 0.49
CA LEU E 342 53.83 -9.71 1.48
C LEU E 342 55.17 -10.11 0.86
N THR E 343 56.27 -9.81 1.55
CA THR E 343 57.63 -10.19 1.15
C THR E 343 58.48 -10.56 2.35
N ASP E 344 59.62 -11.21 2.11
CA ASP E 344 60.51 -11.77 3.12
C ASP E 344 61.08 -10.73 4.11
N PHE E 345 61.08 -9.45 3.73
CA PHE E 345 61.38 -8.35 4.64
C PHE E 345 60.20 -8.06 5.56
N ASP E 346 59.03 -7.78 5.02
CA ASP E 346 57.83 -7.44 5.79
C ASP E 346 57.46 -8.54 6.80
N ILE E 347 57.59 -9.81 6.39
CA ILE E 347 57.32 -10.96 7.24
C ILE E 347 58.32 -11.04 8.41
N ARG E 348 59.58 -10.65 8.24
CA ARG E 348 60.52 -10.52 9.37
C ARG E 348 60.00 -9.49 10.38
N ASN E 349 59.56 -8.33 9.91
CA ASN E 349 59.13 -7.23 10.77
C ASN E 349 57.85 -7.57 11.53
N ILE E 350 56.86 -8.19 10.89
CA ILE E 350 55.65 -8.71 11.53
C ILE E 350 56.00 -9.72 12.61
N ASN E 351 56.87 -10.70 12.34
CA ASN E 351 57.20 -11.69 13.35
C ASN E 351 57.96 -11.08 14.52
N LYS E 352 58.97 -10.24 14.28
CA LYS E 352 59.73 -9.64 15.39
C LYS E 352 58.88 -8.65 16.18
N LEU E 353 57.93 -7.95 15.56
CA LEU E 353 56.99 -7.08 16.26
C LEU E 353 56.00 -7.85 17.12
N SER E 354 55.50 -8.99 16.65
CA SER E 354 54.56 -9.82 17.42
C SER E 354 55.11 -10.33 18.75
N LYS E 355 56.44 -10.35 18.89
CA LYS E 355 57.16 -10.69 20.12
C LYS E 355 56.92 -9.67 21.25
N LYS E 356 56.55 -8.41 20.92
CA LYS E 356 56.52 -7.31 21.89
C LYS E 356 55.48 -7.52 22.99
N LYS E 357 55.83 -7.09 24.20
CA LYS E 357 55.17 -7.47 25.46
C LYS E 357 53.71 -7.03 25.54
N ASP E 358 53.34 -5.91 24.94
CA ASP E 358 51.98 -5.36 24.92
C ASP E 358 51.46 -5.06 23.50
N ILE E 359 51.78 -5.93 22.53
CA ILE E 359 51.45 -5.74 21.11
C ILE E 359 49.98 -5.40 20.84
N PHE E 360 49.03 -5.94 21.60
CA PHE E 360 47.61 -5.61 21.43
C PHE E 360 47.32 -4.14 21.71
N ASP E 361 48.00 -3.52 22.67
CA ASP E 361 47.91 -2.09 22.94
C ASP E 361 48.62 -1.24 21.89
N ILE E 362 49.73 -1.70 21.29
CA ILE E 362 50.36 -0.96 20.19
C ILE E 362 49.38 -0.85 19.02
N LEU E 363 48.86 -1.99 18.58
CA LEU E 363 47.97 -2.06 17.42
C LEU E 363 46.63 -1.39 17.67
N SER E 364 45.98 -1.61 18.81
CA SER E 364 44.71 -0.95 19.10
C SER E 364 44.80 0.57 19.18
N GLN E 365 45.93 1.13 19.61
CA GLN E 365 46.16 2.57 19.54
C GLN E 365 46.41 3.06 18.10
N SER E 366 46.91 2.21 17.21
CA SER E 366 47.20 2.56 15.82
C SER E 366 46.00 2.50 14.88
N LEU E 367 44.87 1.90 15.29
CA LEU E 367 43.58 2.11 14.62
C LEU E 367 43.07 3.54 14.88
N ALA E 368 42.60 4.24 13.84
CA ALA E 368 41.98 5.55 13.95
C ALA E 368 42.58 6.48 15.03
N PRO E 369 43.89 6.73 15.11
CA PRO E 369 44.47 7.55 16.18
C PRO E 369 43.90 8.95 16.23
N SER E 370 43.35 9.44 15.14
CA SER E 370 42.61 10.69 15.08
C SER E 370 41.38 10.71 15.99
N ILE E 371 40.87 9.55 16.43
CA ILE E 371 39.72 9.37 17.32
C ILE E 371 40.20 9.09 18.73
N TYR E 372 39.79 9.92 19.67
CA TYR E 372 40.39 9.94 21.00
C TYR E 372 39.71 9.02 22.02
N GLY E 373 40.49 8.26 22.77
CA GLY E 373 40.10 7.72 24.05
C GLY E 373 39.06 6.61 24.12
N HIS E 374 38.37 6.25 23.04
CA HIS E 374 37.49 5.08 23.00
C HIS E 374 38.23 3.76 22.94
N ASP E 375 39.34 3.71 23.62
CA ASP E 375 40.34 2.64 23.61
C ASP E 375 39.75 1.22 23.61
N HIS E 376 38.76 0.96 24.45
CA HIS E 376 38.13 -0.36 24.50
C HIS E 376 37.30 -0.70 23.27
N ILE E 377 36.77 0.29 22.55
CA ILE E 377 36.09 0.03 21.30
C ILE E 377 37.11 -0.36 20.24
N LYS E 378 38.21 0.40 20.14
CA LYS E 378 39.25 0.12 19.15
C LYS E 378 39.95 -1.22 19.37
N LYS E 379 40.17 -1.64 20.63
CA LYS E 379 40.60 -3.01 20.92
C LYS E 379 39.67 -4.06 20.32
N ALA E 380 38.35 -3.90 20.44
CA ALA E 380 37.43 -4.89 19.89
C ALA E 380 37.40 -4.91 18.37
N ILE E 381 37.61 -3.75 17.76
CA ILE E 381 37.70 -3.67 16.32
C ILE E 381 38.88 -4.48 15.83
N LEU E 382 40.04 -4.38 16.45
CA LEU E 382 41.18 -5.20 16.03
C LEU E 382 40.86 -6.68 16.05
N LEU E 383 40.18 -7.16 17.09
CA LEU E 383 39.78 -8.56 17.17
C LEU E 383 38.75 -8.91 16.10
N MET E 384 37.87 -7.97 15.75
CA MET E 384 36.93 -8.16 14.64
C MET E 384 37.63 -8.34 13.30
N LEU E 385 38.75 -7.67 13.06
CA LEU E 385 39.52 -7.82 11.83
C LEU E 385 40.24 -9.17 11.74
N MET E 386 40.71 -9.72 12.87
CA MET E 386 41.26 -11.07 12.97
C MET E 386 40.19 -12.16 12.89
N GLY E 387 38.96 -11.83 13.26
CA GLY E 387 37.81 -12.72 13.16
C GLY E 387 37.71 -13.75 14.30
N GLY E 388 38.47 -14.84 14.20
CA GLY E 388 38.30 -16.03 15.01
C GLY E 388 38.74 -17.28 14.27
N VAL E 389 38.09 -18.42 14.51
CA VAL E 389 38.23 -19.64 13.71
C VAL E 389 36.83 -20.23 13.44
N GLU E 390 36.41 -20.23 12.19
CA GLU E 390 35.22 -20.95 11.71
C GLU E 390 35.44 -22.46 11.78
N LYS E 391 34.62 -23.21 12.54
CA LYS E 391 34.69 -24.68 12.54
C LYS E 391 33.51 -25.24 11.76
N ASN E 392 33.75 -26.20 10.89
CA ASN E 392 32.73 -27.01 10.26
C ASN E 392 32.96 -28.47 10.67
N LEU E 393 32.00 -29.08 11.36
CA LEU E 393 32.12 -30.48 11.74
C LEU E 393 31.87 -31.39 10.54
N GLU E 394 32.32 -32.64 10.65
CA GLU E 394 32.23 -33.66 9.62
C GLU E 394 30.78 -34.04 9.30
N ASN E 395 29.84 -33.83 10.21
CA ASN E 395 28.41 -34.01 9.96
C ASN E 395 27.76 -32.78 9.29
N GLY E 396 28.55 -31.86 8.74
CA GLY E 396 28.10 -30.62 8.14
C GLY E 396 27.75 -29.50 9.10
N SER E 397 27.74 -29.73 10.42
CA SER E 397 27.35 -28.71 11.40
C SER E 397 28.34 -27.54 11.47
N HIS E 398 27.89 -26.32 11.15
CA HIS E 398 28.69 -25.10 11.15
C HIS E 398 28.78 -24.46 12.54
N LEU E 399 29.93 -23.88 12.88
CA LEU E 399 30.10 -22.99 14.01
C LEU E 399 30.71 -21.67 13.51
N ARG E 400 30.00 -20.56 13.75
CA ARG E 400 30.39 -19.20 13.32
C ARG E 400 31.78 -18.83 13.80
N GLY E 401 32.52 -18.06 13.00
CA GLY E 401 33.91 -17.68 13.28
C GLY E 401 34.17 -16.19 13.43
N ASP E 402 33.14 -15.36 13.47
CA ASP E 402 33.26 -13.92 13.19
C ASP E 402 32.60 -13.05 14.26
N ILE E 403 33.32 -12.02 14.71
CA ILE E 403 32.85 -11.03 15.67
C ILE E 403 31.83 -10.09 15.02
N ASN E 404 30.76 -9.72 15.73
CA ASN E 404 29.87 -8.63 15.35
C ASN E 404 29.80 -7.60 16.46
N ILE E 405 29.84 -6.31 16.14
CA ILE E 405 29.87 -5.24 17.13
C ILE E 405 28.73 -4.28 16.87
N LEU E 406 28.02 -3.87 17.91
CA LEU E 406 27.11 -2.74 17.87
C LEU E 406 27.61 -1.70 18.86
N MET E 407 27.65 -0.45 18.49
CA MET E 407 27.90 0.62 19.43
C MET E 407 26.78 1.62 19.36
N VAL E 408 26.24 1.92 20.51
CA VAL E 408 25.04 2.71 20.71
C VAL E 408 25.38 3.90 21.57
N GLY E 409 24.92 5.10 21.27
CA GLY E 409 25.32 6.21 22.09
C GLY E 409 24.69 7.56 21.84
N ASP E 410 25.07 8.51 22.68
CA ASP E 410 24.75 9.91 22.45
C ASP E 410 25.18 10.35 21.06
N PRO E 411 24.53 11.36 20.50
CA PRO E 411 25.09 12.09 19.39
C PRO E 411 26.47 12.67 19.67
N SER E 412 27.27 12.66 18.62
CA SER E 412 28.52 13.33 18.40
C SER E 412 29.54 12.79 19.37
N THR E 413 30.02 11.61 19.04
CA THR E 413 30.67 10.67 19.93
C THR E 413 31.71 9.79 19.22
N ALA E 414 31.93 10.03 17.96
CA ALA E 414 32.76 9.25 17.07
C ALA E 414 32.23 7.84 16.91
N LYS E 415 30.97 7.58 17.28
CA LYS E 415 30.42 6.26 17.10
C LYS E 415 30.23 6.00 15.63
N SER E 416 29.75 6.98 14.88
CA SER E 416 29.67 6.95 13.44
C SER E 416 31.05 7.02 12.82
N GLN E 417 31.87 7.95 13.27
CA GLN E 417 33.16 8.22 12.66
C GLN E 417 34.08 7.01 12.73
N LEU E 418 33.97 6.24 13.80
CA LEU E 418 34.75 5.04 13.92
C LEU E 418 34.32 3.94 12.95
N LEU E 419 33.05 3.85 12.56
CA LEU E 419 32.75 2.95 11.46
C LEU E 419 33.41 3.43 10.19
N ARG E 420 33.30 4.73 9.91
CA ARG E 420 33.81 5.31 8.66
C ARG E 420 35.30 5.08 8.53
N PHE E 421 35.98 4.85 9.63
CA PHE E 421 37.34 4.35 9.62
C PHE E 421 37.45 2.85 9.35
N VAL E 422 36.72 1.96 10.00
CA VAL E 422 36.89 0.51 9.74
C VAL E 422 36.77 0.18 8.27
N LEU E 423 35.82 0.83 7.62
CA LEU E 423 35.55 0.77 6.20
C LEU E 423 36.81 0.99 5.36
N ASN E 424 37.76 1.79 5.81
CA ASN E 424 38.99 2.08 5.11
C ASN E 424 40.22 1.34 5.64
N THR E 425 40.04 0.34 6.49
CA THR E 425 41.15 -0.53 6.91
C THR E 425 40.83 -2.02 6.94
N ALA E 426 39.65 -2.44 6.57
CA ALA E 426 39.38 -3.83 6.26
C ALA E 426 39.69 -4.16 4.80
N SER E 427 40.08 -5.39 4.51
CA SER E 427 40.46 -5.87 3.18
C SER E 427 39.30 -5.78 2.17
N LEU E 428 38.08 -5.98 2.63
CA LEU E 428 36.85 -5.96 1.84
C LEU E 428 35.74 -5.44 2.74
N ALA E 429 35.17 -4.28 2.46
CA ALA E 429 34.16 -3.66 3.29
C ALA E 429 33.07 -2.98 2.47
N ILE E 430 31.81 -3.20 2.84
CA ILE E 430 30.62 -2.71 2.18
C ILE E 430 29.90 -1.74 3.11
N ALA E 431 29.76 -0.49 2.72
CA ALA E 431 29.08 0.55 3.50
C ALA E 431 27.57 0.60 3.27
N THR E 432 26.85 0.94 4.35
CA THR E 432 25.40 1.15 4.38
C THR E 432 24.91 1.89 5.63
N THR E 433 23.64 2.28 5.66
CA THR E 433 22.94 2.90 6.80
C THR E 433 21.56 2.28 6.98
N GLY E 434 20.93 2.46 8.14
CA GLY E 434 19.62 1.89 8.40
C GLY E 434 18.52 2.37 7.47
N ARG E 435 18.32 3.68 7.30
CA ARG E 435 17.30 4.18 6.35
C ARG E 435 17.72 4.05 4.90
N GLY E 436 19.01 4.12 4.63
CA GLY E 436 19.62 3.72 3.39
C GLY E 436 19.45 2.26 3.06
N SER E 437 18.64 1.50 3.79
CA SER E 437 18.48 0.08 3.62
C SER E 437 17.02 -0.34 3.53
N SER E 438 16.72 -1.32 2.72
CA SER E 438 15.57 -2.19 2.85
C SER E 438 16.06 -3.61 3.07
N GLY E 439 15.39 -4.42 3.87
CA GLY E 439 15.88 -5.75 4.21
C GLY E 439 16.25 -6.64 3.01
N VAL E 440 15.60 -6.49 1.85
CA VAL E 440 15.97 -7.23 0.63
C VAL E 440 17.25 -6.70 0.02
N GLY E 441 17.37 -5.38 -0.13
CA GLY E 441 18.56 -4.75 -0.68
C GLY E 441 19.77 -4.91 0.23
N LEU E 442 19.50 -5.03 1.52
CA LEU E 442 20.46 -5.42 2.52
C LEU E 442 20.91 -6.87 2.35
N THR E 443 20.12 -7.80 1.82
CA THR E 443 20.46 -9.23 1.85
C THR E 443 20.49 -9.91 0.48
N ALA E 444 19.36 -10.20 -0.15
CA ALA E 444 19.27 -10.63 -1.55
C ALA E 444 17.87 -10.27 -2.09
N ALA E 445 17.73 -10.05 -3.39
CA ALA E 445 16.47 -9.65 -4.01
C ALA E 445 16.23 -10.40 -5.31
N VAL E 446 15.03 -10.95 -5.56
CA VAL E 446 14.77 -11.62 -6.85
C VAL E 446 14.50 -10.60 -7.95
N THR E 447 14.93 -10.91 -9.16
CA THR E 447 14.90 -10.00 -10.32
C THR E 447 14.47 -10.75 -11.58
N THR E 448 13.73 -10.11 -12.47
CA THR E 448 13.10 -10.75 -13.64
C THR E 448 14.04 -11.02 -14.84
N ASP E 449 15.32 -10.65 -14.73
CA ASP E 449 16.35 -10.84 -15.77
C ASP E 449 16.00 -10.17 -17.11
N GLU E 454 14.34 -15.51 -17.85
CA GLU E 454 13.75 -16.18 -16.69
C GLU E 454 14.44 -15.73 -15.39
N ARG E 455 13.73 -15.68 -14.25
CA ARG E 455 14.13 -14.93 -13.06
C ARG E 455 15.46 -15.40 -12.45
N ARG E 456 16.14 -14.47 -11.79
CA ARG E 456 17.43 -14.59 -11.09
C ARG E 456 17.32 -14.12 -9.65
N LEU E 457 18.32 -14.45 -8.84
CA LEU E 457 18.54 -13.87 -7.53
C LEU E 457 19.73 -12.91 -7.58
N GLU E 458 19.57 -11.69 -7.11
CA GLU E 458 20.58 -10.62 -7.11
C GLU E 458 21.22 -10.52 -5.72
N ALA E 459 22.54 -10.42 -5.66
CA ALA E 459 23.27 -10.41 -4.39
C ALA E 459 23.09 -9.07 -3.66
N GLY E 460 22.62 -9.04 -2.43
CA GLY E 460 22.52 -7.80 -1.63
C GLY E 460 23.77 -7.51 -0.79
N ALA E 461 23.75 -6.41 -0.03
CA ALA E 461 24.92 -5.92 0.67
C ALA E 461 25.59 -6.90 1.64
N MET E 462 24.83 -7.77 2.30
CA MET E 462 25.36 -8.82 3.16
C MET E 462 25.89 -10.05 2.41
N VAL E 463 25.53 -10.26 1.14
CA VAL E 463 26.03 -11.39 0.32
C VAL E 463 27.32 -11.00 -0.39
N LEU E 464 27.45 -9.75 -0.79
CA LEU E 464 28.72 -9.04 -0.91
C LEU E 464 29.46 -9.09 0.44
N ALA E 465 30.75 -8.75 0.49
CA ALA E 465 31.55 -8.91 1.71
C ALA E 465 31.53 -10.33 2.32
N ASP E 466 31.39 -11.38 1.51
CA ASP E 466 31.27 -12.77 1.94
C ASP E 466 32.48 -13.33 2.69
N ARG E 467 33.59 -12.59 2.76
CA ARG E 467 34.65 -12.86 3.75
C ARG E 467 35.24 -11.56 4.33
N GLY E 468 34.45 -10.50 4.31
CA GLY E 468 34.82 -9.14 4.70
C GLY E 468 33.91 -8.59 5.78
N VAL E 469 33.66 -7.28 5.78
CA VAL E 469 32.90 -6.61 6.83
C VAL E 469 31.81 -5.71 6.24
N VAL E 470 30.70 -5.59 6.94
CA VAL E 470 29.61 -4.72 6.58
C VAL E 470 29.48 -3.65 7.62
N CYS E 471 29.38 -2.39 7.25
CA CYS E 471 29.26 -1.32 8.23
C CYS E 471 27.89 -0.67 8.16
N ILE E 472 27.13 -0.72 9.25
CA ILE E 472 25.78 -0.16 9.31
C ILE E 472 25.75 1.04 10.24
N ASP E 473 25.39 2.20 9.74
CA ASP E 473 25.21 3.39 10.56
C ASP E 473 23.75 3.79 10.67
N GLU E 474 23.35 4.41 11.78
CA GLU E 474 21.93 4.64 12.10
C GLU E 474 21.12 3.35 12.10
N PHE E 475 21.66 2.27 12.64
CA PHE E 475 21.07 0.93 12.58
C PHE E 475 19.65 0.91 13.13
N ASP E 476 19.40 1.71 14.14
CA ASP E 476 18.11 1.84 14.82
C ASP E 476 17.00 2.36 13.89
N LYS E 477 17.33 3.11 12.84
CA LYS E 477 16.32 3.66 11.94
C LYS E 477 15.83 2.64 10.92
N MET E 478 16.39 1.43 10.87
CA MET E 478 15.73 0.33 10.17
C MET E 478 14.38 0.04 10.80
N THR E 479 13.43 -0.39 10.00
CA THR E 479 12.17 -0.91 10.55
C THR E 479 12.39 -2.34 11.03
N ASP E 480 11.61 -2.87 11.97
CA ASP E 480 11.77 -4.28 12.36
C ASP E 480 11.51 -5.24 11.19
N VAL E 481 10.72 -4.79 10.21
CA VAL E 481 10.46 -5.50 8.95
C VAL E 481 11.72 -5.62 8.08
N ASP E 482 12.67 -4.70 8.23
CA ASP E 482 14.02 -4.80 7.67
C ASP E 482 14.98 -5.58 8.57
N ARG E 483 14.95 -5.35 9.89
CA ARG E 483 15.89 -6.01 10.84
C ARG E 483 15.72 -7.52 10.93
N VAL E 484 14.55 -8.05 10.60
CA VAL E 484 14.41 -9.51 10.52
C VAL E 484 15.29 -10.12 9.43
N ALA E 485 15.70 -9.38 8.39
CA ALA E 485 16.60 -9.92 7.38
C ALA E 485 17.99 -10.23 7.96
N ILE E 486 18.51 -9.33 8.80
CA ILE E 486 19.80 -9.46 9.48
C ILE E 486 19.85 -10.67 10.41
N HIS E 487 18.72 -11.06 11.00
CA HIS E 487 18.69 -12.19 11.94
C HIS E 487 19.17 -13.49 11.31
N GLU E 488 18.84 -13.75 10.06
CA GLU E 488 19.24 -14.99 9.38
C GLU E 488 20.74 -15.06 9.23
N VAL E 489 21.37 -13.96 8.85
CA VAL E 489 22.77 -13.93 8.44
C VAL E 489 23.75 -14.01 9.61
N MET E 490 23.51 -13.26 10.68
CA MET E 490 24.53 -13.07 11.71
C MET E 490 24.96 -14.35 12.44
N GLU E 491 24.11 -15.36 12.55
CA GLU E 491 24.48 -16.66 13.13
C GLU E 491 24.68 -17.77 12.09
N GLN E 492 23.75 -17.95 11.16
CA GLN E 492 23.82 -19.02 10.17
C GLN E 492 24.75 -18.69 9.00
N GLN E 493 25.04 -17.42 8.75
CA GLN E 493 25.97 -16.96 7.70
C GLN E 493 25.63 -17.39 6.27
N THR E 494 24.37 -17.69 6.02
CA THR E 494 23.81 -17.90 4.70
C THR E 494 22.49 -17.17 4.61
N VAL E 495 22.28 -16.40 3.56
CA VAL E 495 20.94 -15.93 3.16
C VAL E 495 20.21 -17.07 2.45
N THR E 496 18.90 -17.20 2.63
CA THR E 496 18.12 -18.14 1.86
C THR E 496 16.83 -17.52 1.42
N ILE E 497 16.36 -17.89 0.24
CA ILE E 497 15.23 -17.27 -0.43
C ILE E 497 14.24 -18.34 -0.86
N ALA E 498 12.94 -18.03 -0.79
CA ALA E 498 11.88 -18.81 -1.36
C ALA E 498 10.79 -17.86 -1.88
N LYS E 499 11.03 -17.23 -3.03
CA LYS E 499 10.14 -16.22 -3.64
C LYS E 499 10.02 -16.48 -5.13
N ALA E 500 8.82 -16.44 -5.69
CA ALA E 500 8.57 -16.61 -7.12
C ALA E 500 9.20 -17.88 -7.74
N GLY E 501 9.12 -19.03 -7.07
CA GLY E 501 9.67 -20.28 -7.60
C GLY E 501 11.20 -20.44 -7.54
N ILE E 502 11.95 -19.39 -7.15
CA ILE E 502 13.38 -19.43 -6.81
C ILE E 502 13.54 -19.90 -5.38
N HIS E 503 14.29 -20.99 -5.18
CA HIS E 503 14.75 -21.42 -3.86
C HIS E 503 16.23 -21.77 -3.86
N THR E 504 16.98 -21.19 -2.91
CA THR E 504 18.46 -21.23 -2.84
C THR E 504 19.00 -20.80 -1.48
N THR E 505 20.25 -21.16 -1.17
CA THR E 505 21.06 -20.51 -0.15
C THR E 505 22.23 -19.79 -0.83
N LEU E 506 22.64 -18.65 -0.31
CA LEU E 506 23.86 -17.96 -0.69
C LEU E 506 24.72 -17.80 0.56
N ASN E 507 26.03 -17.93 0.45
CA ASN E 507 26.92 -17.65 1.58
C ASN E 507 26.99 -16.14 1.87
N ALA E 508 27.17 -15.82 3.14
CA ALA E 508 27.11 -14.46 3.67
C ALA E 508 28.00 -14.31 4.91
N ARG E 509 29.23 -14.83 4.89
CA ARG E 509 30.11 -14.99 6.06
C ARG E 509 30.81 -13.70 6.53
N CYS E 510 30.15 -12.57 6.42
CA CYS E 510 30.64 -11.27 6.85
C CYS E 510 30.65 -11.09 8.38
N SER E 511 31.48 -10.18 8.88
CA SER E 511 31.28 -9.49 10.17
C SER E 511 30.41 -8.26 10.00
N VAL E 512 29.56 -7.96 10.97
CA VAL E 512 28.80 -6.70 11.01
C VAL E 512 29.36 -5.79 12.07
N ILE E 513 29.68 -4.56 11.75
CA ILE E 513 29.81 -3.52 12.76
C ILE E 513 28.69 -2.51 12.55
N ALA E 514 28.00 -2.13 13.61
CA ALA E 514 26.82 -1.31 13.53
C ALA E 514 26.83 -0.20 14.56
N ALA E 515 26.15 0.91 14.28
CA ALA E 515 26.03 2.02 15.20
C ALA E 515 24.60 2.55 15.29
N ALA E 516 24.21 3.00 16.47
CA ALA E 516 22.85 3.38 16.78
C ALA E 516 22.76 4.53 17.77
N ASN E 517 21.67 5.28 17.76
CA ASN E 517 21.27 6.09 18.89
C ASN E 517 20.35 5.29 19.82
N PRO E 518 20.32 5.57 21.12
CA PRO E 518 19.23 5.15 21.98
C PRO E 518 17.92 5.92 21.64
N VAL E 519 16.79 5.39 22.11
CA VAL E 519 15.42 5.88 21.84
C VAL E 519 15.23 7.38 22.12
N PHE E 520 15.85 7.87 23.18
CA PHE E 520 15.71 9.22 23.72
C PHE E 520 16.72 10.24 23.18
N GLY E 521 17.40 9.90 22.08
CA GLY E 521 18.46 10.72 21.52
C GLY E 521 19.70 10.54 22.36
N GLN E 522 19.79 11.25 23.48
CA GLN E 522 20.81 10.99 24.50
C GLN E 522 20.51 9.69 25.25
N TYR E 523 21.54 8.99 25.73
CA TYR E 523 21.35 7.83 26.58
C TYR E 523 20.84 8.25 27.96
N ASP E 524 19.69 7.74 28.40
CA ASP E 524 19.13 7.99 29.72
C ASP E 524 19.72 7.00 30.75
N VAL E 525 20.87 7.36 31.32
CA VAL E 525 21.61 6.54 32.31
C VAL E 525 20.84 6.22 33.58
N ASN E 526 19.75 6.93 33.85
CA ASN E 526 18.86 6.69 34.99
C ASN E 526 17.73 5.68 34.68
N ARG E 527 17.74 5.05 33.50
CA ARG E 527 16.76 4.06 33.01
C ARG E 527 17.45 2.80 32.49
N ASP E 528 16.77 1.67 32.56
CA ASP E 528 17.26 0.36 32.10
C ASP E 528 17.67 0.32 30.61
N PRO E 529 18.64 -0.54 30.23
CA PRO E 529 19.12 -0.61 28.86
C PRO E 529 18.07 -1.05 27.86
N HIS E 530 17.23 -2.04 28.18
CA HIS E 530 16.15 -2.51 27.30
C HIS E 530 15.06 -1.45 27.07
N GLN E 531 15.11 -0.33 27.79
CA GLN E 531 14.22 0.81 27.61
C GLN E 531 14.91 1.95 26.85
N ASN E 532 16.23 2.10 26.99
CA ASN E 532 17.05 2.95 26.13
C ASN E 532 17.26 2.39 24.72
N ILE E 533 17.28 1.07 24.55
CA ILE E 533 17.57 0.38 23.30
C ILE E 533 16.31 -0.36 22.84
N ALA E 534 15.77 0.05 21.69
CA ALA E 534 14.52 -0.49 21.16
C ALA E 534 14.62 -1.94 20.65
N LEU E 535 15.82 -2.40 20.31
CA LEU E 535 16.06 -3.67 19.63
C LEU E 535 15.66 -4.87 20.50
N PRO E 536 15.16 -5.96 19.91
CA PRO E 536 14.77 -7.15 20.66
C PRO E 536 15.98 -7.96 21.15
N ASP E 537 15.80 -8.72 22.23
CA ASP E 537 16.86 -9.56 22.79
C ASP E 537 17.40 -10.56 21.76
N SER E 538 16.57 -11.05 20.83
CA SER E 538 17.07 -11.95 19.78
C SER E 538 18.09 -11.29 18.87
N LEU E 539 18.04 -9.97 18.67
CA LEU E 539 19.05 -9.25 17.90
C LEU E 539 20.24 -8.85 18.76
N LEU E 540 20.02 -8.38 19.98
CA LEU E 540 21.12 -8.07 20.90
C LEU E 540 21.91 -9.32 21.29
N SER E 541 21.32 -10.50 21.21
CA SER E 541 21.98 -11.78 21.37
C SER E 541 22.90 -12.15 20.19
N ARG E 542 22.80 -11.48 19.04
CA ARG E 542 23.65 -11.75 17.86
C ARG E 542 24.90 -10.91 17.86
N PHE E 543 24.81 -9.66 18.32
CA PHE E 543 26.00 -8.84 18.55
C PHE E 543 26.82 -9.38 19.71
N ASP E 544 28.10 -9.63 19.45
CA ASP E 544 29.04 -10.13 20.44
C ASP E 544 29.36 -9.07 21.48
N LEU E 545 29.51 -7.83 21.06
CA LEU E 545 29.86 -6.70 21.91
C LEU E 545 28.91 -5.54 21.61
N LEU E 546 28.38 -4.95 22.68
CA LEU E 546 27.38 -3.90 22.66
C LEU E 546 27.91 -2.69 23.42
N PHE E 547 28.62 -1.79 22.75
CA PHE E 547 29.30 -0.67 23.40
C PHE E 547 28.37 0.52 23.59
N VAL E 548 27.86 0.72 24.79
CA VAL E 548 27.19 1.97 25.18
C VAL E 548 28.25 3.06 25.34
N VAL E 549 28.21 4.08 24.48
CA VAL E 549 29.16 5.19 24.42
C VAL E 549 28.44 6.54 24.58
N THR E 550 29.01 7.47 25.34
CA THR E 550 28.28 8.66 25.78
C THR E 550 29.18 9.89 25.91
N ASP E 551 28.64 11.03 25.57
CA ASP E 551 29.19 12.33 25.95
C ASP E 551 28.96 12.56 27.42
N ASP E 552 29.99 12.99 28.13
CA ASP E 552 29.81 13.45 29.50
C ASP E 552 30.75 14.62 29.84
N ILE E 553 30.19 15.69 30.34
CA ILE E 553 30.85 16.99 30.46
C ILE E 553 31.80 16.99 31.66
N ASN E 554 33.09 17.19 31.42
CA ASN E 554 34.17 17.03 32.39
C ASN E 554 35.38 17.84 31.90
N GLU E 555 35.82 18.83 32.68
CA GLU E 555 36.79 19.82 32.21
C GLU E 555 38.03 19.21 31.55
N ILE E 556 38.73 18.29 32.21
CA ILE E 556 39.93 17.68 31.64
C ILE E 556 39.64 16.77 30.43
N ARG E 557 38.48 16.13 30.42
CA ARG E 557 38.04 15.30 29.32
C ARG E 557 37.83 16.17 28.08
N ASP E 558 36.95 17.16 28.18
CA ASP E 558 36.60 18.11 27.13
C ASP E 558 37.83 18.89 26.67
N ARG E 559 38.73 19.28 27.56
CA ARG E 559 39.97 19.95 27.18
C ARG E 559 40.83 19.02 26.33
N SER E 560 41.11 17.84 26.88
CA SER E 560 42.00 16.90 26.25
C SER E 560 41.48 16.51 24.88
N ILE E 561 40.19 16.20 24.77
CA ILE E 561 39.58 15.99 23.47
C ILE E 561 39.74 17.21 22.57
N SER E 562 39.43 18.42 23.05
CA SER E 562 39.47 19.61 22.19
C SER E 562 40.86 19.86 21.60
N GLU E 563 41.88 19.66 22.42
CA GLU E 563 43.27 19.76 22.02
C GLU E 563 43.64 18.69 20.99
N HIS E 564 43.06 17.50 21.14
CA HIS E 564 43.29 16.41 20.23
C HIS E 564 42.79 16.80 18.85
N VAL E 565 41.56 17.28 18.76
CA VAL E 565 41.02 17.67 17.47
C VAL E 565 41.74 18.88 16.85
N LEU E 566 41.98 19.94 17.59
CA LEU E 566 42.74 21.11 17.15
C LEU E 566 44.16 20.77 16.67
N ARG E 567 44.84 19.78 17.27
CA ARG E 567 46.12 19.28 16.74
C ARG E 567 45.94 18.58 15.40
N THR E 568 44.86 17.83 15.37
CA THR E 568 44.44 17.16 14.18
C THR E 568 44.22 18.21 13.10
N HIS E 569 43.50 19.31 13.37
CA HIS E 569 43.21 20.30 12.33
C HIS E 569 44.39 21.22 11.98
N ARG E 570 45.58 20.87 12.40
CA ARG E 570 46.87 21.48 12.04
C ARG E 570 47.77 20.58 11.18
N TYR E 571 47.31 19.40 10.77
CA TYR E 571 48.08 18.46 9.93
C TYR E 571 48.55 19.07 8.59
N LEU E 572 49.67 18.58 8.07
CA LEU E 572 50.23 18.90 6.75
C LEU E 572 50.62 17.62 6.02
N PRO E 573 50.13 17.36 4.81
CA PRO E 573 50.70 16.35 3.94
C PRO E 573 52.19 16.66 3.69
N PRO E 574 53.11 15.70 3.81
CA PRO E 574 54.55 15.96 3.92
C PRO E 574 55.20 16.88 2.87
N GLY E 575 54.82 16.79 1.59
CA GLY E 575 55.35 17.64 0.52
C GLY E 575 54.69 19.01 0.35
N TYR E 576 53.56 19.25 1.01
CA TYR E 576 52.81 20.50 0.91
C TYR E 576 53.38 21.57 1.84
N LEU E 577 52.83 22.80 1.76
CA LEU E 577 53.27 23.96 2.51
C LEU E 577 52.08 24.74 3.08
N GLU E 578 52.37 25.59 4.06
CA GLU E 578 51.42 26.46 4.76
C GLU E 578 50.44 27.14 3.78
N GLY E 579 49.15 26.86 3.90
CA GLY E 579 48.10 27.50 3.11
C GLY E 579 47.96 27.00 1.67
N GLU E 580 48.81 26.09 1.20
CA GLU E 580 48.62 25.42 -0.09
C GLU E 580 47.64 24.25 0.08
N PRO E 581 46.53 24.18 -0.68
CA PRO E 581 45.61 23.05 -0.62
C PRO E 581 46.27 21.79 -1.19
N VAL E 582 45.85 20.63 -0.70
CA VAL E 582 46.20 19.32 -1.25
C VAL E 582 45.80 19.21 -2.73
N ARG E 583 46.50 18.37 -3.50
CA ARG E 583 46.43 18.26 -4.97
C ARG E 583 46.73 19.59 -5.67
N PRO E 648 54.72 3.97 23.40
CA PRO E 648 54.33 5.20 22.73
C PRO E 648 54.32 5.11 21.19
N LYS E 649 54.86 4.04 20.61
CA LYS E 649 54.94 3.81 19.16
C LYS E 649 53.55 3.64 18.54
N LEU E 650 53.40 4.01 17.28
CA LEU E 650 52.26 3.70 16.41
C LEU E 650 52.76 3.18 15.07
N VAL E 651 52.23 2.07 14.57
CA VAL E 651 52.53 1.59 13.22
C VAL E 651 51.81 2.41 12.14
N THR E 652 52.40 2.54 10.96
CA THR E 652 51.79 3.17 9.79
C THR E 652 50.75 2.25 9.18
N ILE E 653 49.57 2.70 8.85
CA ILE E 653 48.47 1.78 8.64
C ILE E 653 48.64 0.77 7.49
N PRO E 654 49.34 1.00 6.37
CA PRO E 654 49.59 -0.07 5.42
C PRO E 654 50.34 -1.25 6.03
N PHE E 655 51.22 -1.01 7.00
CA PHE E 655 51.84 -2.09 7.76
C PHE E 655 50.81 -2.81 8.64
N LEU E 656 49.94 -2.07 9.31
CA LEU E 656 48.86 -2.69 10.09
C LEU E 656 48.01 -3.62 9.20
N ARG E 657 47.70 -3.19 8.01
CA ARG E 657 46.89 -3.99 7.12
C ARG E 657 47.66 -5.24 6.72
N LYS E 658 48.96 -5.13 6.42
CA LYS E 658 49.81 -6.30 6.18
C LYS E 658 49.84 -7.23 7.40
N TYR E 659 49.87 -6.71 8.62
CA TYR E 659 49.87 -7.53 9.84
C TYR E 659 48.58 -8.34 9.96
N VAL E 660 47.43 -7.68 9.82
CA VAL E 660 46.11 -8.31 9.77
C VAL E 660 46.05 -9.38 8.71
N GLN E 661 46.55 -9.13 7.49
CA GLN E 661 46.52 -10.13 6.43
C GLN E 661 47.40 -11.35 6.77
N TYR E 662 48.61 -11.15 7.28
CA TYR E 662 49.49 -12.25 7.66
C TYR E 662 48.86 -13.12 8.76
N ALA E 663 48.33 -12.48 9.80
CA ALA E 663 47.71 -13.19 10.91
C ALA E 663 46.44 -13.93 10.47
N LYS E 664 45.64 -13.32 9.61
CA LYS E 664 44.41 -13.94 9.14
C LYS E 664 44.69 -15.11 8.20
N GLU E 665 45.76 -15.07 7.39
CA GLU E 665 46.19 -16.21 6.58
C GLU E 665 46.87 -17.34 7.35
N ARG E 666 47.87 -17.05 8.19
CA ARG E 666 48.94 -18.03 8.51
C ARG E 666 48.98 -18.52 9.95
N VAL E 667 47.97 -18.25 10.77
CA VAL E 667 47.79 -18.88 12.08
C VAL E 667 46.33 -19.25 12.35
N ILE E 668 46.09 -20.42 12.94
CA ILE E 668 44.76 -20.95 13.25
C ILE E 668 44.81 -21.50 14.69
N PRO E 669 44.60 -20.66 15.71
CA PRO E 669 44.84 -21.05 17.10
C PRO E 669 43.94 -22.19 17.58
N GLN E 670 44.52 -23.14 18.31
CA GLN E 670 43.79 -24.22 18.99
C GLN E 670 43.66 -23.90 20.47
N LEU E 671 42.51 -24.12 21.09
CA LEU E 671 42.35 -23.84 22.52
C LEU E 671 43.14 -24.82 23.40
N THR E 672 43.95 -24.29 24.31
CA THR E 672 44.45 -25.05 25.45
C THR E 672 43.34 -25.25 26.48
N GLN E 673 43.37 -26.34 27.26
CA GLN E 673 42.42 -26.49 28.36
C GLN E 673 42.63 -25.43 29.46
N GLU E 674 43.85 -24.94 29.58
CA GLU E 674 44.22 -23.87 30.49
C GLU E 674 43.43 -22.60 30.20
N ALA E 675 43.19 -22.27 28.93
CA ALA E 675 42.27 -21.22 28.52
C ALA E 675 40.81 -21.60 28.77
N ILE E 676 40.40 -22.83 28.47
CA ILE E 676 39.01 -23.28 28.68
C ILE E 676 38.55 -23.09 30.12
N ASN E 677 39.40 -23.34 31.11
CA ASN E 677 39.03 -23.13 32.51
C ASN E 677 38.66 -21.67 32.80
N VAL E 678 39.32 -20.71 32.16
CA VAL E 678 39.04 -19.27 32.32
C VAL E 678 37.80 -18.84 31.54
N ILE E 679 37.60 -19.42 30.35
CA ILE E 679 36.39 -19.23 29.55
C ILE E 679 35.17 -19.73 30.31
N VAL E 680 35.25 -20.92 30.91
CA VAL E 680 34.15 -21.52 31.70
C VAL E 680 33.89 -20.76 32.99
N LYS E 681 34.93 -20.45 33.78
CA LYS E 681 34.81 -19.65 35.01
C LYS E 681 34.11 -18.32 34.75
N ASN E 682 34.46 -17.64 33.67
CA ASN E 682 33.80 -16.41 33.29
C ASN E 682 32.37 -16.63 32.82
N TYR E 683 32.11 -17.51 31.85
CA TYR E 683 30.74 -17.70 31.37
C TYR E 683 29.77 -18.04 32.49
N THR E 684 30.10 -18.97 33.38
CA THR E 684 29.15 -19.38 34.41
C THR E 684 28.88 -18.28 35.42
N ASP E 685 29.88 -17.51 35.85
CA ASP E 685 29.65 -16.43 36.81
C ASP E 685 29.07 -15.16 36.18
N LEU E 686 29.34 -14.90 34.90
CA LEU E 686 28.79 -13.78 34.16
C LEU E 686 27.31 -13.95 33.93
N ARG E 687 26.86 -15.18 33.70
CA ARG E 687 25.46 -15.51 33.47
C ARG E 687 24.66 -15.69 34.74
N ASN E 688 25.25 -16.21 35.81
CA ASN E 688 24.53 -16.47 37.05
C ASN E 688 24.48 -15.32 38.08
N ASP E 689 25.46 -14.42 38.16
CA ASP E 689 25.34 -13.25 39.05
C ASP E 689 24.29 -12.25 38.56
N ASP E 690 23.66 -11.57 39.52
CA ASP E 690 22.39 -10.85 39.36
C ASP E 690 22.51 -9.38 38.94
N ASN E 691 23.72 -8.82 38.92
CA ASN E 691 23.96 -7.43 38.51
C ASN E 691 23.44 -7.18 37.07
N THR E 692 22.79 -6.05 36.84
CA THR E 692 22.08 -5.76 35.58
C THR E 692 23.07 -5.58 34.43
N LYS E 693 22.86 -6.33 33.34
CA LYS E 693 23.72 -6.34 32.13
C LYS E 693 23.16 -5.42 31.05
N LYS E 694 24.00 -4.97 30.12
CA LYS E 694 23.58 -4.17 28.94
C LYS E 694 22.71 -4.97 27.96
N SER E 695 22.83 -6.29 27.91
CA SER E 695 21.89 -7.23 27.29
C SER E 695 21.92 -8.60 28.01
N PRO E 696 20.86 -9.43 27.95
CA PRO E 696 20.85 -10.75 28.58
C PRO E 696 21.95 -11.71 28.08
N ILE E 697 22.53 -12.47 29.00
CA ILE E 697 23.63 -13.40 28.73
C ILE E 697 23.07 -14.76 28.29
N THR E 698 23.08 -15.00 26.99
CA THR E 698 22.63 -16.25 26.38
C THR E 698 23.79 -17.24 26.24
N ALA E 699 23.51 -18.45 25.78
CA ALA E 699 24.54 -19.38 25.36
C ALA E 699 25.32 -18.94 24.11
N ARG E 700 24.93 -17.86 23.40
CA ARG E 700 25.80 -17.25 22.38
C ARG E 700 26.98 -16.54 23.00
N THR E 701 26.83 -16.00 24.20
CA THR E 701 27.93 -15.30 24.89
C THR E 701 29.11 -16.20 25.19
N LEU E 702 28.91 -17.49 25.45
CA LEU E 702 30.04 -18.42 25.62
C LEU E 702 30.90 -18.49 24.38
N GLU E 703 30.26 -18.48 23.21
CA GLU E 703 30.92 -18.47 21.91
C GLU E 703 31.68 -17.16 21.72
N THR E 704 31.14 -16.04 22.19
CA THR E 704 31.83 -14.76 22.12
C THR E 704 33.17 -14.85 22.82
N LEU E 705 33.23 -15.38 24.04
CA LEU E 705 34.49 -15.59 24.74
C LEU E 705 35.44 -16.49 23.96
N ILE E 706 34.96 -17.61 23.41
CA ILE E 706 35.80 -18.51 22.64
C ILE E 706 36.36 -17.81 21.42
N ARG E 707 35.57 -16.96 20.76
CA ARG E 707 36.04 -16.23 19.58
C ARG E 707 36.97 -15.09 19.94
N LEU E 708 36.70 -14.27 20.94
CA LEU E 708 37.60 -13.19 21.30
C LEU E 708 38.97 -13.70 21.76
N ALA E 709 39.05 -14.80 22.51
CA ALA E 709 40.32 -15.38 22.88
C ALA E 709 41.06 -15.97 21.68
N THR E 710 40.36 -16.60 20.75
CA THR E 710 40.97 -17.06 19.49
C THR E 710 41.45 -15.90 18.62
N ALA E 711 40.74 -14.78 18.60
CA ALA E 711 41.13 -13.61 17.85
C ALA E 711 42.34 -12.92 18.46
N HIS E 712 42.45 -12.85 19.79
CA HIS E 712 43.63 -12.30 20.43
C HIS E 712 44.85 -13.20 20.20
N ALA E 713 44.71 -14.53 20.27
CA ALA E 713 45.81 -15.41 19.94
C ALA E 713 46.30 -15.21 18.49
N LYS E 714 45.40 -14.90 17.54
CA LYS E 714 45.80 -14.48 16.19
C LYS E 714 46.63 -13.20 16.22
N VAL E 715 46.21 -12.16 16.96
CA VAL E 715 47.03 -10.95 17.10
C VAL E 715 48.42 -11.29 17.60
N ARG E 716 48.52 -12.20 18.57
CA ARG E 716 49.76 -12.67 19.20
C ARG E 716 50.54 -13.68 18.34
N LEU E 717 50.07 -13.97 17.13
CA LEU E 717 50.58 -14.98 16.20
C LEU E 717 50.85 -16.35 16.85
N SER E 718 49.93 -16.82 17.69
CA SER E 718 50.10 -18.01 18.52
C SER E 718 49.31 -19.21 18.01
N LYS E 719 49.95 -20.36 17.81
CA LYS E 719 49.30 -21.62 17.41
C LYS E 719 48.32 -22.15 18.46
N THR E 720 48.41 -21.69 19.71
CA THR E 720 47.52 -22.08 20.80
C THR E 720 46.98 -20.86 21.53
N VAL E 721 45.70 -20.90 21.89
CA VAL E 721 45.06 -19.90 22.75
C VAL E 721 45.43 -20.20 24.19
N ASN E 722 46.04 -19.25 24.87
CA ASN E 722 46.58 -19.40 26.22
C ASN E 722 45.75 -18.60 27.25
N LYS E 723 46.04 -18.75 28.53
CA LYS E 723 45.36 -18.03 29.62
C LYS E 723 45.39 -16.51 29.43
N VAL E 724 46.46 -15.99 28.85
CA VAL E 724 46.64 -14.56 28.56
C VAL E 724 45.58 -14.03 27.60
N ASP E 725 45.28 -14.78 26.54
CA ASP E 725 44.27 -14.38 25.57
C ASP E 725 42.88 -14.42 26.18
N ALA E 726 42.57 -15.50 26.89
CA ALA E 726 41.28 -15.65 27.56
C ALA E 726 41.05 -14.54 28.59
N LYS E 727 42.08 -14.15 29.33
CA LYS E 727 42.00 -13.07 30.31
C LYS E 727 41.75 -11.72 29.64
N VAL E 728 42.34 -11.45 28.48
CA VAL E 728 42.03 -10.21 27.74
C VAL E 728 40.62 -10.24 27.18
N ALA E 729 40.18 -11.37 26.63
CA ALA E 729 38.82 -11.55 26.15
C ALA E 729 37.76 -11.36 27.25
N ALA E 730 37.97 -11.92 28.43
CA ALA E 730 37.07 -11.78 29.55
C ALA E 730 36.98 -10.34 30.06
N ASN E 731 38.10 -9.63 30.17
CA ASN E 731 38.14 -8.23 30.58
C ASN E 731 37.46 -7.31 29.58
N LEU E 732 37.64 -7.57 28.29
CA LEU E 732 36.98 -6.82 27.23
C LEU E 732 35.48 -7.11 27.19
N LEU E 733 35.07 -8.35 27.38
CA LEU E 733 33.66 -8.69 27.41
C LEU E 733 32.97 -8.09 28.63
N ARG E 734 33.57 -8.17 29.82
CA ARG E 734 32.97 -7.58 31.03
C ARG E 734 32.92 -6.07 30.96
N PHE E 735 33.88 -5.40 30.35
CA PHE E 735 33.76 -3.97 30.03
C PHE E 735 32.53 -3.67 29.17
N ALA E 736 32.27 -4.46 28.13
CA ALA E 736 31.12 -4.23 27.27
C ALA E 736 29.79 -4.52 27.97
N LEU E 737 29.65 -5.69 28.61
CA LEU E 737 28.35 -6.19 29.09
C LEU E 737 27.95 -5.64 30.46
N LEU E 738 28.90 -5.41 31.37
CA LEU E 738 28.61 -4.92 32.71
C LEU E 738 28.84 -3.42 32.80
N GLY E 739 30.10 -3.02 32.66
CA GLY E 739 30.55 -1.66 32.89
C GLY E 739 32.05 -1.56 33.04
N GLU E 740 32.57 -0.35 33.01
CA GLU E 740 33.99 -0.03 33.00
C GLU E 740 34.81 -0.71 34.12
N ASP E 741 35.96 -1.25 33.77
CA ASP E 741 37.10 -1.52 34.66
C ASP E 741 38.40 -1.05 34.00
N GLN F 500 -25.96 -45.04 -17.93
CA GLN F 500 -27.42 -44.92 -18.19
C GLN F 500 -28.19 -45.93 -17.34
N ILE F 501 -29.38 -45.56 -16.87
CA ILE F 501 -30.22 -46.37 -15.97
C ILE F 501 -30.93 -47.50 -16.75
N THR F 502 -30.76 -48.75 -16.30
CA THR F 502 -31.52 -49.90 -16.81
C THR F 502 -32.80 -50.14 -15.99
N ASP F 503 -33.71 -50.99 -16.47
CA ASP F 503 -34.94 -51.34 -15.75
C ASP F 503 -34.67 -51.98 -14.38
N GLN F 504 -33.59 -52.74 -14.26
CA GLN F 504 -33.15 -53.31 -12.99
C GLN F 504 -32.59 -52.23 -12.06
N ASP F 505 -31.86 -51.25 -12.59
CA ASP F 505 -31.35 -50.13 -11.80
C ASP F 505 -32.48 -49.23 -11.29
N LEU F 506 -33.45 -48.91 -12.14
CA LEU F 506 -34.64 -48.17 -11.73
C LEU F 506 -35.44 -48.90 -10.65
N ALA F 507 -35.52 -50.22 -10.71
CA ALA F 507 -36.21 -51.02 -9.71
C ALA F 507 -35.55 -50.93 -8.33
N LYS F 508 -34.21 -50.86 -8.27
CA LYS F 508 -33.46 -50.63 -7.02
C LYS F 508 -33.74 -49.24 -6.47
N ILE F 509 -33.66 -48.22 -7.32
CA ILE F 509 -33.90 -46.83 -6.97
C ILE F 509 -35.30 -46.65 -6.39
N ARG F 510 -36.33 -47.22 -7.03
CA ARG F 510 -37.71 -47.18 -6.54
C ARG F 510 -37.95 -47.99 -5.27
N GLU F 511 -37.21 -49.07 -5.06
CA GLU F 511 -37.21 -49.80 -3.78
C GLU F 511 -36.66 -48.91 -2.66
N VAL F 512 -35.49 -48.31 -2.86
CA VAL F 512 -34.83 -47.45 -1.85
C VAL F 512 -35.70 -46.28 -1.46
N ALA F 513 -36.31 -45.58 -2.43
CA ALA F 513 -37.12 -44.40 -2.14
C ALA F 513 -38.35 -44.66 -1.27
N ALA F 514 -38.80 -45.92 -1.16
CA ALA F 514 -39.93 -46.31 -0.33
C ALA F 514 -39.56 -46.54 1.15
N ARG F 515 -38.28 -46.48 1.52
CA ARG F 515 -37.82 -46.70 2.90
C ARG F 515 -38.18 -45.54 3.83
N GLU F 516 -38.41 -45.85 5.09
CA GLU F 516 -38.72 -44.84 6.10
C GLU F 516 -37.48 -44.15 6.66
N ASP F 517 -36.32 -44.80 6.68
CA ASP F 517 -35.06 -44.21 7.14
C ASP F 517 -34.35 -43.36 6.07
N LEU F 518 -34.92 -43.20 4.89
CA LEU F 518 -34.23 -42.75 3.68
C LEU F 518 -33.37 -41.50 3.86
N TYR F 519 -33.91 -40.45 4.46
CA TYR F 519 -33.17 -39.18 4.57
C TYR F 519 -31.95 -39.32 5.47
N SER F 520 -32.02 -40.14 6.50
CA SER F 520 -30.86 -40.46 7.35
C SER F 520 -29.92 -41.44 6.66
N LEU F 521 -30.45 -42.39 5.89
CA LEU F 521 -29.69 -43.39 5.16
C LEU F 521 -28.81 -42.74 4.10
N LEU F 522 -29.33 -41.80 3.33
CA LEU F 522 -28.56 -41.04 2.36
C LEU F 522 -27.55 -40.13 3.06
N ALA F 523 -27.98 -39.40 4.09
CA ALA F 523 -27.09 -38.52 4.82
C ALA F 523 -25.89 -39.26 5.42
N ARG F 524 -26.08 -40.38 6.13
CA ARG F 524 -24.94 -41.16 6.66
C ARG F 524 -24.10 -41.82 5.57
N SER F 525 -24.63 -41.96 4.36
CA SER F 525 -23.99 -42.59 3.23
C SER F 525 -23.22 -41.66 2.29
N ILE F 526 -23.42 -40.35 2.30
CA ILE F 526 -22.59 -39.44 1.49
C ILE F 526 -21.16 -39.32 2.01
N ALA F 527 -20.94 -39.56 3.31
CA ALA F 527 -19.63 -39.48 3.93
C ALA F 527 -19.51 -40.46 5.11
N PRO F 528 -19.28 -41.76 4.89
CA PRO F 528 -19.41 -42.76 5.94
C PRO F 528 -18.45 -42.58 7.12
N SER F 529 -17.24 -42.07 6.93
CA SER F 529 -16.23 -42.09 8.00
C SER F 529 -16.30 -40.88 8.94
N ILE F 530 -17.07 -39.85 8.59
CA ILE F 530 -17.33 -38.68 9.43
C ILE F 530 -18.30 -39.05 10.57
N TYR F 531 -18.00 -38.73 11.83
CA TYR F 531 -18.85 -39.04 12.99
C TYR F 531 -19.82 -37.91 13.30
N GLU F 532 -21.05 -38.26 13.66
CA GLU F 532 -22.17 -37.35 13.91
C GLU F 532 -22.30 -36.29 12.81
N LEU F 533 -22.24 -35.00 13.13
CA LEU F 533 -22.50 -33.88 12.22
C LEU F 533 -23.74 -34.11 11.36
N GLU F 534 -24.79 -34.68 11.94
CA GLU F 534 -25.94 -35.14 11.15
C GLU F 534 -26.64 -34.01 10.41
N ASP F 535 -26.85 -32.85 11.02
CA ASP F 535 -27.47 -31.74 10.30
C ASP F 535 -26.56 -31.11 9.25
N VAL F 536 -25.24 -31.29 9.32
CA VAL F 536 -24.34 -30.83 8.28
C VAL F 536 -24.43 -31.76 7.07
N LYS F 537 -24.38 -33.07 7.27
CA LYS F 537 -24.62 -34.02 6.17
C LYS F 537 -26.01 -33.85 5.58
N LYS F 538 -27.05 -33.70 6.40
CA LYS F 538 -28.44 -33.61 5.93
C LYS F 538 -28.70 -32.41 5.04
N GLY F 539 -27.93 -31.33 5.14
CA GLY F 539 -28.02 -30.19 4.22
C GLY F 539 -27.11 -30.32 3.00
N ILE F 540 -25.91 -30.85 3.14
CA ILE F 540 -25.04 -31.07 1.98
C ILE F 540 -25.58 -32.15 1.05
N LEU F 541 -26.32 -33.13 1.57
CA LEU F 541 -27.08 -34.02 0.73
C LEU F 541 -28.04 -33.24 -0.17
N LEU F 542 -28.82 -32.31 0.37
CA LEU F 542 -29.77 -31.52 -0.41
C LEU F 542 -29.08 -30.66 -1.45
N GLN F 543 -27.87 -30.17 -1.20
CA GLN F 543 -27.14 -29.42 -2.22
C GLN F 543 -26.83 -30.24 -3.47
N LEU F 544 -26.61 -31.56 -3.34
CA LEU F 544 -26.32 -32.40 -4.48
C LEU F 544 -27.53 -32.50 -5.40
N PHE F 545 -28.72 -32.75 -4.86
CA PHE F 545 -29.94 -32.74 -5.67
C PHE F 545 -30.25 -31.36 -6.23
N GLY F 546 -30.13 -30.32 -5.41
CA GLY F 546 -30.56 -28.97 -5.77
C GLY F 546 -32.07 -28.82 -5.89
N GLY F 547 -32.55 -27.60 -6.05
CA GLY F 547 -33.97 -27.31 -6.32
C GLY F 547 -34.40 -27.64 -7.76
N THR F 548 -35.49 -27.06 -8.24
CA THR F 548 -35.83 -27.01 -9.68
C THR F 548 -35.26 -25.76 -10.34
N ASN F 549 -35.18 -25.79 -11.68
CA ASN F 549 -34.59 -24.73 -12.50
C ASN F 549 -35.64 -24.16 -13.44
N LYS F 550 -35.87 -22.85 -13.43
CA LYS F 550 -37.01 -22.23 -14.12
C LYS F 550 -36.71 -20.96 -14.89
N THR F 551 -37.20 -20.95 -16.12
CA THR F 551 -37.13 -19.90 -17.12
C THR F 551 -38.50 -19.24 -17.25
N PHE F 552 -38.58 -17.92 -17.17
CA PHE F 552 -39.81 -17.21 -17.49
C PHE F 552 -39.64 -16.55 -18.85
N THR F 553 -40.63 -16.67 -19.72
CA THR F 553 -40.54 -16.11 -21.09
C THR F 553 -40.21 -14.62 -21.09
N LYS F 554 -40.77 -13.88 -20.12
CA LYS F 554 -40.25 -12.60 -19.59
C LYS F 554 -40.39 -12.62 -18.06
N GLY F 555 -39.52 -11.92 -17.33
CA GLY F 555 -39.50 -11.92 -15.85
C GLY F 555 -38.33 -12.67 -15.19
N GLY F 556 -37.24 -12.97 -15.92
CA GLY F 556 -35.99 -13.50 -15.36
C GLY F 556 -35.87 -15.03 -15.26
N ARG F 557 -34.76 -15.46 -14.67
CA ARG F 557 -34.38 -16.88 -14.54
C ARG F 557 -33.93 -17.16 -13.11
N TYR F 558 -34.31 -18.35 -12.63
CA TYR F 558 -34.22 -18.77 -11.24
C TYR F 558 -33.76 -20.24 -11.21
N ARG F 559 -33.05 -20.67 -10.15
CA ARG F 559 -32.32 -21.94 -10.19
C ARG F 559 -32.08 -22.62 -8.85
N GLY F 560 -32.04 -23.96 -8.87
CA GLY F 560 -31.86 -24.83 -7.72
C GLY F 560 -30.46 -24.90 -7.12
N ASP F 561 -29.57 -23.96 -7.41
CA ASP F 561 -28.21 -23.98 -6.89
C ASP F 561 -28.15 -23.42 -5.48
N ILE F 562 -28.17 -24.33 -4.52
CA ILE F 562 -28.08 -24.10 -3.08
C ILE F 562 -26.63 -23.83 -2.71
N ASN F 563 -26.34 -22.74 -2.03
CA ASN F 563 -25.00 -22.38 -1.59
C ASN F 563 -24.86 -22.66 -0.10
N ILE F 564 -23.75 -23.23 0.34
CA ILE F 564 -23.57 -23.63 1.73
C ILE F 564 -22.27 -23.07 2.26
N LEU F 565 -22.28 -22.59 3.48
CA LEU F 565 -21.10 -22.13 4.20
C LEU F 565 -20.91 -22.95 5.47
N LEU F 566 -19.84 -23.73 5.53
CA LEU F 566 -19.39 -24.43 6.72
C LEU F 566 -18.48 -23.49 7.49
N CYS F 567 -18.99 -22.76 8.47
CA CYS F 567 -18.17 -21.91 9.31
C CYS F 567 -17.92 -22.60 10.65
N GLY F 568 -16.70 -22.67 11.12
CA GLY F 568 -16.47 -23.20 12.45
C GLY F 568 -15.05 -23.27 12.92
N ASP F 569 -14.89 -23.63 14.18
CA ASP F 569 -13.60 -23.75 14.83
C ASP F 569 -12.79 -24.95 14.26
N PRO F 570 -11.45 -24.95 14.41
CA PRO F 570 -10.60 -25.90 13.73
C PRO F 570 -10.75 -27.32 14.25
N SER F 571 -10.24 -28.27 13.49
CA SER F 571 -10.27 -29.69 13.75
C SER F 571 -11.70 -30.19 13.93
N THR F 572 -12.61 -29.87 13.00
CA THR F 572 -14.03 -30.23 13.08
C THR F 572 -14.56 -30.88 11.82
N SER F 573 -13.70 -31.23 10.86
CA SER F 573 -13.91 -31.92 9.58
C SER F 573 -14.60 -31.10 8.48
N LYS F 574 -14.44 -29.79 8.54
CA LYS F 574 -14.97 -28.87 7.52
C LYS F 574 -14.29 -29.19 6.21
N SER F 575 -12.96 -29.23 6.20
CA SER F 575 -12.14 -29.52 5.04
C SER F 575 -12.26 -30.97 4.54
N GLN F 576 -12.50 -31.93 5.43
CA GLN F 576 -12.71 -33.33 5.07
C GLN F 576 -14.12 -33.62 4.52
N ILE F 577 -15.19 -32.98 5.02
CA ILE F 577 -16.51 -33.05 4.34
C ILE F 577 -16.40 -32.44 2.95
N LEU F 578 -15.61 -31.38 2.83
CA LEU F 578 -15.32 -30.77 1.56
C LEU F 578 -14.59 -31.73 0.62
N GLN F 579 -13.75 -32.63 1.12
CA GLN F 579 -13.13 -33.67 0.28
C GLN F 579 -14.16 -34.70 -0.19
N TYR F 580 -15.05 -35.12 0.71
CA TYR F 580 -16.10 -36.08 0.35
C TYR F 580 -16.98 -35.54 -0.78
N VAL F 581 -17.52 -34.33 -0.63
CA VAL F 581 -18.37 -33.72 -1.66
C VAL F 581 -17.66 -33.61 -2.99
N HIS F 582 -16.41 -33.16 -3.03
CA HIS F 582 -15.64 -33.02 -4.28
C HIS F 582 -15.44 -34.36 -4.99
N LYS F 583 -15.27 -35.47 -4.26
CA LYS F 583 -15.21 -36.80 -4.87
C LYS F 583 -16.58 -37.25 -5.39
N ILE F 584 -17.66 -36.93 -4.68
CA ILE F 584 -19.01 -37.40 -5.01
C ILE F 584 -19.65 -36.62 -6.15
N THR F 585 -19.36 -35.32 -6.29
CA THR F 585 -20.01 -34.48 -7.29
C THR F 585 -19.69 -34.96 -8.71
N PRO F 586 -20.67 -35.15 -9.60
CA PRO F 586 -20.45 -35.60 -10.98
C PRO F 586 -19.50 -34.73 -11.82
N ARG F 587 -19.32 -33.46 -11.45
CA ARG F 587 -18.36 -32.48 -12.00
C ARG F 587 -18.05 -31.47 -10.91
N GLY F 588 -16.89 -30.82 -10.90
CA GLY F 588 -16.60 -29.80 -9.90
C GLY F 588 -15.16 -29.33 -9.81
N VAL F 589 -14.83 -28.57 -8.78
CA VAL F 589 -13.48 -28.09 -8.43
C VAL F 589 -13.28 -28.23 -6.92
N TYR F 590 -12.08 -28.46 -6.42
CA TYR F 590 -11.74 -28.14 -5.02
C TYR F 590 -10.62 -27.11 -5.04
N THR F 591 -10.73 -26.05 -4.26
CA THR F 591 -9.71 -25.01 -4.16
C THR F 591 -9.65 -24.41 -2.76
N SER F 592 -8.73 -23.49 -2.50
CA SER F 592 -8.65 -22.75 -1.23
C SER F 592 -8.70 -21.24 -1.43
N GLY F 593 -9.07 -20.52 -0.39
CA GLY F 593 -9.13 -19.07 -0.36
C GLY F 593 -7.78 -18.36 -0.49
N LYS F 594 -6.65 -19.01 -0.16
CA LYS F 594 -5.30 -18.50 -0.50
C LYS F 594 -4.79 -18.92 -1.87
N GLY F 595 -5.14 -20.12 -2.34
CA GLY F 595 -4.74 -20.66 -3.63
C GLY F 595 -5.33 -19.94 -4.85
N SER F 596 -6.43 -19.23 -4.66
CA SER F 596 -7.22 -18.58 -5.71
C SER F 596 -6.90 -17.11 -5.92
N SER F 597 -7.10 -16.61 -7.12
CA SER F 597 -7.22 -15.19 -7.49
C SER F 597 -8.56 -14.94 -8.15
N ALA F 598 -9.08 -13.72 -8.08
CA ALA F 598 -10.36 -13.30 -8.69
C ALA F 598 -10.50 -13.75 -10.16
N VAL F 599 -9.46 -13.49 -10.94
CA VAL F 599 -9.30 -13.96 -12.31
C VAL F 599 -9.38 -15.47 -12.36
N GLY F 600 -8.48 -16.18 -11.67
CA GLY F 600 -8.41 -17.63 -11.78
C GLY F 600 -9.63 -18.35 -11.23
N LEU F 601 -10.43 -17.70 -10.40
CA LEU F 601 -11.70 -18.15 -9.86
C LEU F 601 -12.81 -18.04 -10.91
N THR F 602 -12.67 -17.16 -11.91
CA THR F 602 -13.73 -16.84 -12.90
C THR F 602 -13.32 -16.97 -14.36
N ALA F 603 -12.58 -16.03 -14.95
CA ALA F 603 -12.04 -16.16 -16.30
C ALA F 603 -10.84 -15.23 -16.59
N TYR F 604 -9.94 -15.65 -17.46
CA TYR F 604 -8.64 -15.05 -17.73
C TYR F 604 -8.50 -14.56 -19.18
N ILE F 605 -8.11 -13.31 -19.39
CA ILE F 605 -7.82 -12.75 -20.71
C ILE F 605 -6.45 -13.26 -21.22
N THR F 606 -6.49 -14.26 -22.10
CA THR F 606 -5.34 -14.94 -22.72
C THR F 606 -5.26 -14.64 -24.23
N ARG F 607 -4.47 -15.38 -25.02
CA ARG F 607 -4.14 -15.04 -26.42
C ARG F 607 -3.82 -16.25 -27.30
N LEU F 614 -6.29 -12.50 -29.07
CA LEU F 614 -6.89 -12.34 -27.75
C LEU F 614 -8.13 -13.25 -27.53
N VAL F 615 -8.13 -14.00 -26.44
CA VAL F 615 -9.04 -15.13 -26.14
C VAL F 615 -9.37 -15.15 -24.66
N LEU F 616 -10.45 -15.82 -24.26
CA LEU F 616 -10.85 -16.03 -22.88
C LEU F 616 -10.67 -17.50 -22.46
N GLU F 617 -10.07 -17.70 -21.30
CA GLU F 617 -9.97 -19.01 -20.67
C GLU F 617 -10.77 -19.04 -19.36
N SER F 618 -11.49 -20.13 -19.12
CA SER F 618 -12.31 -20.32 -17.93
C SER F 618 -11.46 -20.51 -16.67
N GLY F 619 -11.81 -19.77 -15.63
CA GLY F 619 -11.41 -20.00 -14.25
C GLY F 619 -12.35 -20.94 -13.50
N ALA F 620 -12.10 -21.11 -12.22
CA ALA F 620 -12.55 -22.26 -11.44
C ALA F 620 -14.07 -22.49 -11.43
N LEU F 621 -14.86 -21.44 -11.25
CA LEU F 621 -16.32 -21.51 -11.27
C LEU F 621 -16.86 -21.93 -12.64
N VAL F 622 -16.37 -21.36 -13.73
CA VAL F 622 -16.79 -21.71 -15.08
C VAL F 622 -16.38 -23.14 -15.46
N LEU F 623 -15.29 -23.64 -14.90
CA LEU F 623 -14.90 -25.05 -15.02
C LEU F 623 -15.80 -26.02 -14.24
N SER F 624 -16.77 -25.51 -13.48
CA SER F 624 -17.48 -26.16 -12.38
C SER F 624 -18.96 -25.77 -12.32
N ASP F 625 -19.61 -25.45 -13.43
CA ASP F 625 -21.07 -25.35 -13.51
C ASP F 625 -21.72 -26.73 -13.68
N GLY F 626 -22.95 -26.88 -13.19
CA GLY F 626 -23.64 -28.17 -13.19
C GLY F 626 -23.14 -29.16 -12.13
N GLY F 627 -22.45 -28.66 -11.10
CA GLY F 627 -21.89 -29.42 -10.00
C GLY F 627 -21.38 -28.52 -8.87
N VAL F 628 -20.88 -29.11 -7.81
CA VAL F 628 -20.43 -28.32 -6.66
C VAL F 628 -19.06 -27.70 -6.95
N CYS F 629 -18.91 -26.41 -6.68
CA CYS F 629 -17.61 -25.78 -6.56
C CYS F 629 -17.20 -25.72 -5.09
N CYS F 630 -16.17 -26.44 -4.64
CA CYS F 630 -15.71 -26.42 -3.25
C CYS F 630 -14.61 -25.39 -2.97
N ILE F 631 -14.92 -24.35 -2.21
CA ILE F 631 -13.95 -23.36 -1.72
C ILE F 631 -13.63 -23.67 -0.27
N ASP F 632 -12.40 -24.05 0.03
CA ASP F 632 -11.90 -24.20 1.40
C ASP F 632 -11.23 -22.92 1.91
N GLU F 633 -11.09 -22.75 3.21
CA GLU F 633 -10.36 -21.61 3.80
C GLU F 633 -10.89 -20.23 3.39
N PHE F 634 -12.19 -20.11 3.12
CA PHE F 634 -12.86 -18.94 2.55
C PHE F 634 -12.59 -17.66 3.35
N ASP F 635 -12.47 -17.80 4.65
CA ASP F 635 -12.09 -16.75 5.60
C ASP F 635 -10.72 -16.13 5.29
N LYS F 636 -9.78 -16.91 4.77
CA LYS F 636 -8.44 -16.46 4.41
C LYS F 636 -8.41 -15.79 3.04
N MET F 637 -9.51 -15.80 2.30
CA MET F 637 -9.62 -15.17 1.00
C MET F 637 -9.70 -13.63 1.10
N SER F 638 -9.08 -12.93 0.15
CA SER F 638 -9.05 -11.46 0.13
C SER F 638 -10.40 -10.86 -0.24
N ASP F 639 -10.76 -9.69 0.31
CA ASP F 639 -12.04 -9.07 0.02
C ASP F 639 -12.25 -8.76 -1.46
N SER F 640 -11.17 -8.58 -2.22
CA SER F 640 -11.26 -8.42 -3.68
C SER F 640 -11.72 -9.69 -4.37
N THR F 641 -11.27 -10.85 -3.91
CA THR F 641 -11.67 -12.15 -4.47
C THR F 641 -13.08 -12.53 -4.00
N ARG F 642 -13.42 -12.24 -2.75
CA ARG F 642 -14.79 -12.41 -2.24
C ARG F 642 -15.79 -11.48 -2.93
N SER F 643 -15.39 -10.28 -3.34
CA SER F 643 -16.23 -9.30 -4.03
C SER F 643 -16.60 -9.69 -5.46
N VAL F 644 -15.93 -10.67 -6.05
CA VAL F 644 -16.33 -11.25 -7.33
C VAL F 644 -17.47 -12.26 -7.21
N LEU F 645 -17.65 -12.89 -6.05
CA LEU F 645 -18.68 -13.89 -5.87
C LEU F 645 -20.10 -13.35 -5.88
N HIS F 646 -20.33 -12.04 -5.74
CA HIS F 646 -21.67 -11.53 -5.48
C HIS F 646 -22.63 -11.81 -6.63
N GLU F 647 -22.32 -11.40 -7.85
CA GLU F 647 -23.20 -11.70 -9.00
C GLU F 647 -23.25 -13.18 -9.34
N VAL F 648 -22.14 -13.91 -9.29
CA VAL F 648 -22.11 -15.31 -9.73
C VAL F 648 -22.83 -16.27 -8.78
N MET F 649 -23.05 -15.90 -7.51
CA MET F 649 -23.95 -16.58 -6.60
C MET F 649 -25.42 -16.21 -6.78
N GLU F 650 -25.70 -14.97 -7.22
CA GLU F 650 -27.05 -14.39 -7.28
C GLU F 650 -27.76 -14.52 -8.62
N GLN F 651 -27.04 -14.33 -9.71
CA GLN F 651 -27.51 -14.36 -11.08
C GLN F 651 -26.94 -15.52 -11.90
N GLN F 652 -26.27 -16.52 -11.29
CA GLN F 652 -25.72 -17.69 -11.96
C GLN F 652 -24.83 -17.39 -13.18
N THR F 653 -24.30 -16.18 -13.29
CA THR F 653 -23.57 -15.70 -14.46
C THR F 653 -22.45 -14.79 -14.08
N ILE F 654 -21.53 -14.59 -15.01
CA ILE F 654 -20.44 -13.64 -14.93
C ILE F 654 -20.59 -12.69 -16.11
N SER F 655 -20.30 -11.39 -15.91
CA SER F 655 -20.13 -10.38 -16.98
C SER F 655 -18.74 -9.72 -16.93
N ILE F 656 -18.05 -9.65 -18.06
CA ILE F 656 -16.69 -9.12 -18.21
C ILE F 656 -16.77 -7.91 -19.12
N ALA F 657 -16.04 -6.84 -18.80
CA ALA F 657 -15.78 -5.74 -19.72
C ALA F 657 -14.31 -5.28 -19.60
N LYS F 658 -13.43 -5.82 -20.45
CA LYS F 658 -11.97 -5.64 -20.41
C LYS F 658 -11.46 -5.29 -21.81
N ALA F 659 -10.14 -5.24 -22.02
CA ALA F 659 -9.58 -5.11 -23.36
C ALA F 659 -10.18 -6.15 -24.33
N GLY F 660 -10.74 -5.69 -25.45
CA GLY F 660 -11.39 -6.49 -26.49
C GLY F 660 -12.69 -7.15 -26.05
N ILE F 661 -12.61 -8.07 -25.11
CA ILE F 661 -13.70 -8.92 -24.63
C ILE F 661 -14.64 -8.14 -23.71
N ILE F 662 -15.90 -8.05 -24.14
CA ILE F 662 -17.04 -7.53 -23.36
C ILE F 662 -18.21 -8.49 -23.58
N THR F 663 -18.62 -9.25 -22.54
CA THR F 663 -19.35 -10.52 -22.67
C THR F 663 -20.00 -10.93 -21.35
N THR F 664 -20.92 -11.88 -21.40
CA THR F 664 -21.32 -12.71 -20.25
C THR F 664 -20.78 -14.13 -20.38
N LEU F 665 -20.93 -14.93 -19.33
CA LEU F 665 -20.80 -16.39 -19.33
C LEU F 665 -21.91 -17.01 -18.46
N ASN F 666 -22.48 -18.11 -18.93
CA ASN F 666 -23.22 -19.07 -18.12
C ASN F 666 -22.29 -19.58 -16.99
N ALA F 667 -22.74 -19.59 -15.74
CA ALA F 667 -21.92 -20.00 -14.60
C ALA F 667 -22.74 -20.65 -13.47
N ARG F 668 -23.60 -21.62 -13.81
CA ARG F 668 -24.58 -22.26 -12.90
C ARG F 668 -23.93 -23.19 -11.87
N SER F 669 -23.20 -22.64 -10.90
CA SER F 669 -22.47 -23.38 -9.86
C SER F 669 -23.06 -23.17 -8.48
N SER F 670 -23.36 -24.26 -7.78
CA SER F 670 -23.57 -24.24 -6.34
C SER F 670 -22.23 -24.19 -5.63
N ILE F 671 -21.99 -23.20 -4.79
CA ILE F 671 -20.76 -23.10 -4.01
C ILE F 671 -20.92 -23.88 -2.71
N LEU F 672 -19.92 -24.63 -2.32
CA LEU F 672 -19.74 -25.06 -0.95
C LEU F 672 -18.47 -24.41 -0.41
N ALA F 673 -18.63 -23.66 0.65
CA ALA F 673 -17.59 -22.86 1.24
C ALA F 673 -17.27 -23.40 2.62
N SER F 674 -15.99 -23.44 2.97
CA SER F 674 -15.48 -23.76 4.30
C SER F 674 -14.70 -22.58 4.83
N ALA F 675 -15.03 -22.16 6.02
CA ALA F 675 -14.56 -20.96 6.68
C ALA F 675 -14.30 -21.19 8.17
N ASN F 676 -13.62 -20.25 8.79
CA ASN F 676 -13.18 -20.31 10.17
C ASN F 676 -13.42 -18.91 10.81
N PRO F 677 -13.91 -18.78 12.04
CA PRO F 677 -14.36 -17.48 12.56
C PRO F 677 -13.21 -16.48 12.74
N ILE F 678 -13.51 -15.20 12.99
CA ILE F 678 -12.51 -14.12 12.96
C ILE F 678 -11.36 -14.36 13.94
N GLY F 679 -11.64 -14.51 15.24
CA GLY F 679 -10.73 -15.18 16.16
C GLY F 679 -10.77 -16.67 15.83
N SER F 680 -9.65 -17.34 15.68
CA SER F 680 -9.59 -18.62 14.95
C SER F 680 -10.43 -19.76 15.55
N ARG F 681 -10.68 -19.74 16.87
CA ARG F 681 -11.69 -20.59 17.51
C ARG F 681 -12.90 -19.73 17.86
N TYR F 682 -14.11 -20.28 17.74
CA TYR F 682 -15.33 -19.51 17.91
C TYR F 682 -15.37 -18.79 19.26
N ASN F 683 -15.78 -17.54 19.27
CA ASN F 683 -15.80 -16.71 20.46
C ASN F 683 -17.23 -16.52 20.98
N PRO F 684 -17.59 -17.06 22.16
CA PRO F 684 -18.94 -16.95 22.69
C PRO F 684 -19.25 -15.58 23.32
N ASN F 685 -18.26 -14.74 23.61
CA ASN F 685 -18.49 -13.38 24.09
C ASN F 685 -18.95 -12.44 22.97
N LEU F 686 -18.47 -12.63 21.74
CA LEU F 686 -18.95 -11.91 20.54
C LEU F 686 -20.26 -12.53 20.04
N PRO F 687 -21.16 -11.76 19.39
CA PRO F 687 -22.36 -12.30 18.75
C PRO F 687 -22.02 -13.06 17.48
N VAL F 688 -22.92 -13.94 17.02
CA VAL F 688 -22.65 -14.84 15.90
C VAL F 688 -22.25 -14.12 14.61
N THR F 689 -22.92 -13.04 14.24
CA THR F 689 -22.58 -12.26 13.05
C THR F 689 -21.16 -11.66 13.11
N GLU F 690 -20.65 -11.34 14.29
CA GLU F 690 -19.30 -10.80 14.49
C GLU F 690 -18.22 -11.89 14.56
N ASN F 691 -18.61 -13.14 14.78
CA ASN F 691 -17.72 -14.27 14.59
C ASN F 691 -17.50 -14.59 13.11
N ILE F 692 -18.58 -14.69 12.35
CA ILE F 692 -18.48 -15.09 10.95
C ILE F 692 -17.74 -14.00 10.13
N ASP F 693 -18.05 -12.73 10.37
CA ASP F 693 -17.36 -11.51 9.87
C ASP F 693 -17.24 -11.33 8.34
N LEU F 694 -18.02 -12.10 7.58
CA LEU F 694 -18.31 -11.82 6.17
C LEU F 694 -19.23 -10.61 6.05
N PRO F 695 -19.11 -9.79 4.99
CA PRO F 695 -19.98 -8.63 4.82
C PRO F 695 -21.42 -9.09 4.58
N PRO F 696 -22.46 -8.45 5.14
CA PRO F 696 -23.83 -8.92 5.04
C PRO F 696 -24.34 -9.18 3.62
N PRO F 697 -24.02 -8.38 2.59
CA PRO F 697 -24.37 -8.69 1.20
C PRO F 697 -23.83 -10.00 0.65
N LEU F 698 -22.79 -10.58 1.26
CA LEU F 698 -22.26 -11.89 0.94
C LEU F 698 -22.75 -12.96 1.89
N LEU F 699 -22.82 -12.69 3.19
CA LEU F 699 -23.36 -13.63 4.18
C LEU F 699 -24.82 -13.99 3.90
N SER F 700 -25.60 -13.00 3.48
CA SER F 700 -26.99 -13.12 3.04
C SER F 700 -27.16 -13.93 1.75
N ARG F 701 -26.08 -14.13 1.00
CA ARG F 701 -26.07 -14.79 -0.30
C ARG F 701 -26.18 -16.30 -0.19
N PHE F 702 -25.68 -16.88 0.89
CA PHE F 702 -25.71 -18.31 1.13
C PHE F 702 -27.12 -18.77 1.51
N ASP F 703 -27.46 -20.01 1.21
CA ASP F 703 -28.75 -20.59 1.55
C ASP F 703 -28.74 -21.25 2.92
N LEU F 704 -27.71 -22.03 3.24
CA LEU F 704 -27.46 -22.56 4.58
C LEU F 704 -26.17 -21.98 5.12
N VAL F 705 -26.20 -21.57 6.39
CA VAL F 705 -25.02 -21.19 7.16
C VAL F 705 -24.96 -22.06 8.41
N TYR F 706 -23.89 -22.81 8.55
CA TYR F 706 -23.65 -23.70 9.68
C TYR F 706 -22.71 -23.06 10.67
N LEU F 707 -22.97 -23.26 11.96
CA LEU F 707 -21.91 -23.24 12.96
C LEU F 707 -21.57 -24.67 13.28
N VAL F 708 -20.34 -25.09 13.00
CA VAL F 708 -19.81 -26.26 13.71
C VAL F 708 -18.98 -25.77 14.91
N LEU F 709 -19.19 -26.35 16.10
CA LEU F 709 -18.58 -25.93 17.36
C LEU F 709 -17.94 -27.15 18.04
N ASP F 710 -16.68 -27.04 18.43
CA ASP F 710 -15.98 -28.05 19.21
C ASP F 710 -16.31 -27.94 20.71
N LYS F 711 -17.57 -28.16 21.07
CA LYS F 711 -18.02 -28.22 22.46
C LYS F 711 -17.52 -29.52 23.10
N VAL F 712 -16.68 -29.39 24.13
CA VAL F 712 -16.22 -30.53 24.93
C VAL F 712 -17.38 -31.17 25.68
N ASP F 713 -17.51 -32.48 25.59
CA ASP F 713 -18.57 -33.26 26.25
C ASP F 713 -18.07 -34.69 26.37
N GLU F 714 -17.63 -35.11 27.54
CA GLU F 714 -16.92 -36.39 27.69
C GLU F 714 -17.78 -37.59 27.27
N LYS F 715 -19.11 -37.52 27.41
CA LYS F 715 -20.01 -38.58 26.95
C LYS F 715 -20.12 -38.69 25.43
N ASN F 716 -19.69 -37.67 24.70
CA ASN F 716 -19.59 -37.62 23.25
C ASN F 716 -18.18 -38.00 22.80
N ASP F 717 -17.15 -37.45 23.43
CA ASP F 717 -15.77 -37.67 23.03
C ASP F 717 -15.31 -39.10 23.35
N ARG F 718 -15.93 -39.77 24.33
CA ARG F 718 -15.85 -41.22 24.51
C ARG F 718 -16.27 -41.98 23.25
N GLU F 719 -17.17 -41.46 22.44
CA GLU F 719 -17.62 -42.11 21.21
C GLU F 719 -16.80 -41.68 20.01
N LEU F 720 -16.44 -40.40 19.91
CA LEU F 720 -15.67 -39.91 18.78
C LEU F 720 -14.29 -40.56 18.76
N ALA F 721 -13.55 -40.55 19.86
CA ALA F 721 -12.25 -41.19 19.87
C ALA F 721 -12.36 -42.70 19.69
N LYS F 722 -13.37 -43.34 20.29
CA LYS F 722 -13.63 -44.76 20.11
C LYS F 722 -14.08 -45.09 18.70
N HIS F 723 -14.49 -44.13 17.89
CA HIS F 723 -14.74 -44.25 16.46
C HIS F 723 -13.48 -43.99 15.65
N LEU F 724 -12.82 -42.86 15.88
CA LEU F 724 -11.72 -42.37 15.07
C LEU F 724 -10.49 -43.28 15.20
N THR F 725 -10.08 -43.63 16.42
CA THR F 725 -8.98 -44.60 16.55
C THR F 725 -9.33 -45.98 16.03
N ASN F 726 -10.62 -46.33 15.92
CA ASN F 726 -11.08 -47.63 15.44
C ASN F 726 -10.69 -47.91 13.99
N LEU F 727 -10.42 -46.87 13.20
CA LEU F 727 -9.91 -47.03 11.84
C LEU F 727 -8.55 -47.74 11.83
N TYR F 728 -7.71 -47.50 12.83
CA TYR F 728 -6.35 -48.00 12.87
C TYR F 728 -6.20 -49.48 13.27
N LEU F 729 -7.28 -50.22 13.50
CA LEU F 729 -7.23 -51.64 13.84
C LEU F 729 -6.89 -52.55 12.65
N GLU F 730 -6.93 -52.05 11.42
CA GLU F 730 -6.58 -52.78 10.20
C GLU F 730 -5.90 -51.80 9.25
N ASP F 731 -4.97 -52.24 8.39
CA ASP F 731 -4.19 -51.30 7.58
C ASP F 731 -5.03 -50.66 6.46
N LYS F 732 -5.70 -51.48 5.64
CA LYS F 732 -6.72 -51.07 4.67
C LYS F 732 -8.10 -51.47 5.23
N PRO F 733 -8.83 -50.58 5.90
CA PRO F 733 -9.97 -50.94 6.75
C PRO F 733 -11.24 -51.25 5.94
N ASP F 740 -26.27 -49.28 8.30
CA ASP F 740 -25.83 -49.63 6.94
C ASP F 740 -25.76 -48.39 6.04
N VAL F 741 -25.03 -48.48 4.91
CA VAL F 741 -24.86 -47.42 3.91
C VAL F 741 -25.01 -47.97 2.49
N LEU F 742 -25.24 -47.08 1.51
CA LEU F 742 -25.26 -47.42 0.09
C LEU F 742 -23.82 -47.53 -0.43
N PRO F 743 -23.55 -48.35 -1.45
CA PRO F 743 -22.32 -48.22 -2.21
C PRO F 743 -22.35 -46.91 -3.02
N VAL F 744 -21.24 -46.18 -3.06
CA VAL F 744 -21.12 -44.87 -3.73
C VAL F 744 -21.51 -44.94 -5.20
N GLU F 745 -21.13 -46.03 -5.87
CA GLU F 745 -21.51 -46.36 -7.24
C GLU F 745 -23.02 -46.27 -7.49
N PHE F 746 -23.83 -46.74 -6.53
CA PHE F 746 -25.28 -46.66 -6.56
C PHE F 746 -25.81 -45.33 -6.07
N LEU F 747 -25.19 -44.74 -5.05
CA LEU F 747 -25.63 -43.45 -4.51
C LEU F 747 -25.52 -42.35 -5.55
N THR F 748 -24.39 -42.26 -6.24
CA THR F 748 -24.20 -41.25 -7.28
C THR F 748 -25.21 -41.45 -8.42
N MET F 749 -25.58 -42.70 -8.70
CA MET F 749 -26.62 -43.05 -9.66
C MET F 749 -28.00 -42.58 -9.21
N TYR F 750 -28.41 -42.86 -7.97
CA TYR F 750 -29.69 -42.37 -7.44
C TYR F 750 -29.79 -40.85 -7.52
N ILE F 751 -28.73 -40.13 -7.14
CA ILE F 751 -28.69 -38.67 -7.26
C ILE F 751 -28.81 -38.26 -8.73
N SER F 752 -28.08 -38.87 -9.64
CA SER F 752 -28.12 -38.48 -11.06
C SER F 752 -29.42 -38.87 -11.77
N TYR F 753 -30.18 -39.84 -11.28
CA TYR F 753 -31.54 -40.09 -11.75
C TYR F 753 -32.47 -38.97 -11.30
N ALA F 754 -32.48 -38.69 -9.99
CA ALA F 754 -33.34 -37.70 -9.41
C ALA F 754 -33.07 -36.28 -9.91
N LYS F 755 -31.84 -35.98 -10.34
CA LYS F 755 -31.51 -34.68 -10.93
C LYS F 755 -32.12 -34.42 -12.30
N GLU F 756 -32.65 -35.41 -13.03
CA GLU F 756 -33.18 -35.19 -14.39
C GLU F 756 -34.54 -35.84 -14.65
N HIS F 757 -34.92 -36.89 -13.94
CA HIS F 757 -36.22 -37.55 -14.11
C HIS F 757 -37.29 -37.10 -13.12
N ILE F 758 -36.98 -36.18 -12.21
CA ILE F 758 -37.88 -35.63 -11.18
C ILE F 758 -37.82 -34.10 -11.18
N HIS F 759 -38.96 -33.41 -11.12
CA HIS F 759 -39.04 -31.95 -11.05
C HIS F 759 -40.23 -31.55 -10.18
N PRO F 760 -40.04 -31.30 -8.88
CA PRO F 760 -41.16 -31.09 -7.97
C PRO F 760 -41.80 -29.71 -8.15
N ILE F 761 -43.12 -29.65 -8.29
CA ILE F 761 -43.89 -28.41 -8.34
C ILE F 761 -44.51 -28.08 -6.99
N ILE F 762 -44.67 -26.80 -6.66
CA ILE F 762 -45.22 -26.37 -5.37
C ILE F 762 -46.73 -26.61 -5.31
N THR F 763 -47.20 -27.35 -4.29
CA THR F 763 -48.63 -27.54 -4.04
C THR F 763 -49.21 -26.29 -3.35
N GLU F 764 -50.46 -25.91 -3.56
CA GLU F 764 -51.06 -24.78 -2.83
C GLU F 764 -51.00 -24.95 -1.30
N ALA F 765 -51.13 -26.16 -0.78
CA ALA F 765 -50.96 -26.48 0.63
C ALA F 765 -49.55 -26.18 1.19
N ALA F 766 -48.53 -26.09 0.33
CA ALA F 766 -47.18 -25.72 0.73
C ALA F 766 -46.99 -24.20 0.77
N LYS F 767 -47.72 -23.43 -0.03
CA LYS F 767 -47.62 -21.98 -0.06
C LYS F 767 -48.06 -21.35 1.26
N THR F 768 -49.16 -21.79 1.84
CA THR F 768 -49.64 -21.23 3.11
C THR F 768 -48.53 -21.28 4.16
N GLU F 769 -47.84 -22.42 4.25
CA GLU F 769 -46.74 -22.61 5.17
C GLU F 769 -45.51 -21.78 4.81
N LEU F 770 -45.06 -21.76 3.55
CA LEU F 770 -43.91 -20.99 3.13
C LEU F 770 -44.06 -19.50 3.47
N VAL F 771 -45.26 -18.95 3.34
CA VAL F 771 -45.54 -17.54 3.67
C VAL F 771 -45.60 -17.34 5.18
N ARG F 772 -46.36 -18.19 5.87
CA ARG F 772 -46.53 -18.13 7.34
C ARG F 772 -45.20 -18.22 8.06
N ALA F 773 -44.34 -19.15 7.65
CA ALA F 773 -42.98 -19.28 8.16
C ALA F 773 -42.14 -18.04 7.89
N TYR F 774 -42.16 -17.49 6.69
CA TYR F 774 -41.38 -16.29 6.40
C TYR F 774 -41.82 -15.11 7.26
N VAL F 775 -43.12 -14.94 7.46
CA VAL F 775 -43.64 -13.85 8.30
C VAL F 775 -43.24 -14.06 9.75
N GLY F 776 -43.35 -15.29 10.25
CA GLY F 776 -42.92 -15.68 11.60
C GLY F 776 -41.42 -15.48 11.83
N MET F 777 -40.56 -15.65 10.82
CA MET F 777 -39.14 -15.33 10.91
C MET F 777 -38.86 -13.83 10.81
N ARG F 778 -39.41 -13.13 9.81
CA ARG F 778 -39.12 -11.72 9.51
C ARG F 778 -39.62 -10.76 10.58
N LYS F 779 -40.58 -11.16 11.42
CA LYS F 779 -41.01 -10.41 12.61
C LYS F 779 -39.85 -10.02 13.53
N MET F 780 -38.87 -10.92 13.69
CA MET F 780 -37.73 -10.76 14.57
C MET F 780 -36.67 -9.79 14.00
N THR F 792 -31.02 -10.43 10.40
CA THR F 792 -32.43 -10.37 10.04
C THR F 792 -32.78 -11.34 8.90
N ALA F 793 -33.99 -11.89 8.89
CA ALA F 793 -34.48 -12.82 7.87
C ALA F 793 -34.95 -12.12 6.58
N THR F 794 -34.01 -11.53 5.84
CA THR F 794 -34.30 -10.76 4.62
C THR F 794 -34.90 -11.61 3.49
N THR F 795 -35.23 -11.05 2.34
CA THR F 795 -36.06 -11.70 1.32
C THR F 795 -35.47 -12.98 0.75
N ARG F 796 -34.13 -13.11 0.74
CA ARG F 796 -33.45 -14.32 0.28
C ARG F 796 -33.73 -15.55 1.14
N GLN F 797 -34.12 -15.40 2.41
CA GLN F 797 -34.52 -16.55 3.22
C GLN F 797 -35.69 -17.28 2.57
N LEU F 798 -36.68 -16.55 2.04
CA LEU F 798 -37.81 -17.19 1.38
C LEU F 798 -37.38 -17.91 0.10
N GLU F 799 -36.52 -17.28 -0.68
CA GLU F 799 -36.03 -17.86 -1.92
C GLU F 799 -35.16 -19.12 -1.66
N SER F 800 -34.44 -19.17 -0.54
CA SER F 800 -33.74 -20.37 -0.11
C SER F 800 -34.67 -21.44 0.44
N MET F 801 -35.70 -21.10 1.18
CA MET F 801 -36.69 -22.07 1.66
C MET F 801 -37.37 -22.76 0.50
N ILE F 802 -37.70 -22.03 -0.56
CA ILE F 802 -38.28 -22.60 -1.76
C ILE F 802 -37.32 -23.62 -2.36
N ARG F 803 -36.07 -23.24 -2.61
CA ARG F 803 -35.09 -24.11 -3.28
C ARG F 803 -34.70 -25.33 -2.46
N LEU F 804 -34.61 -25.24 -1.14
CA LEU F 804 -34.46 -26.41 -0.28
C LEU F 804 -35.71 -27.27 -0.24
N ALA F 805 -36.90 -26.69 -0.13
CA ALA F 805 -38.11 -27.50 -0.07
C ALA F 805 -38.32 -28.28 -1.36
N GLU F 806 -37.92 -27.74 -2.50
CA GLU F 806 -37.86 -28.48 -3.75
C GLU F 806 -36.84 -29.62 -3.67
N ALA F 807 -35.64 -29.36 -3.17
CA ALA F 807 -34.60 -30.37 -3.11
C ALA F 807 -34.97 -31.57 -2.24
N HIS F 808 -35.69 -31.35 -1.15
CA HIS F 808 -36.16 -32.42 -0.27
C HIS F 808 -37.21 -33.31 -0.93
N ALA F 809 -38.16 -32.72 -1.65
CA ALA F 809 -39.13 -33.49 -2.41
C ALA F 809 -38.49 -34.26 -3.57
N LYS F 810 -37.52 -33.63 -4.23
CA LYS F 810 -36.74 -34.18 -5.33
C LYS F 810 -35.97 -35.40 -4.88
N MET F 811 -35.27 -35.30 -3.76
CA MET F 811 -34.51 -36.39 -3.12
C MET F 811 -35.41 -37.57 -2.80
N LYS F 812 -36.63 -37.31 -2.35
CA LYS F 812 -37.64 -38.33 -2.03
C LYS F 812 -38.46 -38.82 -3.23
N LEU F 813 -38.05 -38.46 -4.45
CA LEU F 813 -38.65 -38.79 -5.74
C LEU F 813 -40.12 -38.34 -5.96
N LYS F 814 -40.58 -37.31 -5.26
CA LYS F 814 -41.92 -36.74 -5.43
C LYS F 814 -41.92 -35.66 -6.51
N ASN F 815 -42.94 -35.63 -7.35
CA ASN F 815 -43.16 -34.52 -8.30
C ASN F 815 -43.98 -33.35 -7.70
N VAL F 816 -44.31 -33.39 -6.41
CA VAL F 816 -45.01 -32.29 -5.72
C VAL F 816 -44.34 -31.98 -4.39
N VAL F 817 -44.19 -30.69 -4.05
CA VAL F 817 -43.72 -30.23 -2.74
C VAL F 817 -44.91 -30.13 -1.78
N GLU F 818 -44.75 -30.56 -0.54
CA GLU F 818 -45.80 -30.59 0.49
C GLU F 818 -45.34 -30.00 1.83
N LEU F 819 -46.28 -29.80 2.75
CA LEU F 819 -46.05 -29.29 4.09
C LEU F 819 -44.91 -30.02 4.83
N GLU F 820 -44.87 -31.34 4.73
CA GLU F 820 -43.89 -32.19 5.39
C GLU F 820 -42.46 -31.86 4.96
N ASP F 821 -42.30 -31.31 3.76
CA ASP F 821 -41.03 -30.89 3.18
C ASP F 821 -40.67 -29.48 3.63
N VAL F 822 -41.63 -28.58 3.58
CA VAL F 822 -41.41 -27.20 4.00
C VAL F 822 -41.04 -27.14 5.48
N GLN F 823 -41.64 -27.98 6.33
CA GLN F 823 -41.25 -28.10 7.72
C GLN F 823 -39.77 -28.46 7.87
N GLU F 824 -39.24 -29.40 7.09
CA GLU F 824 -37.80 -29.73 7.16
C GLU F 824 -36.94 -28.62 6.58
N ALA F 825 -37.34 -27.95 5.51
CA ALA F 825 -36.57 -26.84 4.99
C ALA F 825 -36.46 -25.70 6.02
N VAL F 826 -37.52 -25.42 6.77
CA VAL F 826 -37.49 -24.51 7.92
C VAL F 826 -36.59 -25.05 9.02
N ARG F 827 -36.89 -26.24 9.57
CA ARG F 827 -36.19 -26.85 10.72
C ARG F 827 -34.69 -26.90 10.50
N LEU F 828 -34.25 -27.32 9.32
CA LEU F 828 -32.84 -27.41 8.99
C LEU F 828 -32.15 -26.05 9.02
N ILE F 829 -32.81 -24.99 8.55
CA ILE F 829 -32.30 -23.61 8.62
C ILE F 829 -32.19 -23.16 10.08
N ARG F 830 -33.20 -23.43 10.91
CA ARG F 830 -33.15 -23.09 12.34
C ARG F 830 -32.01 -23.84 13.04
N SER F 831 -31.80 -25.11 12.71
CA SER F 831 -30.76 -25.91 13.35
C SER F 831 -29.36 -25.52 12.89
N ALA F 832 -29.14 -25.26 11.60
CA ALA F 832 -27.81 -25.01 11.05
C ALA F 832 -27.07 -23.87 11.75
N ILE F 833 -27.72 -22.73 11.92
CA ILE F 833 -27.15 -21.56 12.61
C ILE F 833 -27.21 -21.70 14.14
N LYS F 834 -27.64 -22.84 14.68
CA LYS F 834 -27.97 -23.04 16.09
C LYS F 834 -28.95 -21.96 16.57
N ASP F 835 -29.96 -21.65 15.76
CA ASP F 835 -30.89 -20.55 16.04
C ASP F 835 -31.68 -20.78 17.32
N TYR F 836 -31.99 -22.04 17.63
CA TYR F 836 -32.61 -22.43 18.91
C TYR F 836 -31.72 -22.14 20.13
N ALA F 837 -30.42 -22.01 19.95
CA ALA F 837 -29.44 -21.71 21.01
C ALA F 837 -28.99 -20.24 21.00
N THR F 838 -29.15 -19.55 19.89
CA THR F 838 -28.91 -18.11 19.78
C THR F 838 -29.93 -17.40 20.63
N ASP F 839 -29.52 -16.43 21.45
CA ASP F 839 -30.47 -15.64 22.22
C ASP F 839 -31.36 -14.78 21.30
N PRO F 840 -32.64 -14.53 21.65
CA PRO F 840 -33.58 -13.83 20.77
C PRO F 840 -33.24 -12.34 20.60
N LYS F 841 -32.41 -11.80 21.50
CA LYS F 841 -31.76 -10.48 21.45
C LYS F 841 -30.28 -10.64 21.77
N THR F 842 -29.46 -9.64 21.46
CA THR F 842 -27.97 -9.62 21.52
C THR F 842 -27.24 -10.43 20.45
N GLY F 843 -27.82 -11.52 19.94
CA GLY F 843 -27.18 -12.37 18.93
C GLY F 843 -26.04 -13.25 19.44
N LYS F 844 -25.81 -13.29 20.75
CA LYS F 844 -24.90 -14.25 21.42
C LYS F 844 -25.55 -15.64 21.52
N ILE F 845 -24.77 -16.65 21.91
CA ILE F 845 -25.21 -18.06 21.98
C ILE F 845 -24.96 -18.63 23.38
N ASP F 846 -25.92 -19.41 23.90
CA ASP F 846 -25.73 -20.12 25.17
C ASP F 846 -25.20 -21.54 24.95
N MET F 847 -23.93 -21.74 25.30
CA MET F 847 -23.18 -22.99 25.11
C MET F 847 -23.75 -24.20 25.87
N ASN F 848 -24.61 -23.99 26.87
CA ASN F 848 -25.30 -25.07 27.58
C ASN F 848 -26.39 -25.72 26.71
N LEU F 849 -27.06 -24.91 25.89
CA LEU F 849 -28.17 -25.36 25.04
C LEU F 849 -27.72 -26.18 23.83
N VAL F 850 -26.51 -25.93 23.32
CA VAL F 850 -25.92 -26.60 22.16
C VAL F 850 -25.80 -28.12 22.40
N GLN F 851 -26.60 -28.91 21.68
CA GLN F 851 -26.74 -30.37 21.86
C GLN F 851 -27.12 -30.81 23.29
N THR F 852 -27.76 -29.93 24.07
CA THR F 852 -28.23 -30.06 25.46
C THR F 852 -27.10 -30.17 26.50
#